data_2QJX
# 
_entry.id   2QJX 
# 
_audit_conform.dict_name       mmcif_pdbx.dic 
_audit_conform.dict_version    5.399 
_audit_conform.dict_location   http://mmcif.pdb.org/dictionaries/ascii/mmcif_pdbx.dic 
# 
loop_
_database_2.database_id 
_database_2.database_code 
_database_2.pdbx_database_accession 
_database_2.pdbx_DOI 
PDB   2QJX         pdb_00002qjx 10.2210/pdb2qjx/pdb 
RCSB  RCSB043691   ?            ?                   
WWPDB D_1000043691 ?            ?                   
# 
loop_
_pdbx_audit_revision_history.ordinal 
_pdbx_audit_revision_history.data_content_type 
_pdbx_audit_revision_history.major_revision 
_pdbx_audit_revision_history.minor_revision 
_pdbx_audit_revision_history.revision_date 
1 'Structure model' 1 0 2007-10-02 
2 'Structure model' 1 1 2011-07-13 
3 'Structure model' 1 2 2017-10-18 
4 'Structure model' 1 3 2024-11-20 
# 
_pdbx_audit_revision_details.ordinal             1 
_pdbx_audit_revision_details.revision_ordinal    1 
_pdbx_audit_revision_details.data_content_type   'Structure model' 
_pdbx_audit_revision_details.provider            repository 
_pdbx_audit_revision_details.type                'Initial release' 
_pdbx_audit_revision_details.description         ? 
_pdbx_audit_revision_details.details             ? 
# 
loop_
_pdbx_audit_revision_group.ordinal 
_pdbx_audit_revision_group.revision_ordinal 
_pdbx_audit_revision_group.data_content_type 
_pdbx_audit_revision_group.group 
1 2 'Structure model' 'Version format compliance' 
2 3 'Structure model' 'Refinement description'    
3 4 'Structure model' 'Data collection'           
4 4 'Structure model' 'Database references'       
5 4 'Structure model' 'Derived calculations'      
6 4 'Structure model' 'Structure summary'         
# 
loop_
_pdbx_audit_revision_category.ordinal 
_pdbx_audit_revision_category.revision_ordinal 
_pdbx_audit_revision_category.data_content_type 
_pdbx_audit_revision_category.category 
1 3 'Structure model' software                  
2 4 'Structure model' chem_comp_atom            
3 4 'Structure model' chem_comp_bond            
4 4 'Structure model' database_2                
5 4 'Structure model' pdbx_entry_details        
6 4 'Structure model' pdbx_modification_feature 
7 4 'Structure model' struct_conn               
8 4 'Structure model' struct_ref_seq_dif        
# 
loop_
_pdbx_audit_revision_item.ordinal 
_pdbx_audit_revision_item.revision_ordinal 
_pdbx_audit_revision_item.data_content_type 
_pdbx_audit_revision_item.item 
1 4 'Structure model' '_database_2.pdbx_DOI'                
2 4 'Structure model' '_database_2.pdbx_database_accession' 
3 4 'Structure model' '_struct_conn.pdbx_leaving_atom_flag' 
4 4 'Structure model' '_struct_ref_seq_dif.details'         
# 
_pdbx_database_status.entry_id                        2QJX 
_pdbx_database_status.deposit_site                    RCSB 
_pdbx_database_status.process_site                    RCSB 
_pdbx_database_status.recvd_initial_deposition_date   2007-07-09 
_pdbx_database_status.status_code                     REL 
_pdbx_database_status.status_code_sf                  REL 
_pdbx_database_status.status_code_mr                  ? 
_pdbx_database_status.SG_entry                        ? 
_pdbx_database_status.pdb_format_compatible           Y 
_pdbx_database_status.status_code_cs                  ? 
_pdbx_database_status.methods_development_category    ? 
_pdbx_database_status.status_code_nmr_data            ? 
# 
loop_
_pdbx_database_related.db_name 
_pdbx_database_related.db_id 
_pdbx_database_related.details 
_pdbx_database_related.content_type 
PDB 2QJZ . unspecified 
PDB 2QK0 . unspecified 
PDB 2QK1 . unspecified 
PDB 2QK2 . unspecified 
# 
loop_
_audit_author.name 
_audit_author.pdbx_ordinal 
'Slep, K.C.' 1 
'Vale, R.D.' 2 
# 
_citation.id                        primary 
_citation.title                     'Structural Basis of Microtubule Plus End Tracking by XMAP215, CLIP-170, and EB1.' 
_citation.journal_abbrev            Mol.Cell 
_citation.journal_volume            27 
_citation.page_first                976 
_citation.page_last                 991 
_citation.year                      2007 
_citation.journal_id_ASTM           MOCEFL 
_citation.country                   US 
_citation.journal_id_ISSN           1097-2765 
_citation.journal_id_CSD            2168 
_citation.book_publisher            ? 
_citation.pdbx_database_id_PubMed   17889670 
_citation.pdbx_database_id_DOI      10.1016/j.molcel.2007.07.023 
# 
loop_
_citation_author.citation_id 
_citation_author.name 
_citation_author.ordinal 
_citation_author.identifier_ORCID 
primary 'Slep, K.C.' 1 ? 
primary 'Vale, R.D.' 2 ? 
# 
loop_
_entity.id 
_entity.type 
_entity.src_method 
_entity.pdbx_description 
_entity.formula_weight 
_entity.pdbx_number_of_molecules 
_entity.pdbx_ec 
_entity.pdbx_mutation 
_entity.pdbx_fragment 
_entity.details 
1 polymer man 'Protein BIM1' 15155.825 1   ? ? 'Calponin Homology Domain' ? 
2 water   nat water          18.015    101 ? ? ?                          ? 
# 
_entity_poly.entity_id                      1 
_entity_poly.type                           'polypeptide(L)' 
_entity_poly.nstd_linkage                   no 
_entity_poly.nstd_monomer                   yes 
_entity_poly.pdbx_seq_one_letter_code       
;GSH(MSE)SAGIGESRTELLTWLNGLLNLNYKKIEECGTGAAYCQI(MSE)DSIYGDLP(MSE)NRVKFNATAEYEFQTN
YKILQSCFSRHGIEKTVYVDKLIRCKFQDNLEFLQWLKKHWIRHKDESVYDPDARRKYR
;
_entity_poly.pdbx_seq_one_letter_code_can   
;GSHMSAGIGESRTELLTWLNGLLNLNYKKIEECGTGAAYCQIMDSIYGDLPMNRVKFNATAEYEFQTNYKILQSCFSRHG
IEKTVYVDKLIRCKFQDNLEFLQWLKKHWIRHKDESVYDPDARRKYR
;
_entity_poly.pdbx_strand_id                 A 
_entity_poly.pdbx_target_identifier         ? 
# 
_pdbx_entity_nonpoly.entity_id   2 
_pdbx_entity_nonpoly.name        water 
_pdbx_entity_nonpoly.comp_id     HOH 
# 
loop_
_entity_poly_seq.entity_id 
_entity_poly_seq.num 
_entity_poly_seq.mon_id 
_entity_poly_seq.hetero 
1 1   GLY n 
1 2   SER n 
1 3   HIS n 
1 4   MSE n 
1 5   SER n 
1 6   ALA n 
1 7   GLY n 
1 8   ILE n 
1 9   GLY n 
1 10  GLU n 
1 11  SER n 
1 12  ARG n 
1 13  THR n 
1 14  GLU n 
1 15  LEU n 
1 16  LEU n 
1 17  THR n 
1 18  TRP n 
1 19  LEU n 
1 20  ASN n 
1 21  GLY n 
1 22  LEU n 
1 23  LEU n 
1 24  ASN n 
1 25  LEU n 
1 26  ASN n 
1 27  TYR n 
1 28  LYS n 
1 29  LYS n 
1 30  ILE n 
1 31  GLU n 
1 32  GLU n 
1 33  CYS n 
1 34  GLY n 
1 35  THR n 
1 36  GLY n 
1 37  ALA n 
1 38  ALA n 
1 39  TYR n 
1 40  CYS n 
1 41  GLN n 
1 42  ILE n 
1 43  MSE n 
1 44  ASP n 
1 45  SER n 
1 46  ILE n 
1 47  TYR n 
1 48  GLY n 
1 49  ASP n 
1 50  LEU n 
1 51  PRO n 
1 52  MSE n 
1 53  ASN n 
1 54  ARG n 
1 55  VAL n 
1 56  LYS n 
1 57  PHE n 
1 58  ASN n 
1 59  ALA n 
1 60  THR n 
1 61  ALA n 
1 62  GLU n 
1 63  TYR n 
1 64  GLU n 
1 65  PHE n 
1 66  GLN n 
1 67  THR n 
1 68  ASN n 
1 69  TYR n 
1 70  LYS n 
1 71  ILE n 
1 72  LEU n 
1 73  GLN n 
1 74  SER n 
1 75  CYS n 
1 76  PHE n 
1 77  SER n 
1 78  ARG n 
1 79  HIS n 
1 80  GLY n 
1 81  ILE n 
1 82  GLU n 
1 83  LYS n 
1 84  THR n 
1 85  VAL n 
1 86  TYR n 
1 87  VAL n 
1 88  ASP n 
1 89  LYS n 
1 90  LEU n 
1 91  ILE n 
1 92  ARG n 
1 93  CYS n 
1 94  LYS n 
1 95  PHE n 
1 96  GLN n 
1 97  ASP n 
1 98  ASN n 
1 99  LEU n 
1 100 GLU n 
1 101 PHE n 
1 102 LEU n 
1 103 GLN n 
1 104 TRP n 
1 105 LEU n 
1 106 LYS n 
1 107 LYS n 
1 108 HIS n 
1 109 TRP n 
1 110 ILE n 
1 111 ARG n 
1 112 HIS n 
1 113 LYS n 
1 114 ASP n 
1 115 GLU n 
1 116 SER n 
1 117 VAL n 
1 118 TYR n 
1 119 ASP n 
1 120 PRO n 
1 121 ASP n 
1 122 ALA n 
1 123 ARG n 
1 124 ARG n 
1 125 LYS n 
1 126 TYR n 
1 127 ARG n 
# 
_entity_src_gen.entity_id                          1 
_entity_src_gen.pdbx_src_id                        1 
_entity_src_gen.pdbx_alt_source_flag               sample 
_entity_src_gen.pdbx_seq_type                      ? 
_entity_src_gen.pdbx_beg_seq_num                   ? 
_entity_src_gen.pdbx_end_seq_num                   ? 
_entity_src_gen.gene_src_common_name               
;baker's yeast
;
_entity_src_gen.gene_src_genus                     Saccharomyces 
_entity_src_gen.pdbx_gene_src_gene                 BIM1 
_entity_src_gen.gene_src_species                   ? 
_entity_src_gen.gene_src_strain                    ? 
_entity_src_gen.gene_src_tissue                    ? 
_entity_src_gen.gene_src_tissue_fraction           ? 
_entity_src_gen.gene_src_details                   ? 
_entity_src_gen.pdbx_gene_src_fragment             ? 
_entity_src_gen.pdbx_gene_src_scientific_name      'Saccharomyces cerevisiae' 
_entity_src_gen.pdbx_gene_src_ncbi_taxonomy_id     4932 
_entity_src_gen.pdbx_gene_src_variant              ? 
_entity_src_gen.pdbx_gene_src_cell_line            ? 
_entity_src_gen.pdbx_gene_src_atcc                 ? 
_entity_src_gen.pdbx_gene_src_organ                ? 
_entity_src_gen.pdbx_gene_src_organelle            ? 
_entity_src_gen.pdbx_gene_src_cell                 ? 
_entity_src_gen.pdbx_gene_src_cellular_location    ? 
_entity_src_gen.host_org_common_name               ? 
_entity_src_gen.pdbx_host_org_scientific_name      'Escherichia coli' 
_entity_src_gen.pdbx_host_org_ncbi_taxonomy_id     562 
_entity_src_gen.host_org_genus                     Escherichia 
_entity_src_gen.pdbx_host_org_gene                 ? 
_entity_src_gen.pdbx_host_org_organ                ? 
_entity_src_gen.host_org_species                   ? 
_entity_src_gen.pdbx_host_org_tissue               ? 
_entity_src_gen.pdbx_host_org_tissue_fraction      ? 
_entity_src_gen.pdbx_host_org_strain               'BL21 DE3 pLysS' 
_entity_src_gen.pdbx_host_org_variant              ? 
_entity_src_gen.pdbx_host_org_cell_line            ? 
_entity_src_gen.pdbx_host_org_atcc                 ? 
_entity_src_gen.pdbx_host_org_culture_collection   ? 
_entity_src_gen.pdbx_host_org_cell                 ? 
_entity_src_gen.pdbx_host_org_organelle            ? 
_entity_src_gen.pdbx_host_org_cellular_location    ? 
_entity_src_gen.pdbx_host_org_vector_type          plasmid 
_entity_src_gen.pdbx_host_org_vector               ? 
_entity_src_gen.host_org_details                   ? 
_entity_src_gen.expression_system_id               ? 
_entity_src_gen.plasmid_name                       pET28 
_entity_src_gen.plasmid_details                    ? 
_entity_src_gen.pdbx_description                   ? 
# 
loop_
_chem_comp.id 
_chem_comp.type 
_chem_comp.mon_nstd_flag 
_chem_comp.name 
_chem_comp.pdbx_synonyms 
_chem_comp.formula 
_chem_comp.formula_weight 
ALA 'L-peptide linking' y ALANINE          ? 'C3 H7 N O2'     89.093  
ARG 'L-peptide linking' y ARGININE         ? 'C6 H15 N4 O2 1' 175.209 
ASN 'L-peptide linking' y ASPARAGINE       ? 'C4 H8 N2 O3'    132.118 
ASP 'L-peptide linking' y 'ASPARTIC ACID'  ? 'C4 H7 N O4'     133.103 
CYS 'L-peptide linking' y CYSTEINE         ? 'C3 H7 N O2 S'   121.158 
GLN 'L-peptide linking' y GLUTAMINE        ? 'C5 H10 N2 O3'   146.144 
GLU 'L-peptide linking' y 'GLUTAMIC ACID'  ? 'C5 H9 N O4'     147.129 
GLY 'peptide linking'   y GLYCINE          ? 'C2 H5 N O2'     75.067  
HIS 'L-peptide linking' y HISTIDINE        ? 'C6 H10 N3 O2 1' 156.162 
HOH non-polymer         . WATER            ? 'H2 O'           18.015  
ILE 'L-peptide linking' y ISOLEUCINE       ? 'C6 H13 N O2'    131.173 
LEU 'L-peptide linking' y LEUCINE          ? 'C6 H13 N O2'    131.173 
LYS 'L-peptide linking' y LYSINE           ? 'C6 H15 N2 O2 1' 147.195 
MET 'L-peptide linking' y METHIONINE       ? 'C5 H11 N O2 S'  149.211 
MSE 'L-peptide linking' n SELENOMETHIONINE ? 'C5 H11 N O2 Se' 196.106 
PHE 'L-peptide linking' y PHENYLALANINE    ? 'C9 H11 N O2'    165.189 
PRO 'L-peptide linking' y PROLINE          ? 'C5 H9 N O2'     115.130 
SER 'L-peptide linking' y SERINE           ? 'C3 H7 N O3'     105.093 
THR 'L-peptide linking' y THREONINE        ? 'C4 H9 N O3'     119.119 
TRP 'L-peptide linking' y TRYPTOPHAN       ? 'C11 H12 N2 O2'  204.225 
TYR 'L-peptide linking' y TYROSINE         ? 'C9 H11 N O3'    181.189 
VAL 'L-peptide linking' y VALINE           ? 'C5 H11 N O2'    117.146 
# 
loop_
_pdbx_poly_seq_scheme.asym_id 
_pdbx_poly_seq_scheme.entity_id 
_pdbx_poly_seq_scheme.seq_id 
_pdbx_poly_seq_scheme.mon_id 
_pdbx_poly_seq_scheme.ndb_seq_num 
_pdbx_poly_seq_scheme.pdb_seq_num 
_pdbx_poly_seq_scheme.auth_seq_num 
_pdbx_poly_seq_scheme.pdb_mon_id 
_pdbx_poly_seq_scheme.auth_mon_id 
_pdbx_poly_seq_scheme.pdb_strand_id 
_pdbx_poly_seq_scheme.pdb_ins_code 
_pdbx_poly_seq_scheme.hetero 
A 1 1   GLY 1   -2  ?   ?   ?   A . n 
A 1 2   SER 2   -1  ?   ?   ?   A . n 
A 1 3   HIS 3   0   ?   ?   ?   A . n 
A 1 4   MSE 4   1   ?   ?   ?   A . n 
A 1 5   SER 5   2   ?   ?   ?   A . n 
A 1 6   ALA 6   3   ?   ?   ?   A . n 
A 1 7   GLY 7   4   ?   ?   ?   A . n 
A 1 8   ILE 8   5   ?   ?   ?   A . n 
A 1 9   GLY 9   6   ?   ?   ?   A . n 
A 1 10  GLU 10  7   ?   ?   ?   A . n 
A 1 11  SER 11  8   8   SER SER A . n 
A 1 12  ARG 12  9   9   ARG ARG A . n 
A 1 13  THR 13  10  10  THR THR A . n 
A 1 14  GLU 14  11  11  GLU GLU A . n 
A 1 15  LEU 15  12  12  LEU LEU A . n 
A 1 16  LEU 16  13  13  LEU LEU A . n 
A 1 17  THR 17  14  14  THR THR A . n 
A 1 18  TRP 18  15  15  TRP TRP A . n 
A 1 19  LEU 19  16  16  LEU LEU A . n 
A 1 20  ASN 20  17  17  ASN ASN A . n 
A 1 21  GLY 21  18  18  GLY GLY A . n 
A 1 22  LEU 22  19  19  LEU LEU A . n 
A 1 23  LEU 23  20  20  LEU LEU A . n 
A 1 24  ASN 24  21  21  ASN ASN A . n 
A 1 25  LEU 25  22  22  LEU LEU A . n 
A 1 26  ASN 26  23  23  ASN ASN A . n 
A 1 27  TYR 27  24  24  TYR TYR A . n 
A 1 28  LYS 28  25  25  LYS LYS A . n 
A 1 29  LYS 29  26  26  LYS LYS A . n 
A 1 30  ILE 30  27  27  ILE ILE A . n 
A 1 31  GLU 31  28  28  GLU GLU A . n 
A 1 32  GLU 32  29  29  GLU GLU A . n 
A 1 33  CYS 33  30  30  CYS CYS A . n 
A 1 34  GLY 34  31  31  GLY GLY A . n 
A 1 35  THR 35  32  32  THR THR A . n 
A 1 36  GLY 36  33  33  GLY GLY A . n 
A 1 37  ALA 37  34  34  ALA ALA A . n 
A 1 38  ALA 38  35  35  ALA ALA A . n 
A 1 39  TYR 39  36  36  TYR TYR A . n 
A 1 40  CYS 40  37  37  CYS CYS A . n 
A 1 41  GLN 41  38  38  GLN GLN A . n 
A 1 42  ILE 42  39  39  ILE ILE A . n 
A 1 43  MSE 43  40  40  MSE MSE A . n 
A 1 44  ASP 44  41  41  ASP ASP A . n 
A 1 45  SER 45  42  42  SER SER A . n 
A 1 46  ILE 46  43  43  ILE ILE A . n 
A 1 47  TYR 47  44  44  TYR TYR A . n 
A 1 48  GLY 48  45  45  GLY GLY A . n 
A 1 49  ASP 49  46  46  ASP ASP A . n 
A 1 50  LEU 50  47  47  LEU LEU A . n 
A 1 51  PRO 51  48  48  PRO PRO A . n 
A 1 52  MSE 52  49  49  MSE MSE A . n 
A 1 53  ASN 53  50  50  ASN ASN A . n 
A 1 54  ARG 54  51  51  ARG ARG A . n 
A 1 55  VAL 55  52  52  VAL VAL A . n 
A 1 56  LYS 56  53  53  LYS LYS A . n 
A 1 57  PHE 57  54  54  PHE PHE A . n 
A 1 58  ASN 58  55  55  ASN ASN A . n 
A 1 59  ALA 59  56  56  ALA ALA A . n 
A 1 60  THR 60  57  57  THR THR A . n 
A 1 61  ALA 61  58  58  ALA ALA A . n 
A 1 62  GLU 62  59  59  GLU GLU A . n 
A 1 63  TYR 63  60  60  TYR TYR A . n 
A 1 64  GLU 64  61  61  GLU GLU A . n 
A 1 65  PHE 65  62  62  PHE PHE A . n 
A 1 66  GLN 66  63  63  GLN GLN A . n 
A 1 67  THR 67  64  64  THR THR A . n 
A 1 68  ASN 68  65  65  ASN ASN A . n 
A 1 69  TYR 69  66  66  TYR TYR A . n 
A 1 70  LYS 70  67  67  LYS LYS A . n 
A 1 71  ILE 71  68  68  ILE ILE A . n 
A 1 72  LEU 72  69  69  LEU LEU A . n 
A 1 73  GLN 73  70  70  GLN GLN A . n 
A 1 74  SER 74  71  71  SER SER A . n 
A 1 75  CYS 75  72  72  CYS CYS A . n 
A 1 76  PHE 76  73  73  PHE PHE A . n 
A 1 77  SER 77  74  74  SER SER A . n 
A 1 78  ARG 78  75  75  ARG ARG A . n 
A 1 79  HIS 79  76  76  HIS HIS A . n 
A 1 80  GLY 80  77  77  GLY GLY A . n 
A 1 81  ILE 81  78  78  ILE ILE A . n 
A 1 82  GLU 82  79  79  GLU GLU A . n 
A 1 83  LYS 83  80  80  LYS LYS A . n 
A 1 84  THR 84  81  81  THR THR A . n 
A 1 85  VAL 85  82  82  VAL VAL A . n 
A 1 86  TYR 86  83  83  TYR TYR A . n 
A 1 87  VAL 87  84  84  VAL VAL A . n 
A 1 88  ASP 88  85  85  ASP ASP A . n 
A 1 89  LYS 89  86  86  LYS LYS A . n 
A 1 90  LEU 90  87  87  LEU LEU A . n 
A 1 91  ILE 91  88  88  ILE ILE A . n 
A 1 92  ARG 92  89  89  ARG ARG A . n 
A 1 93  CYS 93  90  90  CYS CYS A . n 
A 1 94  LYS 94  91  91  LYS LYS A . n 
A 1 95  PHE 95  92  92  PHE PHE A . n 
A 1 96  GLN 96  93  93  GLN GLN A . n 
A 1 97  ASP 97  94  94  ASP ASP A . n 
A 1 98  ASN 98  95  95  ASN ASN A . n 
A 1 99  LEU 99  96  96  LEU LEU A . n 
A 1 100 GLU 100 97  97  GLU GLU A . n 
A 1 101 PHE 101 98  98  PHE PHE A . n 
A 1 102 LEU 102 99  99  LEU LEU A . n 
A 1 103 GLN 103 100 100 GLN GLN A . n 
A 1 104 TRP 104 101 101 TRP TRP A . n 
A 1 105 LEU 105 102 102 LEU LEU A . n 
A 1 106 LYS 106 103 103 LYS LYS A . n 
A 1 107 LYS 107 104 104 LYS LYS A . n 
A 1 108 HIS 108 105 105 HIS HIS A . n 
A 1 109 TRP 109 106 106 TRP TRP A . n 
A 1 110 ILE 110 107 107 ILE ILE A . n 
A 1 111 ARG 111 108 108 ARG ARG A . n 
A 1 112 HIS 112 109 109 HIS HIS A . n 
A 1 113 LYS 113 110 110 LYS LYS A . n 
A 1 114 ASP 114 111 111 ASP ASP A . n 
A 1 115 GLU 115 112 112 GLU GLU A . n 
A 1 116 SER 116 113 113 SER SER A . n 
A 1 117 VAL 117 114 114 VAL VAL A . n 
A 1 118 TYR 118 115 115 TYR TYR A . n 
A 1 119 ASP 119 116 116 ASP ASP A . n 
A 1 120 PRO 120 117 117 PRO PRO A . n 
A 1 121 ASP 121 118 118 ASP ASP A . n 
A 1 122 ALA 122 119 119 ALA ALA A . n 
A 1 123 ARG 123 120 120 ARG ARG A . n 
A 1 124 ARG 124 121 121 ARG ARG A . n 
A 1 125 LYS 125 122 122 LYS LYS A . n 
A 1 126 TYR 126 123 123 TYR TYR A . n 
A 1 127 ARG 127 124 124 ARG ARG A . n 
# 
loop_
_pdbx_nonpoly_scheme.asym_id 
_pdbx_nonpoly_scheme.entity_id 
_pdbx_nonpoly_scheme.mon_id 
_pdbx_nonpoly_scheme.ndb_seq_num 
_pdbx_nonpoly_scheme.pdb_seq_num 
_pdbx_nonpoly_scheme.auth_seq_num 
_pdbx_nonpoly_scheme.pdb_mon_id 
_pdbx_nonpoly_scheme.auth_mon_id 
_pdbx_nonpoly_scheme.pdb_strand_id 
_pdbx_nonpoly_scheme.pdb_ins_code 
B 2 HOH 1   125 1   HOH HOH A . 
B 2 HOH 2   126 2   HOH HOH A . 
B 2 HOH 3   127 3   HOH HOH A . 
B 2 HOH 4   128 4   HOH HOH A . 
B 2 HOH 5   129 5   HOH HOH A . 
B 2 HOH 6   130 6   HOH HOH A . 
B 2 HOH 7   131 7   HOH HOH A . 
B 2 HOH 8   132 8   HOH HOH A . 
B 2 HOH 9   133 9   HOH HOH A . 
B 2 HOH 10  134 10  HOH HOH A . 
B 2 HOH 11  135 11  HOH HOH A . 
B 2 HOH 12  136 12  HOH HOH A . 
B 2 HOH 13  137 13  HOH HOH A . 
B 2 HOH 14  138 14  HOH HOH A . 
B 2 HOH 15  139 15  HOH HOH A . 
B 2 HOH 16  140 16  HOH HOH A . 
B 2 HOH 17  141 17  HOH HOH A . 
B 2 HOH 18  142 18  HOH HOH A . 
B 2 HOH 19  143 19  HOH HOH A . 
B 2 HOH 20  144 20  HOH HOH A . 
B 2 HOH 21  145 21  HOH HOH A . 
B 2 HOH 22  146 22  HOH HOH A . 
B 2 HOH 23  147 23  HOH HOH A . 
B 2 HOH 24  148 24  HOH HOH A . 
B 2 HOH 25  149 25  HOH HOH A . 
B 2 HOH 26  150 26  HOH HOH A . 
B 2 HOH 27  151 27  HOH HOH A . 
B 2 HOH 28  152 28  HOH HOH A . 
B 2 HOH 29  153 29  HOH HOH A . 
B 2 HOH 30  154 30  HOH HOH A . 
B 2 HOH 31  155 31  HOH HOH A . 
B 2 HOH 32  156 32  HOH HOH A . 
B 2 HOH 33  157 33  HOH HOH A . 
B 2 HOH 34  158 34  HOH HOH A . 
B 2 HOH 35  159 35  HOH HOH A . 
B 2 HOH 36  160 36  HOH HOH A . 
B 2 HOH 37  161 37  HOH HOH A . 
B 2 HOH 38  162 38  HOH HOH A . 
B 2 HOH 39  163 39  HOH HOH A . 
B 2 HOH 40  164 40  HOH HOH A . 
B 2 HOH 41  165 41  HOH HOH A . 
B 2 HOH 42  166 42  HOH HOH A . 
B 2 HOH 43  167 43  HOH HOH A . 
B 2 HOH 44  168 44  HOH HOH A . 
B 2 HOH 45  169 45  HOH HOH A . 
B 2 HOH 46  170 46  HOH HOH A . 
B 2 HOH 47  171 47  HOH HOH A . 
B 2 HOH 48  172 48  HOH HOH A . 
B 2 HOH 49  173 49  HOH HOH A . 
B 2 HOH 50  174 50  HOH HOH A . 
B 2 HOH 51  175 51  HOH HOH A . 
B 2 HOH 52  176 52  HOH HOH A . 
B 2 HOH 53  177 53  HOH HOH A . 
B 2 HOH 54  178 54  HOH HOH A . 
B 2 HOH 55  179 55  HOH HOH A . 
B 2 HOH 56  180 56  HOH HOH A . 
B 2 HOH 57  181 57  HOH HOH A . 
B 2 HOH 58  182 58  HOH HOH A . 
B 2 HOH 59  183 59  HOH HOH A . 
B 2 HOH 60  184 60  HOH HOH A . 
B 2 HOH 61  185 61  HOH HOH A . 
B 2 HOH 62  186 62  HOH HOH A . 
B 2 HOH 63  187 63  HOH HOH A . 
B 2 HOH 64  188 64  HOH HOH A . 
B 2 HOH 65  189 65  HOH HOH A . 
B 2 HOH 66  190 66  HOH HOH A . 
B 2 HOH 67  191 67  HOH HOH A . 
B 2 HOH 68  192 68  HOH HOH A . 
B 2 HOH 69  193 69  HOH HOH A . 
B 2 HOH 70  194 70  HOH HOH A . 
B 2 HOH 71  195 71  HOH HOH A . 
B 2 HOH 72  196 72  HOH HOH A . 
B 2 HOH 73  197 73  HOH HOH A . 
B 2 HOH 74  198 74  HOH HOH A . 
B 2 HOH 75  199 75  HOH HOH A . 
B 2 HOH 76  200 76  HOH HOH A . 
B 2 HOH 77  201 77  HOH HOH A . 
B 2 HOH 78  202 78  HOH HOH A . 
B 2 HOH 79  203 79  HOH HOH A . 
B 2 HOH 80  204 80  HOH HOH A . 
B 2 HOH 81  205 81  HOH HOH A . 
B 2 HOH 82  206 82  HOH HOH A . 
B 2 HOH 83  207 83  HOH HOH A . 
B 2 HOH 84  208 84  HOH HOH A . 
B 2 HOH 85  209 85  HOH HOH A . 
B 2 HOH 86  210 86  HOH HOH A . 
B 2 HOH 87  211 87  HOH HOH A . 
B 2 HOH 88  212 88  HOH HOH A . 
B 2 HOH 89  213 89  HOH HOH A . 
B 2 HOH 90  214 90  HOH HOH A . 
B 2 HOH 91  215 91  HOH HOH A . 
B 2 HOH 92  216 92  HOH HOH A . 
B 2 HOH 93  217 93  HOH HOH A . 
B 2 HOH 94  218 94  HOH HOH A . 
B 2 HOH 95  219 95  HOH HOH A . 
B 2 HOH 96  220 96  HOH HOH A . 
B 2 HOH 97  221 97  HOH HOH A . 
B 2 HOH 98  222 98  HOH HOH A . 
B 2 HOH 99  223 99  HOH HOH A . 
B 2 HOH 100 224 100 HOH HOH A . 
B 2 HOH 101 225 101 HOH HOH A . 
# 
loop_
_software.name 
_software.version 
_software.date 
_software.type 
_software.contact_author 
_software.contact_author_email 
_software.classification 
_software.location 
_software.language 
_software.citation_id 
_software.pdbx_ordinal 
DENZO       .     ?                package 'Zbyszek Otwinowski' zbyszek@mix.swmed.edu    'data reduction'  
http://www.lnls.br/infra/linhasluz/denzo-hkl.htm ?          ? 1 
SCALEPACK   .     ?                package 'Zbyszek Otwinowski' zbyszek@mix.swmed.edu    'data scaling'    
http://www.lnls.br/infra/linhasluz/denzo-hkl.htm ?          ? 2 
CNS         .     ?                package 'Axel T. Brunger'    axel.brunger@yale.edu    phasing           
http://cns.csb.yale.edu/v1.1/                    Fortran_77 ? 3 
CNS         .     ?                package 'Axel T. Brunger'    axel.brunger@yale.edu    refinement        
http://cns.csb.yale.edu/v1.1/                    Fortran_77 ? 4 
REFMAC      .     ?                program 'Murshudov, G.N.'    ccp4@dl.ac.uk            refinement        
http://www.ccp4.ac.uk/main.html                  Fortran_77 ? 5 
PDB_EXTRACT 2.000 'April. 3, 2006' package PDB                  sw-help@rcsb.rutgers.edu 'data extraction' 
http://pdb.rutgers.edu/software/                 C++        ? 6 
Blu-Ice     .     ?                ?       ?                    ?                        'data collection' ? ?          ? 7 
# 
_cell.length_a           35.849 
_cell.length_b           102.502 
_cell.length_c           31.334 
_cell.angle_alpha        90.000 
_cell.angle_beta         90.000 
_cell.angle_gamma        90.000 
_cell.entry_id           2QJX 
_cell.pdbx_unique_axis   ? 
_cell.Z_PDB              4 
_cell.length_a_esd       ? 
_cell.length_b_esd       ? 
_cell.length_c_esd       ? 
_cell.angle_alpha_esd    ? 
_cell.angle_beta_esd     ? 
_cell.angle_gamma_esd    ? 
# 
_symmetry.space_group_name_H-M             'P 21 21 2' 
_symmetry.entry_id                         2QJX 
_symmetry.Int_Tables_number                18 
_symmetry.pdbx_full_space_group_name_H-M   ? 
_symmetry.cell_setting                     ? 
_symmetry.space_group_name_Hall            ? 
# 
_exptl.crystals_number   1 
_exptl.entry_id          2QJX 
_exptl.method            'X-RAY DIFFRACTION' 
# 
_exptl_crystal.id                    1 
_exptl_crystal.density_Matthews      1.90 
_exptl_crystal.density_meas          ? 
_exptl_crystal.density_percent_sol   35.23 
_exptl_crystal.description           ? 
_exptl_crystal.F_000                 ? 
_exptl_crystal.preparation           ? 
# 
_exptl_crystal_grow.crystal_id      1 
_exptl_crystal_grow.method          'VAPOR DIFFUSION, HANGING DROP' 
_exptl_crystal_grow.pH              9.0 
_exptl_crystal_grow.temp            293 
_exptl_crystal_grow.temp_details    ? 
_exptl_crystal_grow.pdbx_details    
'100 mM Tris, 200 mM Lithium sulfate, 29% PEG 4000, Protein stock 15 mg/ml, pH 9.0, VAPOR DIFFUSION, HANGING DROP, temperature 293K' 
_exptl_crystal_grow.pdbx_pH_range   . 
# 
loop_
_diffrn.id 
_diffrn.ambient_temp 
_diffrn.ambient_temp_details 
_diffrn.crystal_id 
1 100 ? 1 
2 ?   ? 1 
3 ?   ? 1 
# 
_diffrn_detector.diffrn_id              1 
_diffrn_detector.detector               CCD 
_diffrn_detector.type                   'ADSC QUANTUM 210' 
_diffrn_detector.pdbx_collection_date   2005-02-28 
_diffrn_detector.details                ? 
# 
_diffrn_radiation.diffrn_id                        1 
_diffrn_radiation.wavelength_id                    1 
_diffrn_radiation.pdbx_diffrn_protocol             MAD 
_diffrn_radiation.monochromator                    ? 
_diffrn_radiation.pdbx_monochromatic_or_laue_m_l   M 
_diffrn_radiation.pdbx_scattering_type             x-ray 
# 
loop_
_diffrn_radiation_wavelength.id 
_diffrn_radiation_wavelength.wavelength 
_diffrn_radiation_wavelength.wt 
1 0.97962 1.0 
2 0.97979 1.0 
3 1.03320 1.0 
# 
_diffrn_source.diffrn_id                   1 
_diffrn_source.source                      SYNCHROTRON 
_diffrn_source.type                        'ALS BEAMLINE 8.3.1' 
_diffrn_source.pdbx_wavelength             ? 
_diffrn_source.pdbx_wavelength_list        '0.97962, 0.97979, 1.03320' 
_diffrn_source.pdbx_synchrotron_site       ALS 
_diffrn_source.pdbx_synchrotron_beamline   8.3.1 
# 
_reflns.entry_id                     2QJX 
_reflns.d_resolution_high            1.900 
_reflns.d_resolution_low             70.000 
_reflns.number_obs                   17245 
_reflns.pdbx_Rmerge_I_obs            0.034 
_reflns.pdbx_netI_over_sigmaI        35.400 
_reflns.pdbx_chi_squared             1.024 
_reflns.percent_possible_obs         98.200 
_reflns.observed_criterion_sigma_F   ? 
_reflns.observed_criterion_sigma_I   ? 
_reflns.number_all                   ? 
_reflns.pdbx_Rsym_value              3.4 
_reflns.B_iso_Wilson_estimate        ? 
_reflns.pdbx_redundancy              ? 
_reflns.R_free_details               ? 
_reflns.limit_h_max                  ? 
_reflns.limit_h_min                  ? 
_reflns.limit_k_max                  ? 
_reflns.limit_k_min                  ? 
_reflns.limit_l_max                  ? 
_reflns.limit_l_min                  ? 
_reflns.observed_criterion_F_max     ? 
_reflns.observed_criterion_F_min     ? 
_reflns.pdbx_scaling_rejects         ? 
_reflns.pdbx_diffrn_id               1 
_reflns.pdbx_ordinal                 1 
# 
_reflns_shell.d_res_high             1.90 
_reflns_shell.d_res_low              1.97 
_reflns_shell.number_measured_obs    ? 
_reflns_shell.number_measured_all    ? 
_reflns_shell.number_unique_obs      ? 
_reflns_shell.Rmerge_I_obs           0.068 
_reflns_shell.meanI_over_sigI_obs    12.4 
_reflns_shell.pdbx_Rsym_value        6.8 
_reflns_shell.pdbx_chi_squared       1.045 
_reflns_shell.pdbx_redundancy        ? 
_reflns_shell.percent_possible_obs   ? 
_reflns_shell.number_unique_all      1507 
_reflns_shell.percent_possible_all   85.90 
_reflns_shell.pdbx_diffrn_id         ? 
_reflns_shell.pdbx_ordinal           1 
# 
_refine.entry_id                                 2QJX 
_refine.ls_d_res_high                            1.900 
_refine.ls_d_res_low                             33.84 
_refine.pdbx_ls_sigma_F                          0.00 
_refine.ls_percent_reflns_obs                    97.000 
_refine.ls_number_reflns_obs                     17045 
_refine.ls_R_factor_R_work                       0.193 
_refine.ls_R_factor_R_free                       0.225 
_refine.ls_percent_reflns_R_free                 9.300 
_refine.ls_number_reflns_R_free                  1629 
_refine.B_iso_mean                               22.183 
_refine.solvent_model_param_bsol                 41.405 
_refine.aniso_B[1][1]                            -3.873 
_refine.aniso_B[2][2]                            1.559 
_refine.aniso_B[3][3]                            2.314 
_refine.aniso_B[1][2]                            0.000 
_refine.aniso_B[1][3]                            0.000 
_refine.aniso_B[2][3]                            0.000 
_refine.pdbx_method_to_determine_struct          MAD 
_refine.pdbx_ls_sigma_I                          ? 
_refine.ls_number_reflns_all                     17572 
_refine.ls_R_factor_all                          ? 
_refine.ls_R_factor_obs                          ? 
_refine.ls_redundancy_reflns_obs                 ? 
_refine.pdbx_data_cutoff_high_absF               ? 
_refine.pdbx_data_cutoff_low_absF                ? 
_refine.ls_number_parameters                     ? 
_refine.ls_number_restraints                     ? 
_refine.ls_R_factor_R_free_error                 ? 
_refine.ls_R_factor_R_free_error_details         ? 
_refine.pdbx_starting_model                      ? 
_refine.pdbx_ls_cross_valid_method               THROUGHOUT 
_refine.pdbx_R_Free_selection_details            'random 10%' 
_refine.pdbx_stereochem_target_val_spec_case     ? 
_refine.pdbx_stereochemistry_target_values       ? 
_refine.solvent_model_details                    ? 
_refine.solvent_model_param_ksol                 ? 
_refine.occupancy_max                            ? 
_refine.occupancy_min                            ? 
_refine.pdbx_isotropic_thermal_model             ? 
_refine.details                                  ? 
_refine.B_iso_min                                ? 
_refine.B_iso_max                                ? 
_refine.correlation_coeff_Fo_to_Fc               ? 
_refine.correlation_coeff_Fo_to_Fc_free          ? 
_refine.pdbx_solvent_vdw_probe_radii             ? 
_refine.pdbx_solvent_ion_probe_radii             ? 
_refine.pdbx_solvent_shrinkage_radii             ? 
_refine.overall_SU_R_Cruickshank_DPI             ? 
_refine.overall_SU_R_free                        ? 
_refine.overall_SU_ML                            ? 
_refine.overall_SU_B                             ? 
_refine.pdbx_overall_ESU_R_Free                  ? 
_refine.pdbx_data_cutoff_high_rms_absF           ? 
_refine.pdbx_overall_ESU_R                       ? 
_refine.ls_wR_factor_R_free                      ? 
_refine.ls_wR_factor_R_work                      ? 
_refine.overall_FOM_free_R_set                   ? 
_refine.overall_FOM_work_R_set                   ? 
_refine.pdbx_refine_id                           'X-RAY DIFFRACTION' 
_refine.pdbx_diffrn_id                           1 
_refine.pdbx_TLS_residual_ADP_flag               ? 
_refine.pdbx_overall_phase_error                 ? 
_refine.pdbx_overall_SU_R_free_Cruickshank_DPI   ? 
_refine.pdbx_overall_SU_R_Blow_DPI               ? 
_refine.pdbx_overall_SU_R_free_Blow_DPI          ? 
# 
_refine_hist.pdbx_refine_id                   'X-RAY DIFFRACTION' 
_refine_hist.cycle_id                         LAST 
_refine_hist.pdbx_number_atoms_protein        991 
_refine_hist.pdbx_number_atoms_nucleic_acid   0 
_refine_hist.pdbx_number_atoms_ligand         0 
_refine_hist.number_atoms_solvent             101 
_refine_hist.number_atoms_total               1092 
_refine_hist.d_res_high                       1.900 
_refine_hist.d_res_low                        33.84 
# 
loop_
_refine_ls_restr.type 
_refine_ls_restr.number 
_refine_ls_restr.dev_ideal 
_refine_ls_restr.dev_ideal_target 
_refine_ls_restr.weight 
_refine_ls_restr.pdbx_refine_id 
_refine_ls_restr.pdbx_restraint_function 
c_bond_d  ? 0.005 ? ? 'X-RAY DIFFRACTION' ? 
c_angle_d ? 1.155 ? ? 'X-RAY DIFFRACTION' ? 
# 
_refine_ls_shell.d_res_high                       1.90 
_refine_ls_shell.d_res_low                        1.97 
_refine_ls_shell.number_reflns_obs                ? 
_refine_ls_shell.number_reflns_R_free             ? 
_refine_ls_shell.R_factor_R_work                  0.192 
_refine_ls_shell.R_factor_R_free                  0.228 
_refine_ls_shell.R_factor_R_free_error            ? 
_refine_ls_shell.percent_reflns_obs               85 
_refine_ls_shell.percent_reflns_R_free            ? 
_refine_ls_shell.pdbx_total_number_of_bins_used   ? 
_refine_ls_shell.number_reflns_R_work             ? 
_refine_ls_shell.redundancy_reflns_obs            ? 
_refine_ls_shell.number_reflns_all                ? 
_refine_ls_shell.R_factor_all                     ? 
_refine_ls_shell.pdbx_refine_id                   'X-RAY DIFFRACTION' 
# 
loop_
_pdbx_xplor_file.serial_no 
_pdbx_xplor_file.param_file 
_pdbx_xplor_file.topol_file 
_pdbx_xplor_file.pdbx_refine_id 
1 protein_rep.param ? 'X-RAY DIFFRACTION' 
2 water_rep.param   ? 'X-RAY DIFFRACTION' 
# 
_struct.entry_id                  2QJX 
_struct.title                     'Structural Basis of Microtubule Plus End Tracking by XMAP215, CLIP-170 and EB1' 
_struct.pdbx_model_details        ? 
_struct.pdbx_CASP_flag            ? 
_struct.pdbx_model_type_details   ? 
# 
_struct_keywords.entry_id        2QJX 
_struct_keywords.pdbx_keywords   'PROTEIN BINDING' 
_struct_keywords.text            'Calponin Homology Domain, PROTEIN BINDING' 
# 
loop_
_struct_asym.id 
_struct_asym.pdbx_blank_PDB_chainid_flag 
_struct_asym.pdbx_modified 
_struct_asym.entity_id 
_struct_asym.details 
A N N 1 ? 
B N N 2 ? 
# 
_struct_ref.id                         1 
_struct_ref.db_name                    UNP 
_struct_ref.db_code                    BIM1_YEAST 
_struct_ref.pdbx_db_accession          P40013 
_struct_ref.entity_id                  1 
_struct_ref.pdbx_seq_one_letter_code   
;MSAGIGESRTELLTWLNGLLNLNYKKIEECGTGAAYCQIMDSIYGDLPMNRVKFNATAEYEFQTNYKILQSCFSRHGIEK
TVYVDKLIRCKFQDNLEFLQWLKKHWIRHKDESVYDPDARRKYR
;
_struct_ref.pdbx_align_begin           1 
_struct_ref.pdbx_db_isoform            ? 
# 
_struct_ref_seq.align_id                      1 
_struct_ref_seq.ref_id                        1 
_struct_ref_seq.pdbx_PDB_id_code              2QJX 
_struct_ref_seq.pdbx_strand_id                A 
_struct_ref_seq.seq_align_beg                 4 
_struct_ref_seq.pdbx_seq_align_beg_ins_code   ? 
_struct_ref_seq.seq_align_end                 127 
_struct_ref_seq.pdbx_seq_align_end_ins_code   ? 
_struct_ref_seq.pdbx_db_accession             P40013 
_struct_ref_seq.db_align_beg                  1 
_struct_ref_seq.pdbx_db_align_beg_ins_code    ? 
_struct_ref_seq.db_align_end                  124 
_struct_ref_seq.pdbx_db_align_end_ins_code    ? 
_struct_ref_seq.pdbx_auth_seq_align_beg       1 
_struct_ref_seq.pdbx_auth_seq_align_end       124 
# 
loop_
_struct_ref_seq_dif.align_id 
_struct_ref_seq_dif.pdbx_pdb_id_code 
_struct_ref_seq_dif.mon_id 
_struct_ref_seq_dif.pdbx_pdb_strand_id 
_struct_ref_seq_dif.seq_num 
_struct_ref_seq_dif.pdbx_pdb_ins_code 
_struct_ref_seq_dif.pdbx_seq_db_name 
_struct_ref_seq_dif.pdbx_seq_db_accession_code 
_struct_ref_seq_dif.db_mon_id 
_struct_ref_seq_dif.pdbx_seq_db_seq_num 
_struct_ref_seq_dif.details 
_struct_ref_seq_dif.pdbx_auth_seq_num 
_struct_ref_seq_dif.pdbx_ordinal 
1 2QJX GLY A 1  ? UNP P40013 ?   ?  'expression tag'   -2 1 
1 2QJX SER A 2  ? UNP P40013 ?   ?  'expression tag'   -1 2 
1 2QJX HIS A 3  ? UNP P40013 ?   ?  'expression tag'   0  3 
1 2QJX MSE A 4  ? UNP P40013 MET 1  'modified residue' 1  4 
1 2QJX MSE A 43 ? UNP P40013 MET 40 'modified residue' 40 5 
1 2QJX MSE A 52 ? UNP P40013 MET 49 'modified residue' 49 6 
# 
_pdbx_struct_assembly.id                   1 
_pdbx_struct_assembly.details              author_defined_assembly 
_pdbx_struct_assembly.method_details       ? 
_pdbx_struct_assembly.oligomeric_details   monomeric 
_pdbx_struct_assembly.oligomeric_count     1 
# 
_pdbx_struct_assembly_gen.assembly_id       1 
_pdbx_struct_assembly_gen.oper_expression   1 
_pdbx_struct_assembly_gen.asym_id_list      A,B 
# 
_pdbx_struct_oper_list.id                   1 
_pdbx_struct_oper_list.type                 'identity operation' 
_pdbx_struct_oper_list.name                 1_555 
_pdbx_struct_oper_list.symmetry_operation   x,y,z 
_pdbx_struct_oper_list.matrix[1][1]         1.0000000000 
_pdbx_struct_oper_list.matrix[1][2]         0.0000000000 
_pdbx_struct_oper_list.matrix[1][3]         0.0000000000 
_pdbx_struct_oper_list.vector[1]            0.0000000000 
_pdbx_struct_oper_list.matrix[2][1]         0.0000000000 
_pdbx_struct_oper_list.matrix[2][2]         1.0000000000 
_pdbx_struct_oper_list.matrix[2][3]         0.0000000000 
_pdbx_struct_oper_list.vector[2]            0.0000000000 
_pdbx_struct_oper_list.matrix[3][1]         0.0000000000 
_pdbx_struct_oper_list.matrix[3][2]         0.0000000000 
_pdbx_struct_oper_list.matrix[3][3]         1.0000000000 
_pdbx_struct_oper_list.vector[3]            0.0000000000 
# 
_struct_biol.id        1 
_struct_biol.details   
;The biological unit is a dimer formed by a conserved coiled-coil / four helix bundle dimerization domain C-terminal to the calponin homology domain.  The dimerization domain was not included in this crystallization construct.
;
# 
loop_
_struct_conf.conf_type_id 
_struct_conf.id 
_struct_conf.pdbx_PDB_helix_id 
_struct_conf.beg_label_comp_id 
_struct_conf.beg_label_asym_id 
_struct_conf.beg_label_seq_id 
_struct_conf.pdbx_beg_PDB_ins_code 
_struct_conf.end_label_comp_id 
_struct_conf.end_label_asym_id 
_struct_conf.end_label_seq_id 
_struct_conf.pdbx_end_PDB_ins_code 
_struct_conf.beg_auth_comp_id 
_struct_conf.beg_auth_asym_id 
_struct_conf.beg_auth_seq_id 
_struct_conf.end_auth_comp_id 
_struct_conf.end_auth_asym_id 
_struct_conf.end_auth_seq_id 
_struct_conf.pdbx_PDB_helix_class 
_struct_conf.details 
_struct_conf.pdbx_PDB_helix_length 
HELX_P HELX_P1 1 SER A 11  ? ASN A 24  ? SER A 8   ASN A 21  1 ? 14 
HELX_P HELX_P2 2 LYS A 29  ? THR A 35  ? LYS A 26  THR A 32  5 ? 7  
HELX_P HELX_P3 3 GLY A 36  ? GLY A 48  ? GLY A 33  GLY A 45  1 ? 13 
HELX_P HELX_P4 4 PRO A 51  ? VAL A 55  ? PRO A 48  VAL A 52  5 ? 5  
HELX_P HELX_P5 5 ALA A 61  ? HIS A 79  ? ALA A 58  HIS A 76  1 ? 19 
HELX_P HELX_P6 6 TYR A 86  ? ILE A 91  ? TYR A 83  ILE A 88  1 ? 6  
HELX_P HELX_P7 7 LYS A 94  ? LYS A 113 ? LYS A 91  LYS A 110 1 ? 20 
HELX_P HELX_P8 8 ASP A 119 ? ARG A 124 ? ASP A 116 ARG A 121 1 ? 6  
# 
_struct_conf_type.id          HELX_P 
_struct_conf_type.criteria    ? 
_struct_conf_type.reference   ? 
# 
loop_
_struct_conn.id 
_struct_conn.conn_type_id 
_struct_conn.pdbx_leaving_atom_flag 
_struct_conn.pdbx_PDB_id 
_struct_conn.ptnr1_label_asym_id 
_struct_conn.ptnr1_label_comp_id 
_struct_conn.ptnr1_label_seq_id 
_struct_conn.ptnr1_label_atom_id 
_struct_conn.pdbx_ptnr1_label_alt_id 
_struct_conn.pdbx_ptnr1_PDB_ins_code 
_struct_conn.pdbx_ptnr1_standard_comp_id 
_struct_conn.ptnr1_symmetry 
_struct_conn.ptnr2_label_asym_id 
_struct_conn.ptnr2_label_comp_id 
_struct_conn.ptnr2_label_seq_id 
_struct_conn.ptnr2_label_atom_id 
_struct_conn.pdbx_ptnr2_label_alt_id 
_struct_conn.pdbx_ptnr2_PDB_ins_code 
_struct_conn.ptnr1_auth_asym_id 
_struct_conn.ptnr1_auth_comp_id 
_struct_conn.ptnr1_auth_seq_id 
_struct_conn.ptnr2_auth_asym_id 
_struct_conn.ptnr2_auth_comp_id 
_struct_conn.ptnr2_auth_seq_id 
_struct_conn.ptnr2_symmetry 
_struct_conn.pdbx_ptnr3_label_atom_id 
_struct_conn.pdbx_ptnr3_label_seq_id 
_struct_conn.pdbx_ptnr3_label_comp_id 
_struct_conn.pdbx_ptnr3_label_asym_id 
_struct_conn.pdbx_ptnr3_label_alt_id 
_struct_conn.pdbx_ptnr3_PDB_ins_code 
_struct_conn.details 
_struct_conn.pdbx_dist_value 
_struct_conn.pdbx_value_order 
_struct_conn.pdbx_role 
covale1 covale both ? A ILE 42 C ? ? ? 1_555 A MSE 43 N ? ? A ILE 39 A MSE 40 1_555 ? ? ? ? ? ? ? 1.329 ? ? 
covale2 covale both ? A MSE 43 C ? ? ? 1_555 A ASP 44 N ? ? A MSE 40 A ASP 41 1_555 ? ? ? ? ? ? ? 1.330 ? ? 
covale3 covale both ? A PRO 51 C ? ? ? 1_555 A MSE 52 N ? ? A PRO 48 A MSE 49 1_555 ? ? ? ? ? ? ? 1.328 ? ? 
covale4 covale both ? A MSE 52 C ? ? ? 1_555 A ASN 53 N ? ? A MSE 49 A ASN 50 1_555 ? ? ? ? ? ? ? 1.333 ? ? 
# 
_struct_conn_type.id          covale 
_struct_conn_type.criteria    ? 
_struct_conn_type.reference   ? 
# 
loop_
_pdbx_modification_feature.ordinal 
_pdbx_modification_feature.label_comp_id 
_pdbx_modification_feature.label_asym_id 
_pdbx_modification_feature.label_seq_id 
_pdbx_modification_feature.label_alt_id 
_pdbx_modification_feature.modified_residue_label_comp_id 
_pdbx_modification_feature.modified_residue_label_asym_id 
_pdbx_modification_feature.modified_residue_label_seq_id 
_pdbx_modification_feature.modified_residue_label_alt_id 
_pdbx_modification_feature.auth_comp_id 
_pdbx_modification_feature.auth_asym_id 
_pdbx_modification_feature.auth_seq_id 
_pdbx_modification_feature.PDB_ins_code 
_pdbx_modification_feature.symmetry 
_pdbx_modification_feature.modified_residue_auth_comp_id 
_pdbx_modification_feature.modified_residue_auth_asym_id 
_pdbx_modification_feature.modified_residue_auth_seq_id 
_pdbx_modification_feature.modified_residue_PDB_ins_code 
_pdbx_modification_feature.modified_residue_symmetry 
_pdbx_modification_feature.comp_id_linking_atom 
_pdbx_modification_feature.modified_residue_id_linking_atom 
_pdbx_modification_feature.modified_residue_id 
_pdbx_modification_feature.ref_pcm_id 
_pdbx_modification_feature.ref_comp_id 
_pdbx_modification_feature.type 
_pdbx_modification_feature.category 
1 MSE A 43 ? . . . . MSE A 40 ? 1_555 . . . . . . . MET 1 MSE Selenomethionine 'Named protein modification' 
2 MSE A 52 ? . . . . MSE A 49 ? 1_555 . . . . . . . MET 1 MSE Selenomethionine 'Named protein modification' 
# 
_pdbx_entry_details.entry_id                   2QJX 
_pdbx_entry_details.compound_details           ? 
_pdbx_entry_details.source_details             ? 
_pdbx_entry_details.nonpolymer_details         ? 
_pdbx_entry_details.sequence_details           ? 
_pdbx_entry_details.has_ligand_of_interest     ? 
_pdbx_entry_details.has_protein_modification   Y 
# 
_pdbx_validate_torsion.id              1 
_pdbx_validate_torsion.PDB_model_num   1 
_pdbx_validate_torsion.auth_comp_id    ASN 
_pdbx_validate_torsion.auth_asym_id    A 
_pdbx_validate_torsion.auth_seq_id     55 
_pdbx_validate_torsion.PDB_ins_code    ? 
_pdbx_validate_torsion.label_alt_id    ? 
_pdbx_validate_torsion.phi             -110.80 
_pdbx_validate_torsion.psi             56.27 
# 
loop_
_pdbx_struct_mod_residue.id 
_pdbx_struct_mod_residue.label_asym_id 
_pdbx_struct_mod_residue.label_comp_id 
_pdbx_struct_mod_residue.label_seq_id 
_pdbx_struct_mod_residue.auth_asym_id 
_pdbx_struct_mod_residue.auth_comp_id 
_pdbx_struct_mod_residue.auth_seq_id 
_pdbx_struct_mod_residue.PDB_ins_code 
_pdbx_struct_mod_residue.parent_comp_id 
_pdbx_struct_mod_residue.details 
1 A MSE 43 A MSE 40 ? MET SELENOMETHIONINE 
2 A MSE 52 A MSE 49 ? MET SELENOMETHIONINE 
# 
loop_
_diffrn_reflns.diffrn_id 
_diffrn_reflns.pdbx_d_res_high 
_diffrn_reflns.pdbx_d_res_low 
_diffrn_reflns.pdbx_number_obs 
_diffrn_reflns.pdbx_Rmerge_I_obs 
_diffrn_reflns.pdbx_Rsym_value 
_diffrn_reflns.pdbx_chi_squared 
_diffrn_reflns.av_sigmaI_over_netI 
_diffrn_reflns.pdbx_redundancy 
_diffrn_reflns.pdbx_percent_possible_obs 
_diffrn_reflns.number 
_diffrn_reflns.pdbx_observed_criterion 
_diffrn_reflns.limit_h_max 
_diffrn_reflns.limit_h_min 
_diffrn_reflns.limit_k_max 
_diffrn_reflns.limit_k_min 
_diffrn_reflns.limit_l_max 
_diffrn_reflns.limit_l_min 
1 1.900 70.000 17132 0.041 ? 1.00 35.40 ? 98.60 79133 ? ? ? ? ? ? ? 
2 1.900 70.000 17367 0.039 ? 1.01 33.20 ? 99.70 80715 ? ? ? ? ? ? ? 
3 1.900 70.000 17245 0.034 ? 1.02 35.40 ? 98.20 75345 ? ? ? ? ? ? ? 
# 
loop_
_pdbx_diffrn_reflns_shell.diffrn_id 
_pdbx_diffrn_reflns_shell.d_res_high 
_pdbx_diffrn_reflns_shell.d_res_low 
_pdbx_diffrn_reflns_shell.number_obs 
_pdbx_diffrn_reflns_shell.rejects 
_pdbx_diffrn_reflns_shell.Rmerge_I_obs 
_pdbx_diffrn_reflns_shell.Rsym_value 
_pdbx_diffrn_reflns_shell.chi_squared 
_pdbx_diffrn_reflns_shell.redundancy 
_pdbx_diffrn_reflns_shell.percent_possible_obs 
1 4.09 70.00 ? ? 0.038 ? 1.002 ? 96.30  
1 3.25 4.09  ? ? 0.037 ? 1.023 ? 98.30  
1 2.84 3.25  ? ? 0.039 ? 1.018 ? 97.60  
1 2.58 2.84  ? ? 0.042 ? 1.008 ? 98.20  
1 2.39 2.58  ? ? 0.047 ? 0.983 ? 99.10  
1 2.25 2.39  ? ? 0.051 ? 0.966 ? 99.30  
1 2.14 2.25  ? ? 0.050 ? 0.986 ? 99.40  
1 2.05 2.14  ? ? 0.052 ? 1.020 ? 99.50  
1 1.97 2.05  ? ? 0.057 ? 1.027 ? 99.40  
1 1.90 1.97  ? ? 0.067 ? 1.012 ? 98.50  
2 4.09 70.00 ? ? 0.035 ? 1.009 ? 98.40  
2 3.25 4.09  ? ? 0.034 ? 0.980 ? 99.70  
2 2.84 3.25  ? ? 0.037 ? 0.994 ? 100.00 
2 2.58 2.84  ? ? 0.039 ? 1.048 ? 99.90  
2 2.39 2.58  ? ? 0.044 ? 1.031 ? 99.90  
2 2.25 2.39  ? ? 0.050 ? 0.953 ? 100.00 
2 2.14 2.25  ? ? 0.050 ? 0.961 ? 100.00 
2 2.05 2.14  ? ? 0.053 ? 1.033 ? 100.00 
2 1.97 2.05  ? ? 0.061 ? 1.032 ? 100.00 
2 1.90 1.97  ? ? 0.075 ? 1.044 ? 98.80  
3 4.09 70.00 ? ? 0.031 ? 1.030 ? 99.40  
3 3.25 4.09  ? ? 0.031 ? 1.026 ? 100.00 
3 2.84 3.25  ? ? 0.033 ? 1.014 ? 100.00 
3 2.58 2.84  ? ? 0.037 ? 1.026 ? 100.00 
3 2.39 2.58  ? ? 0.043 ? 1.000 ? 100.00 
3 2.25 2.39  ? ? 0.043 ? 1.016 ? 100.00 
3 2.14 2.25  ? ? 0.045 ? 1.026 ? 100.00 
3 2.05 2.14  ? ? 0.052 ? 1.046 ? 99.70  
3 1.97 2.05  ? ? 0.058 ? 1.049 ? 97.10  
3 1.90 1.97  ? ? 0.068 ? 1.045 ? 85.90  
# 
_pdbx_phasing_dm_shell.d_res_high          1.900 
_pdbx_phasing_dm_shell.d_res_low           500.010 
_pdbx_phasing_dm_shell.delta_phi_final     0.143 
_pdbx_phasing_dm_shell.delta_phi_initial   ? 
_pdbx_phasing_dm_shell.fom_acentric        ? 
_pdbx_phasing_dm_shell.fom_centric         ? 
_pdbx_phasing_dm_shell.fom                 0.147 
_pdbx_phasing_dm_shell.reflns_acentric     ? 
_pdbx_phasing_dm_shell.reflns_centric      ? 
_pdbx_phasing_dm_shell.reflns              17045 
# 
_phasing.method   MAD 
# 
loop_
_pdbx_unobs_or_zero_occ_residues.id 
_pdbx_unobs_or_zero_occ_residues.PDB_model_num 
_pdbx_unobs_or_zero_occ_residues.polymer_flag 
_pdbx_unobs_or_zero_occ_residues.occupancy_flag 
_pdbx_unobs_or_zero_occ_residues.auth_asym_id 
_pdbx_unobs_or_zero_occ_residues.auth_comp_id 
_pdbx_unobs_or_zero_occ_residues.auth_seq_id 
_pdbx_unobs_or_zero_occ_residues.PDB_ins_code 
_pdbx_unobs_or_zero_occ_residues.label_asym_id 
_pdbx_unobs_or_zero_occ_residues.label_comp_id 
_pdbx_unobs_or_zero_occ_residues.label_seq_id 
1  1 Y 1 A GLY -2 ? A GLY 1  
2  1 Y 1 A SER -1 ? A SER 2  
3  1 Y 1 A HIS 0  ? A HIS 3  
4  1 Y 1 A MSE 1  ? A MSE 4  
5  1 Y 1 A SER 2  ? A SER 5  
6  1 Y 1 A ALA 3  ? A ALA 6  
7  1 Y 1 A GLY 4  ? A GLY 7  
8  1 Y 1 A ILE 5  ? A ILE 8  
9  1 Y 1 A GLY 6  ? A GLY 9  
10 1 Y 1 A GLU 7  ? A GLU 10 
# 
loop_
_chem_comp_atom.comp_id 
_chem_comp_atom.atom_id 
_chem_comp_atom.type_symbol 
_chem_comp_atom.pdbx_aromatic_flag 
_chem_comp_atom.pdbx_stereo_config 
_chem_comp_atom.pdbx_ordinal 
ALA N    N  N N 1   
ALA CA   C  N S 2   
ALA C    C  N N 3   
ALA O    O  N N 4   
ALA CB   C  N N 5   
ALA OXT  O  N N 6   
ALA H    H  N N 7   
ALA H2   H  N N 8   
ALA HA   H  N N 9   
ALA HB1  H  N N 10  
ALA HB2  H  N N 11  
ALA HB3  H  N N 12  
ALA HXT  H  N N 13  
ARG N    N  N N 14  
ARG CA   C  N S 15  
ARG C    C  N N 16  
ARG O    O  N N 17  
ARG CB   C  N N 18  
ARG CG   C  N N 19  
ARG CD   C  N N 20  
ARG NE   N  N N 21  
ARG CZ   C  N N 22  
ARG NH1  N  N N 23  
ARG NH2  N  N N 24  
ARG OXT  O  N N 25  
ARG H    H  N N 26  
ARG H2   H  N N 27  
ARG HA   H  N N 28  
ARG HB2  H  N N 29  
ARG HB3  H  N N 30  
ARG HG2  H  N N 31  
ARG HG3  H  N N 32  
ARG HD2  H  N N 33  
ARG HD3  H  N N 34  
ARG HE   H  N N 35  
ARG HH11 H  N N 36  
ARG HH12 H  N N 37  
ARG HH21 H  N N 38  
ARG HH22 H  N N 39  
ARG HXT  H  N N 40  
ASN N    N  N N 41  
ASN CA   C  N S 42  
ASN C    C  N N 43  
ASN O    O  N N 44  
ASN CB   C  N N 45  
ASN CG   C  N N 46  
ASN OD1  O  N N 47  
ASN ND2  N  N N 48  
ASN OXT  O  N N 49  
ASN H    H  N N 50  
ASN H2   H  N N 51  
ASN HA   H  N N 52  
ASN HB2  H  N N 53  
ASN HB3  H  N N 54  
ASN HD21 H  N N 55  
ASN HD22 H  N N 56  
ASN HXT  H  N N 57  
ASP N    N  N N 58  
ASP CA   C  N S 59  
ASP C    C  N N 60  
ASP O    O  N N 61  
ASP CB   C  N N 62  
ASP CG   C  N N 63  
ASP OD1  O  N N 64  
ASP OD2  O  N N 65  
ASP OXT  O  N N 66  
ASP H    H  N N 67  
ASP H2   H  N N 68  
ASP HA   H  N N 69  
ASP HB2  H  N N 70  
ASP HB3  H  N N 71  
ASP HD2  H  N N 72  
ASP HXT  H  N N 73  
CYS N    N  N N 74  
CYS CA   C  N R 75  
CYS C    C  N N 76  
CYS O    O  N N 77  
CYS CB   C  N N 78  
CYS SG   S  N N 79  
CYS OXT  O  N N 80  
CYS H    H  N N 81  
CYS H2   H  N N 82  
CYS HA   H  N N 83  
CYS HB2  H  N N 84  
CYS HB3  H  N N 85  
CYS HG   H  N N 86  
CYS HXT  H  N N 87  
GLN N    N  N N 88  
GLN CA   C  N S 89  
GLN C    C  N N 90  
GLN O    O  N N 91  
GLN CB   C  N N 92  
GLN CG   C  N N 93  
GLN CD   C  N N 94  
GLN OE1  O  N N 95  
GLN NE2  N  N N 96  
GLN OXT  O  N N 97  
GLN H    H  N N 98  
GLN H2   H  N N 99  
GLN HA   H  N N 100 
GLN HB2  H  N N 101 
GLN HB3  H  N N 102 
GLN HG2  H  N N 103 
GLN HG3  H  N N 104 
GLN HE21 H  N N 105 
GLN HE22 H  N N 106 
GLN HXT  H  N N 107 
GLU N    N  N N 108 
GLU CA   C  N S 109 
GLU C    C  N N 110 
GLU O    O  N N 111 
GLU CB   C  N N 112 
GLU CG   C  N N 113 
GLU CD   C  N N 114 
GLU OE1  O  N N 115 
GLU OE2  O  N N 116 
GLU OXT  O  N N 117 
GLU H    H  N N 118 
GLU H2   H  N N 119 
GLU HA   H  N N 120 
GLU HB2  H  N N 121 
GLU HB3  H  N N 122 
GLU HG2  H  N N 123 
GLU HG3  H  N N 124 
GLU HE2  H  N N 125 
GLU HXT  H  N N 126 
GLY N    N  N N 127 
GLY CA   C  N N 128 
GLY C    C  N N 129 
GLY O    O  N N 130 
GLY OXT  O  N N 131 
GLY H    H  N N 132 
GLY H2   H  N N 133 
GLY HA2  H  N N 134 
GLY HA3  H  N N 135 
GLY HXT  H  N N 136 
HIS N    N  N N 137 
HIS CA   C  N S 138 
HIS C    C  N N 139 
HIS O    O  N N 140 
HIS CB   C  N N 141 
HIS CG   C  Y N 142 
HIS ND1  N  Y N 143 
HIS CD2  C  Y N 144 
HIS CE1  C  Y N 145 
HIS NE2  N  Y N 146 
HIS OXT  O  N N 147 
HIS H    H  N N 148 
HIS H2   H  N N 149 
HIS HA   H  N N 150 
HIS HB2  H  N N 151 
HIS HB3  H  N N 152 
HIS HD1  H  N N 153 
HIS HD2  H  N N 154 
HIS HE1  H  N N 155 
HIS HE2  H  N N 156 
HIS HXT  H  N N 157 
HOH O    O  N N 158 
HOH H1   H  N N 159 
HOH H2   H  N N 160 
ILE N    N  N N 161 
ILE CA   C  N S 162 
ILE C    C  N N 163 
ILE O    O  N N 164 
ILE CB   C  N S 165 
ILE CG1  C  N N 166 
ILE CG2  C  N N 167 
ILE CD1  C  N N 168 
ILE OXT  O  N N 169 
ILE H    H  N N 170 
ILE H2   H  N N 171 
ILE HA   H  N N 172 
ILE HB   H  N N 173 
ILE HG12 H  N N 174 
ILE HG13 H  N N 175 
ILE HG21 H  N N 176 
ILE HG22 H  N N 177 
ILE HG23 H  N N 178 
ILE HD11 H  N N 179 
ILE HD12 H  N N 180 
ILE HD13 H  N N 181 
ILE HXT  H  N N 182 
LEU N    N  N N 183 
LEU CA   C  N S 184 
LEU C    C  N N 185 
LEU O    O  N N 186 
LEU CB   C  N N 187 
LEU CG   C  N N 188 
LEU CD1  C  N N 189 
LEU CD2  C  N N 190 
LEU OXT  O  N N 191 
LEU H    H  N N 192 
LEU H2   H  N N 193 
LEU HA   H  N N 194 
LEU HB2  H  N N 195 
LEU HB3  H  N N 196 
LEU HG   H  N N 197 
LEU HD11 H  N N 198 
LEU HD12 H  N N 199 
LEU HD13 H  N N 200 
LEU HD21 H  N N 201 
LEU HD22 H  N N 202 
LEU HD23 H  N N 203 
LEU HXT  H  N N 204 
LYS N    N  N N 205 
LYS CA   C  N S 206 
LYS C    C  N N 207 
LYS O    O  N N 208 
LYS CB   C  N N 209 
LYS CG   C  N N 210 
LYS CD   C  N N 211 
LYS CE   C  N N 212 
LYS NZ   N  N N 213 
LYS OXT  O  N N 214 
LYS H    H  N N 215 
LYS H2   H  N N 216 
LYS HA   H  N N 217 
LYS HB2  H  N N 218 
LYS HB3  H  N N 219 
LYS HG2  H  N N 220 
LYS HG3  H  N N 221 
LYS HD2  H  N N 222 
LYS HD3  H  N N 223 
LYS HE2  H  N N 224 
LYS HE3  H  N N 225 
LYS HZ1  H  N N 226 
LYS HZ2  H  N N 227 
LYS HZ3  H  N N 228 
LYS HXT  H  N N 229 
MET N    N  N N 230 
MET CA   C  N S 231 
MET C    C  N N 232 
MET O    O  N N 233 
MET CB   C  N N 234 
MET CG   C  N N 235 
MET SD   S  N N 236 
MET CE   C  N N 237 
MET OXT  O  N N 238 
MET H    H  N N 239 
MET H2   H  N N 240 
MET HA   H  N N 241 
MET HB2  H  N N 242 
MET HB3  H  N N 243 
MET HG2  H  N N 244 
MET HG3  H  N N 245 
MET HE1  H  N N 246 
MET HE2  H  N N 247 
MET HE3  H  N N 248 
MET HXT  H  N N 249 
MSE N    N  N N 250 
MSE CA   C  N S 251 
MSE C    C  N N 252 
MSE O    O  N N 253 
MSE OXT  O  N N 254 
MSE CB   C  N N 255 
MSE CG   C  N N 256 
MSE SE   SE N N 257 
MSE CE   C  N N 258 
MSE H    H  N N 259 
MSE H2   H  N N 260 
MSE HA   H  N N 261 
MSE HXT  H  N N 262 
MSE HB2  H  N N 263 
MSE HB3  H  N N 264 
MSE HG2  H  N N 265 
MSE HG3  H  N N 266 
MSE HE1  H  N N 267 
MSE HE2  H  N N 268 
MSE HE3  H  N N 269 
PHE N    N  N N 270 
PHE CA   C  N S 271 
PHE C    C  N N 272 
PHE O    O  N N 273 
PHE CB   C  N N 274 
PHE CG   C  Y N 275 
PHE CD1  C  Y N 276 
PHE CD2  C  Y N 277 
PHE CE1  C  Y N 278 
PHE CE2  C  Y N 279 
PHE CZ   C  Y N 280 
PHE OXT  O  N N 281 
PHE H    H  N N 282 
PHE H2   H  N N 283 
PHE HA   H  N N 284 
PHE HB2  H  N N 285 
PHE HB3  H  N N 286 
PHE HD1  H  N N 287 
PHE HD2  H  N N 288 
PHE HE1  H  N N 289 
PHE HE2  H  N N 290 
PHE HZ   H  N N 291 
PHE HXT  H  N N 292 
PRO N    N  N N 293 
PRO CA   C  N S 294 
PRO C    C  N N 295 
PRO O    O  N N 296 
PRO CB   C  N N 297 
PRO CG   C  N N 298 
PRO CD   C  N N 299 
PRO OXT  O  N N 300 
PRO H    H  N N 301 
PRO HA   H  N N 302 
PRO HB2  H  N N 303 
PRO HB3  H  N N 304 
PRO HG2  H  N N 305 
PRO HG3  H  N N 306 
PRO HD2  H  N N 307 
PRO HD3  H  N N 308 
PRO HXT  H  N N 309 
SER N    N  N N 310 
SER CA   C  N S 311 
SER C    C  N N 312 
SER O    O  N N 313 
SER CB   C  N N 314 
SER OG   O  N N 315 
SER OXT  O  N N 316 
SER H    H  N N 317 
SER H2   H  N N 318 
SER HA   H  N N 319 
SER HB2  H  N N 320 
SER HB3  H  N N 321 
SER HG   H  N N 322 
SER HXT  H  N N 323 
THR N    N  N N 324 
THR CA   C  N S 325 
THR C    C  N N 326 
THR O    O  N N 327 
THR CB   C  N R 328 
THR OG1  O  N N 329 
THR CG2  C  N N 330 
THR OXT  O  N N 331 
THR H    H  N N 332 
THR H2   H  N N 333 
THR HA   H  N N 334 
THR HB   H  N N 335 
THR HG1  H  N N 336 
THR HG21 H  N N 337 
THR HG22 H  N N 338 
THR HG23 H  N N 339 
THR HXT  H  N N 340 
TRP N    N  N N 341 
TRP CA   C  N S 342 
TRP C    C  N N 343 
TRP O    O  N N 344 
TRP CB   C  N N 345 
TRP CG   C  Y N 346 
TRP CD1  C  Y N 347 
TRP CD2  C  Y N 348 
TRP NE1  N  Y N 349 
TRP CE2  C  Y N 350 
TRP CE3  C  Y N 351 
TRP CZ2  C  Y N 352 
TRP CZ3  C  Y N 353 
TRP CH2  C  Y N 354 
TRP OXT  O  N N 355 
TRP H    H  N N 356 
TRP H2   H  N N 357 
TRP HA   H  N N 358 
TRP HB2  H  N N 359 
TRP HB3  H  N N 360 
TRP HD1  H  N N 361 
TRP HE1  H  N N 362 
TRP HE3  H  N N 363 
TRP HZ2  H  N N 364 
TRP HZ3  H  N N 365 
TRP HH2  H  N N 366 
TRP HXT  H  N N 367 
TYR N    N  N N 368 
TYR CA   C  N S 369 
TYR C    C  N N 370 
TYR O    O  N N 371 
TYR CB   C  N N 372 
TYR CG   C  Y N 373 
TYR CD1  C  Y N 374 
TYR CD2  C  Y N 375 
TYR CE1  C  Y N 376 
TYR CE2  C  Y N 377 
TYR CZ   C  Y N 378 
TYR OH   O  N N 379 
TYR OXT  O  N N 380 
TYR H    H  N N 381 
TYR H2   H  N N 382 
TYR HA   H  N N 383 
TYR HB2  H  N N 384 
TYR HB3  H  N N 385 
TYR HD1  H  N N 386 
TYR HD2  H  N N 387 
TYR HE1  H  N N 388 
TYR HE2  H  N N 389 
TYR HH   H  N N 390 
TYR HXT  H  N N 391 
VAL N    N  N N 392 
VAL CA   C  N S 393 
VAL C    C  N N 394 
VAL O    O  N N 395 
VAL CB   C  N N 396 
VAL CG1  C  N N 397 
VAL CG2  C  N N 398 
VAL OXT  O  N N 399 
VAL H    H  N N 400 
VAL H2   H  N N 401 
VAL HA   H  N N 402 
VAL HB   H  N N 403 
VAL HG11 H  N N 404 
VAL HG12 H  N N 405 
VAL HG13 H  N N 406 
VAL HG21 H  N N 407 
VAL HG22 H  N N 408 
VAL HG23 H  N N 409 
VAL HXT  H  N N 410 
# 
loop_
_chem_comp_bond.comp_id 
_chem_comp_bond.atom_id_1 
_chem_comp_bond.atom_id_2 
_chem_comp_bond.value_order 
_chem_comp_bond.pdbx_aromatic_flag 
_chem_comp_bond.pdbx_stereo_config 
_chem_comp_bond.pdbx_ordinal 
ALA N   CA   sing N N 1   
ALA N   H    sing N N 2   
ALA N   H2   sing N N 3   
ALA CA  C    sing N N 4   
ALA CA  CB   sing N N 5   
ALA CA  HA   sing N N 6   
ALA C   O    doub N N 7   
ALA C   OXT  sing N N 8   
ALA CB  HB1  sing N N 9   
ALA CB  HB2  sing N N 10  
ALA CB  HB3  sing N N 11  
ALA OXT HXT  sing N N 12  
ARG N   CA   sing N N 13  
ARG N   H    sing N N 14  
ARG N   H2   sing N N 15  
ARG CA  C    sing N N 16  
ARG CA  CB   sing N N 17  
ARG CA  HA   sing N N 18  
ARG C   O    doub N N 19  
ARG C   OXT  sing N N 20  
ARG CB  CG   sing N N 21  
ARG CB  HB2  sing N N 22  
ARG CB  HB3  sing N N 23  
ARG CG  CD   sing N N 24  
ARG CG  HG2  sing N N 25  
ARG CG  HG3  sing N N 26  
ARG CD  NE   sing N N 27  
ARG CD  HD2  sing N N 28  
ARG CD  HD3  sing N N 29  
ARG NE  CZ   sing N N 30  
ARG NE  HE   sing N N 31  
ARG CZ  NH1  sing N N 32  
ARG CZ  NH2  doub N N 33  
ARG NH1 HH11 sing N N 34  
ARG NH1 HH12 sing N N 35  
ARG NH2 HH21 sing N N 36  
ARG NH2 HH22 sing N N 37  
ARG OXT HXT  sing N N 38  
ASN N   CA   sing N N 39  
ASN N   H    sing N N 40  
ASN N   H2   sing N N 41  
ASN CA  C    sing N N 42  
ASN CA  CB   sing N N 43  
ASN CA  HA   sing N N 44  
ASN C   O    doub N N 45  
ASN C   OXT  sing N N 46  
ASN CB  CG   sing N N 47  
ASN CB  HB2  sing N N 48  
ASN CB  HB3  sing N N 49  
ASN CG  OD1  doub N N 50  
ASN CG  ND2  sing N N 51  
ASN ND2 HD21 sing N N 52  
ASN ND2 HD22 sing N N 53  
ASN OXT HXT  sing N N 54  
ASP N   CA   sing N N 55  
ASP N   H    sing N N 56  
ASP N   H2   sing N N 57  
ASP CA  C    sing N N 58  
ASP CA  CB   sing N N 59  
ASP CA  HA   sing N N 60  
ASP C   O    doub N N 61  
ASP C   OXT  sing N N 62  
ASP CB  CG   sing N N 63  
ASP CB  HB2  sing N N 64  
ASP CB  HB3  sing N N 65  
ASP CG  OD1  doub N N 66  
ASP CG  OD2  sing N N 67  
ASP OD2 HD2  sing N N 68  
ASP OXT HXT  sing N N 69  
CYS N   CA   sing N N 70  
CYS N   H    sing N N 71  
CYS N   H2   sing N N 72  
CYS CA  C    sing N N 73  
CYS CA  CB   sing N N 74  
CYS CA  HA   sing N N 75  
CYS C   O    doub N N 76  
CYS C   OXT  sing N N 77  
CYS CB  SG   sing N N 78  
CYS CB  HB2  sing N N 79  
CYS CB  HB3  sing N N 80  
CYS SG  HG   sing N N 81  
CYS OXT HXT  sing N N 82  
GLN N   CA   sing N N 83  
GLN N   H    sing N N 84  
GLN N   H2   sing N N 85  
GLN CA  C    sing N N 86  
GLN CA  CB   sing N N 87  
GLN CA  HA   sing N N 88  
GLN C   O    doub N N 89  
GLN C   OXT  sing N N 90  
GLN CB  CG   sing N N 91  
GLN CB  HB2  sing N N 92  
GLN CB  HB3  sing N N 93  
GLN CG  CD   sing N N 94  
GLN CG  HG2  sing N N 95  
GLN CG  HG3  sing N N 96  
GLN CD  OE1  doub N N 97  
GLN CD  NE2  sing N N 98  
GLN NE2 HE21 sing N N 99  
GLN NE2 HE22 sing N N 100 
GLN OXT HXT  sing N N 101 
GLU N   CA   sing N N 102 
GLU N   H    sing N N 103 
GLU N   H2   sing N N 104 
GLU CA  C    sing N N 105 
GLU CA  CB   sing N N 106 
GLU CA  HA   sing N N 107 
GLU C   O    doub N N 108 
GLU C   OXT  sing N N 109 
GLU CB  CG   sing N N 110 
GLU CB  HB2  sing N N 111 
GLU CB  HB3  sing N N 112 
GLU CG  CD   sing N N 113 
GLU CG  HG2  sing N N 114 
GLU CG  HG3  sing N N 115 
GLU CD  OE1  doub N N 116 
GLU CD  OE2  sing N N 117 
GLU OE2 HE2  sing N N 118 
GLU OXT HXT  sing N N 119 
GLY N   CA   sing N N 120 
GLY N   H    sing N N 121 
GLY N   H2   sing N N 122 
GLY CA  C    sing N N 123 
GLY CA  HA2  sing N N 124 
GLY CA  HA3  sing N N 125 
GLY C   O    doub N N 126 
GLY C   OXT  sing N N 127 
GLY OXT HXT  sing N N 128 
HIS N   CA   sing N N 129 
HIS N   H    sing N N 130 
HIS N   H2   sing N N 131 
HIS CA  C    sing N N 132 
HIS CA  CB   sing N N 133 
HIS CA  HA   sing N N 134 
HIS C   O    doub N N 135 
HIS C   OXT  sing N N 136 
HIS CB  CG   sing N N 137 
HIS CB  HB2  sing N N 138 
HIS CB  HB3  sing N N 139 
HIS CG  ND1  sing Y N 140 
HIS CG  CD2  doub Y N 141 
HIS ND1 CE1  doub Y N 142 
HIS ND1 HD1  sing N N 143 
HIS CD2 NE2  sing Y N 144 
HIS CD2 HD2  sing N N 145 
HIS CE1 NE2  sing Y N 146 
HIS CE1 HE1  sing N N 147 
HIS NE2 HE2  sing N N 148 
HIS OXT HXT  sing N N 149 
HOH O   H1   sing N N 150 
HOH O   H2   sing N N 151 
ILE N   CA   sing N N 152 
ILE N   H    sing N N 153 
ILE N   H2   sing N N 154 
ILE CA  C    sing N N 155 
ILE CA  CB   sing N N 156 
ILE CA  HA   sing N N 157 
ILE C   O    doub N N 158 
ILE C   OXT  sing N N 159 
ILE CB  CG1  sing N N 160 
ILE CB  CG2  sing N N 161 
ILE CB  HB   sing N N 162 
ILE CG1 CD1  sing N N 163 
ILE CG1 HG12 sing N N 164 
ILE CG1 HG13 sing N N 165 
ILE CG2 HG21 sing N N 166 
ILE CG2 HG22 sing N N 167 
ILE CG2 HG23 sing N N 168 
ILE CD1 HD11 sing N N 169 
ILE CD1 HD12 sing N N 170 
ILE CD1 HD13 sing N N 171 
ILE OXT HXT  sing N N 172 
LEU N   CA   sing N N 173 
LEU N   H    sing N N 174 
LEU N   H2   sing N N 175 
LEU CA  C    sing N N 176 
LEU CA  CB   sing N N 177 
LEU CA  HA   sing N N 178 
LEU C   O    doub N N 179 
LEU C   OXT  sing N N 180 
LEU CB  CG   sing N N 181 
LEU CB  HB2  sing N N 182 
LEU CB  HB3  sing N N 183 
LEU CG  CD1  sing N N 184 
LEU CG  CD2  sing N N 185 
LEU CG  HG   sing N N 186 
LEU CD1 HD11 sing N N 187 
LEU CD1 HD12 sing N N 188 
LEU CD1 HD13 sing N N 189 
LEU CD2 HD21 sing N N 190 
LEU CD2 HD22 sing N N 191 
LEU CD2 HD23 sing N N 192 
LEU OXT HXT  sing N N 193 
LYS N   CA   sing N N 194 
LYS N   H    sing N N 195 
LYS N   H2   sing N N 196 
LYS CA  C    sing N N 197 
LYS CA  CB   sing N N 198 
LYS CA  HA   sing N N 199 
LYS C   O    doub N N 200 
LYS C   OXT  sing N N 201 
LYS CB  CG   sing N N 202 
LYS CB  HB2  sing N N 203 
LYS CB  HB3  sing N N 204 
LYS CG  CD   sing N N 205 
LYS CG  HG2  sing N N 206 
LYS CG  HG3  sing N N 207 
LYS CD  CE   sing N N 208 
LYS CD  HD2  sing N N 209 
LYS CD  HD3  sing N N 210 
LYS CE  NZ   sing N N 211 
LYS CE  HE2  sing N N 212 
LYS CE  HE3  sing N N 213 
LYS NZ  HZ1  sing N N 214 
LYS NZ  HZ2  sing N N 215 
LYS NZ  HZ3  sing N N 216 
LYS OXT HXT  sing N N 217 
MET N   CA   sing N N 218 
MET N   H    sing N N 219 
MET N   H2   sing N N 220 
MET CA  C    sing N N 221 
MET CA  CB   sing N N 222 
MET CA  HA   sing N N 223 
MET C   O    doub N N 224 
MET C   OXT  sing N N 225 
MET CB  CG   sing N N 226 
MET CB  HB2  sing N N 227 
MET CB  HB3  sing N N 228 
MET CG  SD   sing N N 229 
MET CG  HG2  sing N N 230 
MET CG  HG3  sing N N 231 
MET SD  CE   sing N N 232 
MET CE  HE1  sing N N 233 
MET CE  HE2  sing N N 234 
MET CE  HE3  sing N N 235 
MET OXT HXT  sing N N 236 
MSE N   CA   sing N N 237 
MSE N   H    sing N N 238 
MSE N   H2   sing N N 239 
MSE CA  C    sing N N 240 
MSE CA  CB   sing N N 241 
MSE CA  HA   sing N N 242 
MSE C   O    doub N N 243 
MSE C   OXT  sing N N 244 
MSE OXT HXT  sing N N 245 
MSE CB  CG   sing N N 246 
MSE CB  HB2  sing N N 247 
MSE CB  HB3  sing N N 248 
MSE CG  SE   sing N N 249 
MSE CG  HG2  sing N N 250 
MSE CG  HG3  sing N N 251 
MSE SE  CE   sing N N 252 
MSE CE  HE1  sing N N 253 
MSE CE  HE2  sing N N 254 
MSE CE  HE3  sing N N 255 
PHE N   CA   sing N N 256 
PHE N   H    sing N N 257 
PHE N   H2   sing N N 258 
PHE CA  C    sing N N 259 
PHE CA  CB   sing N N 260 
PHE CA  HA   sing N N 261 
PHE C   O    doub N N 262 
PHE C   OXT  sing N N 263 
PHE CB  CG   sing N N 264 
PHE CB  HB2  sing N N 265 
PHE CB  HB3  sing N N 266 
PHE CG  CD1  doub Y N 267 
PHE CG  CD2  sing Y N 268 
PHE CD1 CE1  sing Y N 269 
PHE CD1 HD1  sing N N 270 
PHE CD2 CE2  doub Y N 271 
PHE CD2 HD2  sing N N 272 
PHE CE1 CZ   doub Y N 273 
PHE CE1 HE1  sing N N 274 
PHE CE2 CZ   sing Y N 275 
PHE CE2 HE2  sing N N 276 
PHE CZ  HZ   sing N N 277 
PHE OXT HXT  sing N N 278 
PRO N   CA   sing N N 279 
PRO N   CD   sing N N 280 
PRO N   H    sing N N 281 
PRO CA  C    sing N N 282 
PRO CA  CB   sing N N 283 
PRO CA  HA   sing N N 284 
PRO C   O    doub N N 285 
PRO C   OXT  sing N N 286 
PRO CB  CG   sing N N 287 
PRO CB  HB2  sing N N 288 
PRO CB  HB3  sing N N 289 
PRO CG  CD   sing N N 290 
PRO CG  HG2  sing N N 291 
PRO CG  HG3  sing N N 292 
PRO CD  HD2  sing N N 293 
PRO CD  HD3  sing N N 294 
PRO OXT HXT  sing N N 295 
SER N   CA   sing N N 296 
SER N   H    sing N N 297 
SER N   H2   sing N N 298 
SER CA  C    sing N N 299 
SER CA  CB   sing N N 300 
SER CA  HA   sing N N 301 
SER C   O    doub N N 302 
SER C   OXT  sing N N 303 
SER CB  OG   sing N N 304 
SER CB  HB2  sing N N 305 
SER CB  HB3  sing N N 306 
SER OG  HG   sing N N 307 
SER OXT HXT  sing N N 308 
THR N   CA   sing N N 309 
THR N   H    sing N N 310 
THR N   H2   sing N N 311 
THR CA  C    sing N N 312 
THR CA  CB   sing N N 313 
THR CA  HA   sing N N 314 
THR C   O    doub N N 315 
THR C   OXT  sing N N 316 
THR CB  OG1  sing N N 317 
THR CB  CG2  sing N N 318 
THR CB  HB   sing N N 319 
THR OG1 HG1  sing N N 320 
THR CG2 HG21 sing N N 321 
THR CG2 HG22 sing N N 322 
THR CG2 HG23 sing N N 323 
THR OXT HXT  sing N N 324 
TRP N   CA   sing N N 325 
TRP N   H    sing N N 326 
TRP N   H2   sing N N 327 
TRP CA  C    sing N N 328 
TRP CA  CB   sing N N 329 
TRP CA  HA   sing N N 330 
TRP C   O    doub N N 331 
TRP C   OXT  sing N N 332 
TRP CB  CG   sing N N 333 
TRP CB  HB2  sing N N 334 
TRP CB  HB3  sing N N 335 
TRP CG  CD1  doub Y N 336 
TRP CG  CD2  sing Y N 337 
TRP CD1 NE1  sing Y N 338 
TRP CD1 HD1  sing N N 339 
TRP CD2 CE2  doub Y N 340 
TRP CD2 CE3  sing Y N 341 
TRP NE1 CE2  sing Y N 342 
TRP NE1 HE1  sing N N 343 
TRP CE2 CZ2  sing Y N 344 
TRP CE3 CZ3  doub Y N 345 
TRP CE3 HE3  sing N N 346 
TRP CZ2 CH2  doub Y N 347 
TRP CZ2 HZ2  sing N N 348 
TRP CZ3 CH2  sing Y N 349 
TRP CZ3 HZ3  sing N N 350 
TRP CH2 HH2  sing N N 351 
TRP OXT HXT  sing N N 352 
TYR N   CA   sing N N 353 
TYR N   H    sing N N 354 
TYR N   H2   sing N N 355 
TYR CA  C    sing N N 356 
TYR CA  CB   sing N N 357 
TYR CA  HA   sing N N 358 
TYR C   O    doub N N 359 
TYR C   OXT  sing N N 360 
TYR CB  CG   sing N N 361 
TYR CB  HB2  sing N N 362 
TYR CB  HB3  sing N N 363 
TYR CG  CD1  doub Y N 364 
TYR CG  CD2  sing Y N 365 
TYR CD1 CE1  sing Y N 366 
TYR CD1 HD1  sing N N 367 
TYR CD2 CE2  doub Y N 368 
TYR CD2 HD2  sing N N 369 
TYR CE1 CZ   doub Y N 370 
TYR CE1 HE1  sing N N 371 
TYR CE2 CZ   sing Y N 372 
TYR CE2 HE2  sing N N 373 
TYR CZ  OH   sing N N 374 
TYR OH  HH   sing N N 375 
TYR OXT HXT  sing N N 376 
VAL N   CA   sing N N 377 
VAL N   H    sing N N 378 
VAL N   H2   sing N N 379 
VAL CA  C    sing N N 380 
VAL CA  CB   sing N N 381 
VAL CA  HA   sing N N 382 
VAL C   O    doub N N 383 
VAL C   OXT  sing N N 384 
VAL CB  CG1  sing N N 385 
VAL CB  CG2  sing N N 386 
VAL CB  HB   sing N N 387 
VAL CG1 HG11 sing N N 388 
VAL CG1 HG12 sing N N 389 
VAL CG1 HG13 sing N N 390 
VAL CG2 HG21 sing N N 391 
VAL CG2 HG22 sing N N 392 
VAL CG2 HG23 sing N N 393 
VAL OXT HXT  sing N N 394 
# 
_atom_sites.entry_id                    2QJX 
_atom_sites.fract_transf_matrix[1][1]   0.00682804 
_atom_sites.fract_transf_matrix[1][2]   0.02058235 
_atom_sites.fract_transf_matrix[1][3]   0.01754639 
_atom_sites.fract_transf_matrix[2][1]   0.00881455 
_atom_sites.fract_transf_matrix[2][2]   -0.00399000 
_atom_sites.fract_transf_matrix[2][3]   0.00125026 
_atom_sites.fract_transf_matrix[3][1]   0.01122773 
_atom_sites.fract_transf_matrix[3][2]   0.01713612 
_atom_sites.fract_transf_matrix[3][3]   -0.02447028 
_atom_sites.fract_transf_vector[1]      0.048902 
_atom_sites.fract_transf_vector[2]      -0.148445 
_atom_sites.fract_transf_vector[3]      0.112069 
# 
loop_
_atom_type.symbol 
C  
N  
O  
S  
SE 
# 
loop_
_atom_site.group_PDB 
_atom_site.id 
_atom_site.type_symbol 
_atom_site.label_atom_id 
_atom_site.label_alt_id 
_atom_site.label_comp_id 
_atom_site.label_asym_id 
_atom_site.label_entity_id 
_atom_site.label_seq_id 
_atom_site.pdbx_PDB_ins_code 
_atom_site.Cartn_x 
_atom_site.Cartn_y 
_atom_site.Cartn_z 
_atom_site.occupancy 
_atom_site.B_iso_or_equiv 
_atom_site.pdbx_formal_charge 
_atom_site.auth_seq_id 
_atom_site.auth_comp_id 
_atom_site.auth_asym_id 
_atom_site.auth_atom_id 
_atom_site.pdbx_PDB_model_num 
ATOM   1    N  N   . SER A 1 11  ? 15.497  7.568   -0.287  1.00 42.97 ? 8   SER A N   1 
ATOM   2    C  CA  . SER A 1 11  ? 15.415  7.781   1.187   1.00 42.92 ? 8   SER A CA  1 
ATOM   3    C  C   . SER A 1 11  ? 13.963  7.868   1.638   1.00 42.59 ? 8   SER A C   1 
ATOM   4    O  O   . SER A 1 11  ? 13.054  7.966   0.815   1.00 42.83 ? 8   SER A O   1 
ATOM   5    C  CB  . SER A 1 11  ? 16.144  9.067   1.583   1.00 43.33 ? 8   SER A CB  1 
ATOM   6    O  OG  . SER A 1 11  ? 15.461  10.210  1.103   1.00 44.12 ? 8   SER A OG  1 
ATOM   7    N  N   . ARG A 1 12  ? 13.754  7.837   2.949   1.00 41.68 ? 9   ARG A N   1 
ATOM   8    C  CA  . ARG A 1 12  ? 12.412  7.911   3.512   1.00 41.21 ? 9   ARG A CA  1 
ATOM   9    C  C   . ARG A 1 12  ? 11.678  9.174   3.067   1.00 39.60 ? 9   ARG A C   1 
ATOM   10   O  O   . ARG A 1 12  ? 10.487  9.133   2.762   1.00 38.09 ? 9   ARG A O   1 
ATOM   11   C  CB  . ARG A 1 12  ? 12.481  7.869   5.042   1.00 43.35 ? 9   ARG A CB  1 
ATOM   12   C  CG  . ARG A 1 12  ? 13.375  8.939   5.656   1.00 45.20 ? 9   ARG A CG  1 
ATOM   13   C  CD  . ARG A 1 12  ? 14.504  8.305   6.443   1.00 48.38 ? 9   ARG A CD  1 
ATOM   14   N  NE  . ARG A 1 12  ? 15.274  7.381   5.615   1.00 51.47 ? 9   ARG A NE  1 
ATOM   15   C  CZ  . ARG A 1 12  ? 16.255  6.609   6.071   1.00 53.22 ? 9   ARG A CZ  1 
ATOM   16   N  NH1 . ARG A 1 12  ? 16.590  6.649   7.355   1.00 53.96 ? 9   ARG A NH1 1 
ATOM   17   N  NH2 . ARG A 1 12  ? 16.894  5.791   5.245   1.00 53.79 ? 9   ARG A NH2 1 
ATOM   18   N  N   . THR A 1 13  ? 12.398  10.291  3.026   1.00 37.51 ? 10  THR A N   1 
ATOM   19   C  CA  . THR A 1 13  ? 11.802  11.561  2.632   1.00 36.19 ? 10  THR A CA  1 
ATOM   20   C  C   . THR A 1 13  ? 11.387  11.570  1.167   1.00 35.04 ? 10  THR A C   1 
ATOM   21   O  O   . THR A 1 13  ? 10.328  12.096  0.819   1.00 32.28 ? 10  THR A O   1 
ATOM   22   C  CB  . THR A 1 13  ? 12.774  12.727  2.885   1.00 36.20 ? 10  THR A CB  1 
ATOM   23   O  OG1 . THR A 1 13  ? 13.178  12.718  4.260   1.00 35.40 ? 10  THR A OG1 1 
ATOM   24   C  CG2 . THR A 1 13  ? 12.101  14.054  2.571   1.00 36.38 ? 10  THR A CG2 1 
ATOM   25   N  N   . GLU A 1 14  ? 12.221  10.983  0.315   1.00 35.25 ? 11  GLU A N   1 
ATOM   26   C  CA  . GLU A 1 14  ? 11.940  10.917  -1.117  1.00 34.85 ? 11  GLU A CA  1 
ATOM   27   C  C   . GLU A 1 14  ? 10.751  9.993   -1.380  1.00 32.30 ? 11  GLU A C   1 
ATOM   28   O  O   . GLU A 1 14  ? 9.882   10.302  -2.199  1.00 31.66 ? 11  GLU A O   1 
ATOM   29   C  CB  . GLU A 1 14  ? 13.162  10.390  -1.874  1.00 37.56 ? 11  GLU A CB  1 
ATOM   30   C  CG  . GLU A 1 14  ? 14.475  11.039  -1.471  1.00 41.25 ? 11  GLU A CG  1 
ATOM   31   C  CD  . GLU A 1 14  ? 15.661  10.461  -2.222  1.00 43.79 ? 11  GLU A CD  1 
ATOM   32   O  OE1 . GLU A 1 14  ? 15.829  10.790  -3.415  1.00 45.37 ? 11  GLU A OE1 1 
ATOM   33   O  OE2 . GLU A 1 14  ? 16.420  9.671   -1.621  1.00 44.22 ? 11  GLU A OE2 1 
ATOM   34   N  N   . LEU A 1 15  ? 10.723  8.856   -0.691  1.00 29.64 ? 12  LEU A N   1 
ATOM   35   C  CA  . LEU A 1 15  ? 9.638   7.897   -0.857  1.00 28.34 ? 12  LEU A CA  1 
ATOM   36   C  C   . LEU A 1 15  ? 8.320   8.449   -0.343  1.00 26.13 ? 12  LEU A C   1 
ATOM   37   O  O   . LEU A 1 15  ? 7.299   8.355   -1.020  1.00 24.42 ? 12  LEU A O   1 
ATOM   38   C  CB  . LEU A 1 15  ? 9.938   6.591   -0.122  1.00 28.96 ? 12  LEU A CB  1 
ATOM   39   C  CG  . LEU A 1 15  ? 10.848  5.570   -0.801  1.00 30.70 ? 12  LEU A CG  1 
ATOM   40   C  CD1 . LEU A 1 15  ? 10.971  4.346   0.092   1.00 29.58 ? 12  LEU A CD1 1 
ATOM   41   C  CD2 . LEU A 1 15  ? 10.274  5.184   -2.159  1.00 29.12 ? 12  LEU A CD2 1 
ATOM   42   N  N   . LEU A 1 16  ? 8.339   9.012   0.861   1.00 23.85 ? 13  LEU A N   1 
ATOM   43   C  CA  . LEU A 1 16  ? 7.123   9.562   1.438   1.00 21.12 ? 13  LEU A CA  1 
ATOM   44   C  C   . LEU A 1 16  ? 6.526   10.641  0.552   1.00 19.79 ? 13  LEU A C   1 
ATOM   45   O  O   . LEU A 1 16  ? 5.318   10.677  0.341   1.00 19.05 ? 13  LEU A O   1 
ATOM   46   C  CB  . LEU A 1 16  ? 7.387   10.119  2.845   1.00 23.19 ? 13  LEU A CB  1 
ATOM   47   C  CG  . LEU A 1 16  ? 7.400   9.071   3.966   1.00 25.25 ? 13  LEU A CG  1 
ATOM   48   C  CD1 . LEU A 1 16  ? 7.648   9.745   5.308   1.00 27.44 ? 13  LEU A CD1 1 
ATOM   49   C  CD2 . LEU A 1 16  ? 6.066   8.331   3.989   1.00 24.69 ? 13  LEU A CD2 1 
ATOM   50   N  N   . THR A 1 17  ? 7.372   11.519  0.026   1.00 19.83 ? 14  THR A N   1 
ATOM   51   C  CA  . THR A 1 17  ? 6.892   12.580  -0.843  1.00 20.34 ? 14  THR A CA  1 
ATOM   52   C  C   . THR A 1 17  ? 6.230   11.966  -2.076  1.00 18.48 ? 14  THR A C   1 
ATOM   53   O  O   . THR A 1 17  ? 5.170   12.416  -2.509  1.00 17.17 ? 14  THR A O   1 
ATOM   54   C  CB  . THR A 1 17  ? 8.049   13.512  -1.260  1.00 22.99 ? 14  THR A CB  1 
ATOM   55   O  OG1 . THR A 1 17  ? 8.507   14.237  -0.106  1.00 24.08 ? 14  THR A OG1 1 
ATOM   56   C  CG2 . THR A 1 17  ? 7.592   14.501  -2.328  1.00 25.37 ? 14  THR A CG2 1 
ATOM   57   N  N   . TRP A 1 18  ? 6.852   10.927  -2.624  1.00 17.72 ? 15  TRP A N   1 
ATOM   58   C  CA  . TRP A 1 18  ? 6.309   10.240  -3.796  1.00 16.84 ? 15  TRP A CA  1 
ATOM   59   C  C   . TRP A 1 18  ? 4.954   9.633   -3.467  1.00 14.93 ? 15  TRP A C   1 
ATOM   60   O  O   . TRP A 1 18  ? 3.988   9.830   -4.194  1.00 15.08 ? 15  TRP A O   1 
ATOM   61   C  CB  . TRP A 1 18  ? 7.247   9.117   -4.247  1.00 17.69 ? 15  TRP A CB  1 
ATOM   62   C  CG  . TRP A 1 18  ? 6.632   8.196   -5.276  1.00 18.50 ? 15  TRP A CG  1 
ATOM   63   C  CD1 . TRP A 1 18  ? 6.430   8.460   -6.604  1.00 19.14 ? 15  TRP A CD1 1 
ATOM   64   C  CD2 . TRP A 1 18  ? 6.128   6.873   -5.050  1.00 17.14 ? 15  TRP A CD2 1 
ATOM   65   N  NE1 . TRP A 1 18  ? 5.835   7.382   -7.216  1.00 19.68 ? 15  TRP A NE1 1 
ATOM   66   C  CE2 . TRP A 1 18  ? 5.638   6.395   -6.287  1.00 20.36 ? 15  TRP A CE2 1 
ATOM   67   C  CE3 . TRP A 1 18  ? 6.042   6.044   -3.922  1.00 18.21 ? 15  TRP A CE3 1 
ATOM   68   C  CZ2 . TRP A 1 18  ? 5.072   5.120   -6.428  1.00 20.41 ? 15  TRP A CZ2 1 
ATOM   69   C  CZ3 . TRP A 1 18  ? 5.478   4.778   -4.063  1.00 20.73 ? 15  TRP A CZ3 1 
ATOM   70   C  CH2 . TRP A 1 18  ? 5.001   4.331   -5.311  1.00 20.25 ? 15  TRP A CH2 1 
ATOM   71   N  N   . LEU A 1 19  ? 4.894   8.889   -2.364  1.00 14.42 ? 16  LEU A N   1 
ATOM   72   C  CA  . LEU A 1 19  ? 3.659   8.236   -1.939  1.00 13.91 ? 16  LEU A CA  1 
ATOM   73   C  C   . LEU A 1 19  ? 2.531   9.220   -1.653  1.00 14.60 ? 16  LEU A C   1 
ATOM   74   O  O   . LEU A 1 19  ? 1.384   9.002   -2.055  1.00 13.20 ? 16  LEU A O   1 
ATOM   75   C  CB  . LEU A 1 19  ? 3.919   7.394   -0.685  1.00 15.07 ? 16  LEU A CB  1 
ATOM   76   C  CG  . LEU A 1 19  ? 2.729   6.604   -0.138  1.00 15.24 ? 16  LEU A CG  1 
ATOM   77   C  CD1 . LEU A 1 19  ? 2.336   5.531   -1.135  1.00 17.22 ? 16  LEU A CD1 1 
ATOM   78   C  CD2 . LEU A 1 19  ? 3.104   5.980   1.203   1.00 18.16 ? 16  LEU A CD2 1 
ATOM   79   N  N   . ASN A 1 20  ? 2.848   10.298  -0.943  1.00 13.99 ? 17  ASN A N   1 
ATOM   80   C  CA  . ASN A 1 20  ? 1.836   11.288  -0.606  1.00 14.37 ? 17  ASN A CA  1 
ATOM   81   C  C   . ASN A 1 20  ? 1.230   11.930  -1.843  1.00 14.27 ? 17  ASN A C   1 
ATOM   82   O  O   . ASN A 1 20  ? 0.031   12.190  -1.879  1.00 14.65 ? 17  ASN A O   1 
ATOM   83   C  CB  . ASN A 1 20  ? 2.413   12.374  0.312   1.00 14.83 ? 17  ASN A CB  1 
ATOM   84   C  CG  . ASN A 1 20  ? 2.577   11.901  1.747   1.00 14.52 ? 17  ASN A CG  1 
ATOM   85   O  OD1 . ASN A 1 20  ? 1.868   11.000  2.205   1.00 11.94 ? 17  ASN A OD1 1 
ATOM   86   N  ND2 . ASN A 1 20  ? 3.502   12.523  2.473   1.00 15.91 ? 17  ASN A ND2 1 
ATOM   87   N  N   . GLY A 1 21  ? 2.055   12.184  -2.852  1.00 14.60 ? 18  GLY A N   1 
ATOM   88   C  CA  . GLY A 1 21  ? 1.548   12.788  -4.071  1.00 14.48 ? 18  GLY A CA  1 
ATOM   89   C  C   . GLY A 1 21  ? 0.743   11.783  -4.878  1.00 14.90 ? 18  GLY A C   1 
ATOM   90   O  O   . GLY A 1 21  ? -0.309  12.110  -5.429  1.00 14.41 ? 18  GLY A O   1 
ATOM   91   N  N   . LEU A 1 22  ? 1.235   10.550  -4.928  1.00 14.75 ? 19  LEU A N   1 
ATOM   92   C  CA  . LEU A 1 22  ? 0.582   9.481   -5.673  1.00 14.65 ? 19  LEU A CA  1 
ATOM   93   C  C   . LEU A 1 22  ? -0.822  9.174   -5.171  1.00 14.36 ? 19  LEU A C   1 
ATOM   94   O  O   . LEU A 1 22  ? -1.757  9.062   -5.960  1.00 15.31 ? 19  LEU A O   1 
ATOM   95   C  CB  . LEU A 1 22  ? 1.419   8.201   -5.597  1.00 15.15 ? 19  LEU A CB  1 
ATOM   96   C  CG  . LEU A 1 22  ? 0.848   6.973   -6.314  1.00 18.40 ? 19  LEU A CG  1 
ATOM   97   C  CD1 . LEU A 1 22  ? 0.918   7.173   -7.820  1.00 19.79 ? 19  LEU A CD1 1 
ATOM   98   C  CD2 . LEU A 1 22  ? 1.631   5.735   -5.916  1.00 18.32 ? 19  LEU A CD2 1 
ATOM   99   N  N   . LEU A 1 23  ? -0.970  9.032   -3.856  1.00 14.19 ? 20  LEU A N   1 
ATOM   100  C  CA  . LEU A 1 23  ? -2.268  8.687   -3.284  1.00 14.07 ? 20  LEU A CA  1 
ATOM   101  C  C   . LEU A 1 23  ? -2.976  9.809   -2.534  1.00 13.71 ? 20  LEU A C   1 
ATOM   102  O  O   . LEU A 1 23  ? -3.999  9.577   -1.888  1.00 11.59 ? 20  LEU A O   1 
ATOM   103  C  CB  . LEU A 1 23  ? -2.105  7.481   -2.353  1.00 13.14 ? 20  LEU A CB  1 
ATOM   104  C  CG  . LEU A 1 23  ? -1.566  6.211   -3.015  1.00 14.38 ? 20  LEU A CG  1 
ATOM   105  C  CD1 . LEU A 1 23  ? -1.479  5.093   -1.999  1.00 15.06 ? 20  LEU A CD1 1 
ATOM   106  C  CD2 . LEU A 1 23  ? -2.474  5.815   -4.172  1.00 13.39 ? 20  LEU A CD2 1 
ATOM   107  N  N   . ASN A 1 24  ? -2.452  11.024  -2.638  1.00 14.48 ? 21  ASN A N   1 
ATOM   108  C  CA  . ASN A 1 24  ? -3.035  12.154  -1.922  1.00 15.32 ? 21  ASN A CA  1 
ATOM   109  C  C   . ASN A 1 24  ? -3.151  11.831  -0.437  1.00 15.10 ? 21  ASN A C   1 
ATOM   110  O  O   . ASN A 1 24  ? -4.237  11.900  0.156   1.00 14.06 ? 21  ASN A O   1 
ATOM   111  C  CB  . ASN A 1 24  ? -4.414  12.516  -2.466  1.00 17.83 ? 21  ASN A CB  1 
ATOM   112  C  CG  . ASN A 1 24  ? -5.052  13.658  -1.700  1.00 23.53 ? 21  ASN A CG  1 
ATOM   113  O  OD1 . ASN A 1 24  ? -4.426  14.696  -1.485  1.00 28.67 ? 21  ASN A OD1 1 
ATOM   114  N  ND2 . ASN A 1 24  ? -6.301  13.472  -1.277  1.00 27.18 ? 21  ASN A ND2 1 
ATOM   115  N  N   . LEU A 1 25  ? -2.020  11.457  0.147   1.00 15.10 ? 22  LEU A N   1 
ATOM   116  C  CA  . LEU A 1 25  ? -1.947  11.131  1.563   1.00 13.49 ? 22  LEU A CA  1 
ATOM   117  C  C   . LEU A 1 25  ? -1.115  12.203  2.251   1.00 15.25 ? 22  LEU A C   1 
ATOM   118  O  O   . LEU A 1 25  ? -0.534  13.070  1.590   1.00 12.14 ? 22  LEU A O   1 
ATOM   119  C  CB  . LEU A 1 25  ? -1.301  9.757   1.767   1.00 13.15 ? 22  LEU A CB  1 
ATOM   120  C  CG  . LEU A 1 25  ? -2.080  8.562   1.212   1.00 13.04 ? 22  LEU A CG  1 
ATOM   121  C  CD1 . LEU A 1 25  ? -1.313  7.271   1.462   1.00 13.88 ? 22  LEU A CD1 1 
ATOM   122  C  CD2 . LEU A 1 25  ? -3.449  8.513   1.871   1.00 16.06 ? 22  LEU A CD2 1 
ATOM   123  N  N   . ASN A 1 26  ? -1.074  12.153  3.577   1.00 15.60 ? 23  ASN A N   1 
ATOM   124  C  CA  . ASN A 1 26  ? -0.311  13.122  4.350   1.00 16.76 ? 23  ASN A CA  1 
ATOM   125  C  C   . ASN A 1 26  ? 0.513   12.398  5.406   1.00 18.46 ? 23  ASN A C   1 
ATOM   126  O  O   . ASN A 1 26  ? 0.510   12.773  6.583   1.00 19.38 ? 23  ASN A O   1 
ATOM   127  C  CB  . ASN A 1 26  ? -1.260  14.133  5.005   1.00 17.55 ? 23  ASN A CB  1 
ATOM   128  C  CG  . ASN A 1 26  ? -0.528  15.304  5.623   1.00 18.82 ? 23  ASN A CG  1 
ATOM   129  O  OD1 . ASN A 1 26  ? 0.498   15.748  5.107   1.00 20.79 ? 23  ASN A OD1 1 
ATOM   130  N  ND2 . ASN A 1 26  ? -1.059  15.825  6.727   1.00 19.32 ? 23  ASN A ND2 1 
ATOM   131  N  N   . TYR A 1 27  ? 1.215   11.349  4.983   1.00 15.87 ? 24  TYR A N   1 
ATOM   132  C  CA  . TYR A 1 27  ? 2.052   10.577  5.900   1.00 16.22 ? 24  TYR A CA  1 
ATOM   133  C  C   . TYR A 1 27  ? 3.301   11.376  6.263   1.00 18.29 ? 24  TYR A C   1 
ATOM   134  O  O   . TYR A 1 27  ? 3.846   12.096  5.429   1.00 14.99 ? 24  TYR A O   1 
ATOM   135  C  CB  . TYR A 1 27  ? 2.469   9.250   5.255   1.00 15.05 ? 24  TYR A CB  1 
ATOM   136  C  CG  . TYR A 1 27  ? 1.400   8.167   5.212   1.00 13.41 ? 24  TYR A CG  1 
ATOM   137  C  CD1 . TYR A 1 27  ? 0.054   8.455   5.460   1.00 12.61 ? 24  TYR A CD1 1 
ATOM   138  C  CD2 . TYR A 1 27  ? 1.740   6.855   4.890   1.00 11.96 ? 24  TYR A CD2 1 
ATOM   139  C  CE1 . TYR A 1 27  ? -0.931  7.451   5.384   1.00 11.94 ? 24  TYR A CE1 1 
ATOM   140  C  CE2 . TYR A 1 27  ? 0.769   5.848   4.810   1.00 12.76 ? 24  TYR A CE2 1 
ATOM   141  C  CZ  . TYR A 1 27  ? -0.557  6.153   5.057   1.00 13.20 ? 24  TYR A CZ  1 
ATOM   142  O  OH  . TYR A 1 27  ? -1.499  5.150   4.966   1.00 12.63 ? 24  TYR A OH  1 
ATOM   143  N  N   . LYS A 1 28  ? 3.758   11.243  7.506   1.00 20.35 ? 25  LYS A N   1 
ATOM   144  C  CA  . LYS A 1 28  ? 4.952   11.958  7.950   1.00 21.87 ? 25  LYS A CA  1 
ATOM   145  C  C   . LYS A 1 28  ? 6.109   10.993  8.186   1.00 22.01 ? 25  LYS A C   1 
ATOM   146  O  O   . LYS A 1 28  ? 7.279   11.383  8.145   1.00 22.40 ? 25  LYS A O   1 
ATOM   147  C  CB  . LYS A 1 28  ? 4.665   12.728  9.244   1.00 23.58 ? 25  LYS A CB  1 
ATOM   148  C  CG  . LYS A 1 28  ? 3.542   13.743  9.142   1.00 22.34 ? 25  LYS A CG  1 
ATOM   149  C  CD  . LYS A 1 28  ? 3.798   14.764  8.054   1.00 25.07 ? 25  LYS A CD  1 
ATOM   150  C  CE  . LYS A 1 28  ? 2.693   15.805  8.010   1.00 26.95 ? 25  LYS A CE  1 
ATOM   151  N  NZ  . LYS A 1 28  ? 2.838   16.719  6.846   1.00 27.40 ? 25  LYS A NZ  1 
ATOM   152  N  N   . LYS A 1 29  ? 5.780   9.732   8.431   1.00 20.76 ? 26  LYS A N   1 
ATOM   153  C  CA  . LYS A 1 29  ? 6.792   8.717   8.694   1.00 20.98 ? 26  LYS A CA  1 
ATOM   154  C  C   . LYS A 1 29  ? 6.525   7.427   7.939   1.00 21.72 ? 26  LYS A C   1 
ATOM   155  O  O   . LYS A 1 29  ? 5.376   7.041   7.740   1.00 19.64 ? 26  LYS A O   1 
ATOM   156  C  CB  . LYS A 1 29  ? 6.846   8.403   10.191  1.00 22.57 ? 26  LYS A CB  1 
ATOM   157  C  CG  . LYS A 1 29  ? 7.163   9.599   11.065  1.00 24.26 ? 26  LYS A CG  1 
ATOM   158  C  CD  . LYS A 1 29  ? 7.261   9.200   12.536  1.00 24.92 ? 26  LYS A CD  1 
ATOM   159  C  CE  . LYS A 1 29  ? 5.936   8.667   13.060  1.00 27.58 ? 26  LYS A CE  1 
ATOM   160  N  NZ  . LYS A 1 29  ? 5.988   8.397   14.531  1.00 29.47 ? 26  LYS A NZ  1 
ATOM   161  N  N   . ILE A 1 30  ? 7.601   6.760   7.531   1.00 21.41 ? 27  ILE A N   1 
ATOM   162  C  CA  . ILE A 1 30  ? 7.501   5.498   6.814   1.00 22.23 ? 27  ILE A CA  1 
ATOM   163  C  C   . ILE A 1 30  ? 6.712   4.490   7.641   1.00 22.01 ? 27  ILE A C   1 
ATOM   164  O  O   . ILE A 1 30  ? 5.959   3.683   7.095   1.00 20.41 ? 27  ILE A O   1 
ATOM   165  C  CB  . ILE A 1 30  ? 8.902   4.907   6.528   1.00 23.18 ? 27  ILE A CB  1 
ATOM   166  C  CG1 . ILE A 1 30  ? 9.642   5.782   5.516   1.00 24.96 ? 27  ILE A CG1 1 
ATOM   167  C  CG2 . ILE A 1 30  ? 8.778   3.474   6.040   1.00 24.46 ? 27  ILE A CG2 1 
ATOM   168  C  CD1 . ILE A 1 30  ? 8.981   5.854   4.162   1.00 23.68 ? 27  ILE A CD1 1 
ATOM   169  N  N   . GLU A 1 31  ? 6.899   4.535   8.959   1.00 19.83 ? 28  GLU A N   1 
ATOM   170  C  CA  . GLU A 1 31  ? 6.213   3.619   9.868   1.00 19.51 ? 28  GLU A CA  1 
ATOM   171  C  C   . GLU A 1 31  ? 4.697   3.568   9.676   1.00 17.55 ? 28  GLU A C   1 
ATOM   172  O  O   . GLU A 1 31  ? 4.069   2.539   9.939   1.00 14.68 ? 28  GLU A O   1 
ATOM   173  C  CB  . GLU A 1 31  ? 6.516   3.979   11.330  1.00 23.18 ? 28  GLU A CB  1 
ATOM   174  C  CG  . GLU A 1 31  ? 7.956   3.723   11.760  1.00 26.66 ? 28  GLU A CG  1 
ATOM   175  C  CD  . GLU A 1 31  ? 8.863   4.931   11.590  1.00 27.73 ? 28  GLU A CD  1 
ATOM   176  O  OE1 . GLU A 1 31  ? 8.820   5.578   10.522  1.00 25.99 ? 28  GLU A OE1 1 
ATOM   177  O  OE2 . GLU A 1 31  ? 9.634   5.228   12.530  1.00 28.74 ? 28  GLU A OE2 1 
ATOM   178  N  N   . GLU A 1 32  ? 4.113   4.674   9.230   1.00 15.92 ? 29  GLU A N   1 
ATOM   179  C  CA  . GLU A 1 32  ? 2.668   4.738   9.022   1.00 15.90 ? 29  GLU A CA  1 
ATOM   180  C  C   . GLU A 1 32  ? 2.188   3.774   7.945   1.00 15.79 ? 29  GLU A C   1 
ATOM   181  O  O   . GLU A 1 32  ? 1.008   3.442   7.886   1.00 15.19 ? 29  GLU A O   1 
ATOM   182  C  CB  . GLU A 1 32  ? 2.243   6.164   8.669   1.00 18.33 ? 29  GLU A CB  1 
ATOM   183  C  CG  . GLU A 1 32  ? 2.446   7.155   9.811   1.00 20.16 ? 29  GLU A CG  1 
ATOM   184  C  CD  . GLU A 1 32  ? 2.155   8.583   9.406   1.00 20.45 ? 29  GLU A CD  1 
ATOM   185  O  OE1 . GLU A 1 32  ? 0.984   8.892   9.094   1.00 21.93 ? 29  GLU A OE1 1 
ATOM   186  O  OE2 . GLU A 1 32  ? 3.103   9.397   9.395   1.00 18.76 ? 29  GLU A OE2 1 
ATOM   187  N  N   . CYS A 1 33  ? 3.100   3.328   7.088   1.00 14.20 ? 30  CYS A N   1 
ATOM   188  C  CA  . CYS A 1 33  ? 2.725   2.385   6.040   1.00 15.72 ? 30  CYS A CA  1 
ATOM   189  C  C   . CYS A 1 33  ? 2.506   0.994   6.615   1.00 14.70 ? 30  CYS A C   1 
ATOM   190  O  O   . CYS A 1 33  ? 2.032   0.093   5.928   1.00 15.52 ? 30  CYS A O   1 
ATOM   191  C  CB  . CYS A 1 33  ? 3.806   2.323   4.964   1.00 15.18 ? 30  CYS A CB  1 
ATOM   192  S  SG  . CYS A 1 33  ? 3.940   3.822   3.994   1.00 16.46 ? 30  CYS A SG  1 
ATOM   193  N  N   . GLY A 1 34  ? 2.854   0.823   7.884   1.00 14.22 ? 31  GLY A N   1 
ATOM   194  C  CA  . GLY A 1 34  ? 2.685   -0.475  8.508   1.00 13.30 ? 31  GLY A CA  1 
ATOM   195  C  C   . GLY A 1 34  ? 1.249   -0.958  8.589   1.00 13.25 ? 31  GLY A C   1 
ATOM   196  O  O   . GLY A 1 34  ? 1.022   -2.153  8.773   1.00 12.57 ? 31  GLY A O   1 
ATOM   197  N  N   . THR A 1 35  ? 0.278   -0.051  8.443   1.00 13.85 ? 32  THR A N   1 
ATOM   198  C  CA  . THR A 1 35  ? -1.133  -0.439  8.535   1.00 12.68 ? 32  THR A CA  1 
ATOM   199  C  C   . THR A 1 35  ? -1.577  -1.233  7.318   1.00 12.88 ? 32  THR A C   1 
ATOM   200  O  O   . THR A 1 35  ? -2.637  -1.854  7.331   1.00 11.11 ? 32  THR A O   1 
ATOM   201  C  CB  . THR A 1 35  ? -2.076  0.779   8.675   1.00 14.10 ? 32  THR A CB  1 
ATOM   202  O  OG1 . THR A 1 35  ? -2.155  1.478   7.425   1.00 14.63 ? 32  THR A OG1 1 
ATOM   203  C  CG2 . THR A 1 35  ? -1.568  1.727   9.751   1.00 14.94 ? 32  THR A CG2 1 
ATOM   204  N  N   . GLY A 1 36  ? -0.764  -1.194  6.265   1.00 12.54 ? 33  GLY A N   1 
ATOM   205  C  CA  . GLY A 1 36  ? -1.070  -1.926  5.049   1.00 12.28 ? 33  GLY A CA  1 
ATOM   206  C  C   . GLY A 1 36  ? -2.055  -1.293  4.080   1.00 12.56 ? 33  GLY A C   1 
ATOM   207  O  O   . GLY A 1 36  ? -2.200  -1.767  2.951   1.00 13.28 ? 33  GLY A O   1 
ATOM   208  N  N   . ALA A 1 37  ? -2.731  -0.231  4.503   1.00 9.53  ? 34  ALA A N   1 
ATOM   209  C  CA  . ALA A 1 37  ? -3.716  0.434   3.655   1.00 10.68 ? 34  ALA A CA  1 
ATOM   210  C  C   . ALA A 1 37  ? -3.095  1.030   2.382   1.00 10.17 ? 34  ALA A C   1 
ATOM   211  O  O   . ALA A 1 37  ? -3.587  0.799   1.271   1.00 12.12 ? 34  ALA A O   1 
ATOM   212  C  CB  . ALA A 1 37  ? -4.434  1.517   4.456   1.00 9.10  ? 34  ALA A CB  1 
ATOM   213  N  N   . ALA A 1 38  ? -2.020  1.796   2.539   1.00 9.11  ? 35  ALA A N   1 
ATOM   214  C  CA  . ALA A 1 38  ? -1.354  2.406   1.392   1.00 11.81 ? 35  ALA A CA  1 
ATOM   215  C  C   . ALA A 1 38  ? -0.834  1.345   0.424   1.00 12.88 ? 35  ALA A C   1 
ATOM   216  O  O   . ALA A 1 38  ? -0.931  1.509   -0.793  1.00 12.58 ? 35  ALA A O   1 
ATOM   217  C  CB  . ALA A 1 38  ? -0.203  3.302   1.862   1.00 13.10 ? 35  ALA A CB  1 
ATOM   218  N  N   . TYR A 1 39  ? -0.275  0.260   0.959   1.00 11.64 ? 36  TYR A N   1 
ATOM   219  C  CA  . TYR A 1 39  ? 0.242   -0.817  0.116   1.00 13.36 ? 36  TYR A CA  1 
ATOM   220  C  C   . TYR A 1 39  ? -0.872  -1.351  -0.780  1.00 12.95 ? 36  TYR A C   1 
ATOM   221  O  O   . TYR A 1 39  ? -0.676  -1.567  -1.979  1.00 12.16 ? 36  TYR A O   1 
ATOM   222  C  CB  . TYR A 1 39  ? 0.790   -1.956  0.982   1.00 13.77 ? 36  TYR A CB  1 
ATOM   223  C  CG  . TYR A 1 39  ? 1.986   -1.580  1.831   1.00 13.06 ? 36  TYR A CG  1 
ATOM   224  C  CD1 . TYR A 1 39  ? 2.290   -2.297  2.988   1.00 14.52 ? 36  TYR A CD1 1 
ATOM   225  C  CD2 . TYR A 1 39  ? 2.811   -0.509  1.483   1.00 11.24 ? 36  TYR A CD2 1 
ATOM   226  C  CE1 . TYR A 1 39  ? 3.382   -1.954  3.782   1.00 12.19 ? 36  TYR A CE1 1 
ATOM   227  C  CE2 . TYR A 1 39  ? 3.910   -0.160  2.267   1.00 10.83 ? 36  TYR A CE2 1 
ATOM   228  C  CZ  . TYR A 1 39  ? 4.187   -0.885  3.416   1.00 11.37 ? 36  TYR A CZ  1 
ATOM   229  O  OH  . TYR A 1 39  ? 5.260   -0.531  4.206   1.00 13.19 ? 36  TYR A OH  1 
ATOM   230  N  N   . CYS A 1 40  ? -2.042  -1.576  -0.187  1.00 12.35 ? 37  CYS A N   1 
ATOM   231  C  CA  . CYS A 1 40  ? -3.184  -2.072  -0.941  1.00 12.69 ? 37  CYS A CA  1 
ATOM   232  C  C   . CYS A 1 40  ? -3.535  -1.122  -2.073  1.00 12.78 ? 37  CYS A C   1 
ATOM   233  O  O   . CYS A 1 40  ? -3.747  -1.556  -3.202  1.00 12.70 ? 37  CYS A O   1 
ATOM   234  C  CB  . CYS A 1 40  ? -4.418  -2.215  -0.043  1.00 11.31 ? 37  CYS A CB  1 
ATOM   235  S  SG  . CYS A 1 40  ? -4.410  -3.661  1.027   1.00 12.72 ? 37  CYS A SG  1 
ATOM   236  N  N   . GLN A 1 41  ? -3.614  0.172   -1.773  1.00 11.31 ? 38  GLN A N   1 
ATOM   237  C  CA  . GLN A 1 41  ? -3.982  1.120   -2.815  1.00 12.22 ? 38  GLN A CA  1 
ATOM   238  C  C   . GLN A 1 41  ? -2.924  1.310   -3.887  1.00 13.89 ? 38  GLN A C   1 
ATOM   239  O  O   . GLN A 1 41  ? -3.254  1.659   -5.020  1.00 14.94 ? 38  GLN A O   1 
ATOM   240  C  CB  . GLN A 1 41  ? -4.392  2.475   -2.234  1.00 11.92 ? 38  GLN A CB  1 
ATOM   241  C  CG  . GLN A 1 41  ? -4.899  3.412   -3.330  1.00 11.70 ? 38  GLN A CG  1 
ATOM   242  C  CD  . GLN A 1 41  ? -5.838  4.478   -2.834  1.00 11.94 ? 38  GLN A CD  1 
ATOM   243  O  OE1 . GLN A 1 41  ? -5.652  5.033   -1.752  1.00 11.10 ? 38  GLN A OE1 1 
ATOM   244  N  NE2 . GLN A 1 41  ? -6.851  4.789   -3.636  1.00 11.00 ? 38  GLN A NE2 1 
ATOM   245  N  N   . ILE A 1 42  ? -1.655  1.102   -3.555  1.00 13.30 ? 39  ILE A N   1 
ATOM   246  C  CA  . ILE A 1 42  ? -0.634  1.221   -4.589  1.00 14.48 ? 39  ILE A CA  1 
ATOM   247  C  C   . ILE A 1 42  ? -0.936  0.101   -5.584  1.00 13.97 ? 39  ILE A C   1 
ATOM   248  O  O   . ILE A 1 42  ? -0.896  0.299   -6.802  1.00 13.22 ? 39  ILE A O   1 
ATOM   249  C  CB  . ILE A 1 42  ? 0.790   1.031   -4.036  1.00 15.33 ? 39  ILE A CB  1 
ATOM   250  C  CG1 . ILE A 1 42  ? 1.175   2.239   -3.182  1.00 15.53 ? 39  ILE A CG1 1 
ATOM   251  C  CG2 . ILE A 1 42  ? 1.782   0.879   -5.187  1.00 16.62 ? 39  ILE A CG2 1 
ATOM   252  C  CD1 . ILE A 1 42  ? 2.572   2.156   -2.613  1.00 16.34 ? 39  ILE A CD1 1 
HETATM 253  N  N   . MSE A 1 43  ? -1.252  -1.079  -5.062  1.00 14.79 ? 40  MSE A N   1 
HETATM 254  C  CA  . MSE A 1 43  ? -1.576  -2.203  -5.933  1.00 14.08 ? 40  MSE A CA  1 
HETATM 255  C  C   . MSE A 1 43  ? -2.865  -1.920  -6.708  1.00 13.92 ? 40  MSE A C   1 
HETATM 256  O  O   . MSE A 1 43  ? -3.019  -2.360  -7.849  1.00 15.22 ? 40  MSE A O   1 
HETATM 257  C  CB  . MSE A 1 43  ? -1.710  -3.491  -5.121  1.00 14.77 ? 40  MSE A CB  1 
HETATM 258  C  CG  . MSE A 1 43  ? -0.396  -3.962  -4.489  1.00 15.10 ? 40  MSE A CG  1 
HETATM 259  SE SE  . MSE A 1 43  ? 1.021   -4.345  -5.771  1.00 22.78 ? 40  MSE A SE  1 
HETATM 260  C  CE  . MSE A 1 43  ? 0.612   -6.198  -6.131  1.00 21.35 ? 40  MSE A CE  1 
ATOM   261  N  N   . ASP A 1 44  ? -3.793  -1.182  -6.104  1.00 13.26 ? 41  ASP A N   1 
ATOM   262  C  CA  . ASP A 1 44  ? -5.036  -0.858  -6.808  1.00 12.94 ? 41  ASP A CA  1 
ATOM   263  C  C   . ASP A 1 44  ? -4.742  0.079   -7.977  1.00 13.64 ? 41  ASP A C   1 
ATOM   264  O  O   . ASP A 1 44  ? -5.341  -0.050  -9.045  1.00 15.90 ? 41  ASP A O   1 
ATOM   265  C  CB  . ASP A 1 44  ? -6.062  -0.202  -5.868  1.00 13.29 ? 41  ASP A CB  1 
ATOM   266  C  CG  . ASP A 1 44  ? -7.442  -0.059  -6.513  1.00 15.81 ? 41  ASP A CG  1 
ATOM   267  O  OD1 . ASP A 1 44  ? -7.991  -1.089  -6.955  1.00 14.31 ? 41  ASP A OD1 1 
ATOM   268  O  OD2 . ASP A 1 44  ? -7.984  1.073   -6.577  1.00 16.65 ? 41  ASP A OD2 1 
ATOM   269  N  N   . SER A 1 45  ? -3.818  1.018   -7.795  1.00 13.90 ? 42  SER A N   1 
ATOM   270  C  CA  . SER A 1 45  ? -3.495  1.944   -8.884  1.00 15.06 ? 42  SER A CA  1 
ATOM   271  C  C   . SER A 1 45  ? -2.938  1.184   -10.095 1.00 14.87 ? 42  SER A C   1 
ATOM   272  O  O   . SER A 1 45  ? -3.111  1.603   -11.242 1.00 13.76 ? 42  SER A O   1 
ATOM   273  C  CB  . SER A 1 45  ? -2.477  2.996   -8.423  1.00 12.73 ? 42  SER A CB  1 
ATOM   274  O  OG  . SER A 1 45  ? -1.207  2.420   -8.172  1.00 15.69 ? 42  SER A OG  1 
ATOM   275  N  N   . ILE A 1 46  ? -2.284  0.056   -9.833  1.00 15.49 ? 43  ILE A N   1 
ATOM   276  C  CA  . ILE A 1 46  ? -1.704  -0.761  -10.897 1.00 15.65 ? 43  ILE A CA  1 
ATOM   277  C  C   . ILE A 1 46  ? -2.675  -1.782  -11.500 1.00 18.20 ? 43  ILE A C   1 
ATOM   278  O  O   . ILE A 1 46  ? -2.763  -1.919  -12.725 1.00 19.24 ? 43  ILE A O   1 
ATOM   279  C  CB  . ILE A 1 46  ? -0.476  -1.552  -10.397 1.00 16.81 ? 43  ILE A CB  1 
ATOM   280  C  CG1 . ILE A 1 46  ? 0.579   -0.596  -9.831  1.00 13.59 ? 43  ILE A CG1 1 
ATOM   281  C  CG2 . ILE A 1 46  ? 0.106   -2.369  -11.550 1.00 17.28 ? 43  ILE A CG2 1 
ATOM   282  C  CD1 . ILE A 1 46  ? 1.747   -1.303  -9.158  1.00 13.69 ? 43  ILE A CD1 1 
ATOM   283  N  N   . TYR A 1 47  ? -3.398  -2.501  -10.645 1.00 16.51 ? 44  TYR A N   1 
ATOM   284  C  CA  . TYR A 1 47  ? -4.318  -3.532  -11.119 1.00 17.29 ? 44  TYR A CA  1 
ATOM   285  C  C   . TYR A 1 47  ? -5.790  -3.154  -11.131 1.00 18.49 ? 44  TYR A C   1 
ATOM   286  O  O   . TYR A 1 47  ? -6.568  -3.701  -11.912 1.00 19.05 ? 44  TYR A O   1 
ATOM   287  C  CB  . TYR A 1 47  ? -4.116  -4.812  -10.313 1.00 17.11 ? 44  TYR A CB  1 
ATOM   288  C  CG  . TYR A 1 47  ? -2.699  -5.328  -10.405 1.00 18.12 ? 44  TYR A CG  1 
ATOM   289  C  CD1 . TYR A 1 47  ? -1.731  -4.938  -9.478  1.00 16.22 ? 44  TYR A CD1 1 
ATOM   290  C  CD2 . TYR A 1 47  ? -2.310  -6.156  -11.457 1.00 17.12 ? 44  TYR A CD2 1 
ATOM   291  C  CE1 . TYR A 1 47  ? -0.412  -5.358  -9.601  1.00 20.02 ? 44  TYR A CE1 1 
ATOM   292  C  CE2 . TYR A 1 47  ? -0.992  -6.578  -11.589 1.00 19.70 ? 44  TYR A CE2 1 
ATOM   293  C  CZ  . TYR A 1 47  ? -0.048  -6.175  -10.661 1.00 20.04 ? 44  TYR A CZ  1 
ATOM   294  O  OH  . TYR A 1 47  ? 1.260   -6.565  -10.804 1.00 21.46 ? 44  TYR A OH  1 
ATOM   295  N  N   . GLY A 1 48  ? -6.166  -2.235  -10.252 1.00 18.04 ? 45  GLY A N   1 
ATOM   296  C  CA  . GLY A 1 48  ? -7.537  -1.769  -10.181 1.00 18.48 ? 45  GLY A CA  1 
ATOM   297  C  C   . GLY A 1 48  ? -8.612  -2.775  -9.832  1.00 16.99 ? 45  GLY A C   1 
ATOM   298  O  O   . GLY A 1 48  ? -9.779  -2.543  -10.142 1.00 17.01 ? 45  GLY A O   1 
ATOM   299  N  N   . ASP A 1 49  ? -8.248  -3.885  -9.195  1.00 16.50 ? 46  ASP A N   1 
ATOM   300  C  CA  . ASP A 1 49  ? -9.248  -4.883  -8.830  1.00 16.89 ? 46  ASP A CA  1 
ATOM   301  C  C   . ASP A 1 49  ? -9.233  -5.208  -7.339  1.00 16.19 ? 46  ASP A C   1 
ATOM   302  O  O   . ASP A 1 49  ? -9.706  -6.260  -6.919  1.00 16.18 ? 46  ASP A O   1 
ATOM   303  C  CB  . ASP A 1 49  ? -9.070  -6.165  -9.665  1.00 16.75 ? 46  ASP A CB  1 
ATOM   304  C  CG  . ASP A 1 49  ? -7.798  -6.928  -9.333  1.00 16.24 ? 46  ASP A CG  1 
ATOM   305  O  OD1 . ASP A 1 49  ? -6.950  -6.410  -8.578  1.00 17.63 ? 46  ASP A OD1 1 
ATOM   306  O  OD2 . ASP A 1 49  ? -7.649  -8.060  -9.839  1.00 16.35 ? 46  ASP A OD2 1 
ATOM   307  N  N   . LEU A 1 50  ? -8.687  -4.289  -6.546  1.00 16.26 ? 47  LEU A N   1 
ATOM   308  C  CA  . LEU A 1 50  ? -8.624  -4.443  -5.098  1.00 15.06 ? 47  LEU A CA  1 
ATOM   309  C  C   . LEU A 1 50  ? -9.973  -4.058  -4.491  1.00 13.91 ? 47  LEU A C   1 
ATOM   310  O  O   . LEU A 1 50  ? -10.652 -3.162  -4.990  1.00 13.58 ? 47  LEU A O   1 
ATOM   311  C  CB  . LEU A 1 50  ? -7.542  -3.533  -4.510  1.00 16.35 ? 47  LEU A CB  1 
ATOM   312  C  CG  . LEU A 1 50  ? -6.066  -3.928  -4.583  1.00 16.87 ? 47  LEU A CG  1 
ATOM   313  C  CD1 . LEU A 1 50  ? -5.802  -5.010  -3.549  1.00 18.96 ? 47  LEU A CD1 1 
ATOM   314  C  CD2 . LEU A 1 50  ? -5.694  -4.391  -5.991  1.00 15.33 ? 47  LEU A CD2 1 
ATOM   315  N  N   . PRO A 1 51  ? -10.384 -4.746  -3.417  1.00 12.87 ? 48  PRO A N   1 
ATOM   316  C  CA  . PRO A 1 51  ? -11.655 -4.463  -2.740  1.00 13.48 ? 48  PRO A CA  1 
ATOM   317  C  C   . PRO A 1 51  ? -11.447 -3.257  -1.825  1.00 13.49 ? 48  PRO A C   1 
ATOM   318  O  O   . PRO A 1 51  ? -11.437 -3.375  -0.602  1.00 12.69 ? 48  PRO A O   1 
ATOM   319  C  CB  . PRO A 1 51  ? -11.921 -5.746  -1.973  1.00 14.09 ? 48  PRO A CB  1 
ATOM   320  C  CG  . PRO A 1 51  ? -10.546 -6.209  -1.619  1.00 16.39 ? 48  PRO A CG  1 
ATOM   321  C  CD  . PRO A 1 51  ? -9.778  -5.987  -2.898  1.00 14.02 ? 48  PRO A CD  1 
HETATM 322  N  N   . MSE A 1 52  ? -11.274 -2.094  -2.441  1.00 13.85 ? 49  MSE A N   1 
HETATM 323  C  CA  . MSE A 1 52  ? -11.019 -0.868  -1.706  1.00 15.56 ? 49  MSE A CA  1 
HETATM 324  C  C   . MSE A 1 52  ? -12.016 -0.549  -0.601  1.00 14.81 ? 49  MSE A C   1 
HETATM 325  O  O   . MSE A 1 52  ? -11.620 -0.054  0.450   1.00 13.05 ? 49  MSE A O   1 
HETATM 326  C  CB  . MSE A 1 52  ? -10.909 0.311   -2.676  1.00 17.52 ? 49  MSE A CB  1 
HETATM 327  C  CG  . MSE A 1 52  ? -9.665  0.256   -3.571  1.00 21.00 ? 49  MSE A CG  1 
HETATM 328  SE SE  . MSE A 1 52  ? -7.966  0.196   -2.595  1.00 21.11 ? 49  MSE A SE  1 
HETATM 329  C  CE  . MSE A 1 52  ? -8.055  1.945   -1.763  1.00 22.70 ? 49  MSE A CE  1 
ATOM   330  N  N   . ASN A 1 53  ? -13.298 -0.839  -0.822  1.00 12.56 ? 50  ASN A N   1 
ATOM   331  C  CA  . ASN A 1 53  ? -14.301 -0.552  0.197   1.00 13.98 ? 50  ASN A CA  1 
ATOM   332  C  C   . ASN A 1 53  ? -14.033 -1.330  1.477   1.00 14.36 ? 50  ASN A C   1 
ATOM   333  O  O   . ASN A 1 53  ? -14.461 -0.931  2.559   1.00 14.57 ? 50  ASN A O   1 
ATOM   334  C  CB  . ASN A 1 53  ? -15.708 -0.929  -0.280  1.00 15.36 ? 50  ASN A CB  1 
ATOM   335  C  CG  . ASN A 1 53  ? -16.159 -0.147  -1.488  1.00 17.75 ? 50  ASN A CG  1 
ATOM   336  O  OD1 . ASN A 1 53  ? -15.634 0.922   -1.794  1.00 17.17 ? 50  ASN A OD1 1 
ATOM   337  N  ND2 . ASN A 1 53  ? -17.166 -0.670  -2.177  1.00 20.11 ? 50  ASN A ND2 1 
ATOM   338  N  N   . ARG A 1 54  ? -13.323 -2.447  1.353   1.00 13.37 ? 51  ARG A N   1 
ATOM   339  C  CA  . ARG A 1 54  ? -13.056 -3.296  2.509   1.00 13.86 ? 51  ARG A CA  1 
ATOM   340  C  C   . ARG A 1 54  ? -11.686 -3.085  3.143   1.00 14.63 ? 51  ARG A C   1 
ATOM   341  O  O   . ARG A 1 54  ? -11.368 -3.664  4.190   1.00 12.81 ? 51  ARG A O   1 
ATOM   342  C  CB  . ARG A 1 54  ? -13.278 -4.760  2.108   1.00 13.43 ? 51  ARG A CB  1 
ATOM   343  C  CG  . ARG A 1 54  ? -14.755 -5.066  1.838   1.00 16.29 ? 51  ARG A CG  1 
ATOM   344  C  CD  . ARG A 1 54  ? -14.949 -6.396  1.127   1.00 20.55 ? 51  ARG A CD  1 
ATOM   345  N  NE  . ARG A 1 54  ? -15.249 -6.203  -0.289  1.00 23.00 ? 51  ARG A NE  1 
ATOM   346  C  CZ  . ARG A 1 54  ? -14.941 -7.077  -1.245  1.00 23.77 ? 51  ARG A CZ  1 
ATOM   347  N  NH1 . ARG A 1 54  ? -14.323 -8.208  -0.938  1.00 22.58 ? 51  ARG A NH1 1 
ATOM   348  N  NH2 . ARG A 1 54  ? -15.239 -6.813  -2.510  1.00 22.45 ? 51  ARG A NH2 1 
ATOM   349  N  N   . VAL A 1 55  ? -10.882 -2.246  2.505   1.00 15.09 ? 52  VAL A N   1 
ATOM   350  C  CA  . VAL A 1 55  ? -9.568  -1.910  3.027   1.00 15.80 ? 52  VAL A CA  1 
ATOM   351  C  C   . VAL A 1 55  ? -9.824  -0.874  4.116   1.00 17.77 ? 52  VAL A C   1 
ATOM   352  O  O   . VAL A 1 55  ? -10.533 0.105   3.883   1.00 19.70 ? 52  VAL A O   1 
ATOM   353  C  CB  . VAL A 1 55  ? -8.675  -1.282  1.933   1.00 15.95 ? 52  VAL A CB  1 
ATOM   354  C  CG1 . VAL A 1 55  ? -7.382  -0.744  2.548   1.00 14.53 ? 52  VAL A CG1 1 
ATOM   355  C  CG2 . VAL A 1 55  ? -8.365  -2.318  0.866   1.00 14.76 ? 52  VAL A CG2 1 
ATOM   356  N  N   . LYS A 1 56  ? -9.286  -1.106  5.308   1.00 18.12 ? 53  LYS A N   1 
ATOM   357  C  CA  . LYS A 1 56  ? -9.453  -0.167  6.412   1.00 19.15 ? 53  LYS A CA  1 
ATOM   358  C  C   . LYS A 1 56  ? -8.381  0.885   6.196   1.00 18.75 ? 53  LYS A C   1 
ATOM   359  O  O   . LYS A 1 56  ? -7.277  0.803   6.745   1.00 12.80 ? 53  LYS A O   1 
ATOM   360  C  CB  . LYS A 1 56  ? -9.255  -0.876  7.754   1.00 21.37 ? 53  LYS A CB  1 
ATOM   361  C  CG  . LYS A 1 56  ? -10.210 -2.044  7.974   1.00 27.01 ? 53  LYS A CG  1 
ATOM   362  C  CD  . LYS A 1 56  ? -11.660 -1.591  7.885   1.00 30.64 ? 53  LYS A CD  1 
ATOM   363  C  CE  . LYS A 1 56  ? -12.621 -2.766  7.853   1.00 34.11 ? 53  LYS A CE  1 
ATOM   364  N  NZ  . LYS A 1 56  ? -14.019 -2.325  7.574   1.00 35.57 ? 53  LYS A NZ  1 
ATOM   365  N  N   . PHE A 1 57  ? -8.719  1.878   5.381   1.00 18.83 ? 54  PHE A N   1 
ATOM   366  C  CA  . PHE A 1 57  ? -7.771  2.914   5.031   1.00 21.10 ? 54  PHE A CA  1 
ATOM   367  C  C   . PHE A 1 57  ? -7.257  3.770   6.170   1.00 21.31 ? 54  PHE A C   1 
ATOM   368  O  O   . PHE A 1 57  ? -6.064  4.067   6.234   1.00 23.09 ? 54  PHE A O   1 
ATOM   369  C  CB  . PHE A 1 57  ? -8.346  3.815   3.938   1.00 23.24 ? 54  PHE A CB  1 
ATOM   370  C  CG  . PHE A 1 57  ? -7.302  4.352   3.027   1.00 24.08 ? 54  PHE A CG  1 
ATOM   371  C  CD1 . PHE A 1 57  ? -6.721  3.530   2.065   1.00 24.93 ? 54  PHE A CD1 1 
ATOM   372  C  CD2 . PHE A 1 57  ? -6.817  5.643   3.192   1.00 25.62 ? 54  PHE A CD2 1 
ATOM   373  C  CE1 . PHE A 1 57  ? -5.669  3.977   1.287   1.00 25.66 ? 54  PHE A CE1 1 
ATOM   374  C  CE2 . PHE A 1 57  ? -5.758  6.106   2.416   1.00 27.19 ? 54  PHE A CE2 1 
ATOM   375  C  CZ  . PHE A 1 57  ? -5.182  5.269   1.460   1.00 25.38 ? 54  PHE A CZ  1 
ATOM   376  N  N   . ASN A 1 58  ? -8.149  4.171   7.067   1.00 21.18 ? 55  ASN A N   1 
ATOM   377  C  CA  . ASN A 1 58  ? -7.762  4.994   8.199   1.00 22.10 ? 55  ASN A CA  1 
ATOM   378  C  C   . ASN A 1 58  ? -7.878  4.183   9.486   1.00 23.18 ? 55  ASN A C   1 
ATOM   379  O  O   . ASN A 1 58  ? -8.569  4.572   10.419  1.00 22.30 ? 55  ASN A O   1 
ATOM   380  C  CB  . ASN A 1 58  ? -8.652  6.240   8.248   1.00 20.70 ? 55  ASN A CB  1 
ATOM   381  C  CG  . ASN A 1 58  ? -8.482  7.116   7.020   1.00 21.71 ? 55  ASN A CG  1 
ATOM   382  O  OD1 . ASN A 1 58  ? -7.427  7.720   6.817   1.00 16.89 ? 55  ASN A OD1 1 
ATOM   383  N  ND2 . ASN A 1 58  ? -9.515  7.176   6.182   1.00 16.89 ? 55  ASN A ND2 1 
ATOM   384  N  N   . ALA A 1 59  ? -7.182  3.050   9.514   1.00 26.90 ? 56  ALA A N   1 
ATOM   385  C  CA  . ALA A 1 59  ? -7.197  2.140   10.659  1.00 28.81 ? 56  ALA A CA  1 
ATOM   386  C  C   . ALA A 1 59  ? -6.250  2.545   11.786  1.00 29.51 ? 56  ALA A C   1 
ATOM   387  O  O   . ALA A 1 59  ? -5.224  3.185   11.555  1.00 32.35 ? 56  ALA A O   1 
ATOM   388  C  CB  . ALA A 1 59  ? -6.860  0.721   10.189  1.00 27.92 ? 56  ALA A CB  1 
ATOM   389  N  N   . THR A 1 60  ? -6.604  2.148   13.006  1.00 29.87 ? 57  THR A N   1 
ATOM   390  C  CA  . THR A 1 60  ? -5.816  2.438   14.197  1.00 30.27 ? 57  THR A CA  1 
ATOM   391  C  C   . THR A 1 60  ? -5.578  1.173   15.032  1.00 28.57 ? 57  THR A C   1 
ATOM   392  O  O   . THR A 1 60  ? -4.653  1.124   15.843  1.00 29.94 ? 57  THR A O   1 
ATOM   393  C  CB  . THR A 1 60  ? -6.518  3.527   15.070  1.00 31.43 ? 57  THR A CB  1 
ATOM   394  O  OG1 . THR A 1 60  ? -6.188  4.826   14.565  1.00 32.86 ? 57  THR A OG1 1 
ATOM   395  C  CG2 . THR A 1 60  ? -6.089  3.435   16.526  1.00 32.54 ? 57  THR A CG2 1 
ATOM   396  N  N   . ALA A 1 61  ? -6.405  0.152   14.821  1.00 26.73 ? 58  ALA A N   1 
ATOM   397  C  CA  . ALA A 1 61  ? -6.291  -1.111  15.555  1.00 23.75 ? 58  ALA A CA  1 
ATOM   398  C  C   . ALA A 1 61  ? -5.599  -2.190  14.717  1.00 22.82 ? 58  ALA A C   1 
ATOM   399  O  O   . ALA A 1 61  ? -5.903  -2.363  13.536  1.00 19.54 ? 58  ALA A O   1 
ATOM   400  C  CB  . ALA A 1 61  ? -7.672  -1.583  15.981  1.00 24.72 ? 58  ALA A CB  1 
ATOM   401  N  N   . GLU A 1 62  ? -4.683  -2.930  15.335  1.00 21.93 ? 59  GLU A N   1 
ATOM   402  C  CA  . GLU A 1 62  ? -3.943  -3.960  14.616  1.00 21.76 ? 59  GLU A CA  1 
ATOM   403  C  C   . GLU A 1 62  ? -4.781  -5.026  13.922  1.00 21.11 ? 59  GLU A C   1 
ATOM   404  O  O   . GLU A 1 62  ? -4.393  -5.521  12.864  1.00 19.66 ? 59  GLU A O   1 
ATOM   405  C  CB  . GLU A 1 62  ? -2.937  -4.654  15.536  1.00 23.89 ? 59  GLU A CB  1 
ATOM   406  C  CG  . GLU A 1 62  ? -2.157  -5.744  14.809  1.00 26.93 ? 59  GLU A CG  1 
ATOM   407  C  CD  . GLU A 1 62  ? -1.114  -6.411  15.670  1.00 30.83 ? 59  GLU A CD  1 
ATOM   408  O  OE1 . GLU A 1 62  ? -0.150  -5.727  16.079  1.00 32.70 ? 59  GLU A OE1 1 
ATOM   409  O  OE2 . GLU A 1 62  ? -1.258  -7.622  15.933  1.00 29.82 ? 59  GLU A OE2 1 
ATOM   410  N  N   . TYR A 1 63  ? -5.920  -5.392  14.500  1.00 19.02 ? 60  TYR A N   1 
ATOM   411  C  CA  . TYR A 1 63  ? -6.737  -6.421  13.874  1.00 19.53 ? 60  TYR A CA  1 
ATOM   412  C  C   . TYR A 1 63  ? -7.239  -5.936  12.520  1.00 19.45 ? 60  TYR A C   1 
ATOM   413  O  O   . TYR A 1 63  ? -7.513  -6.739  11.630  1.00 19.79 ? 60  TYR A O   1 
ATOM   414  C  CB  . TYR A 1 63  ? -7.902  -6.825  14.792  1.00 22.86 ? 60  TYR A CB  1 
ATOM   415  C  CG  . TYR A 1 63  ? -9.144  -5.973  14.699  1.00 25.67 ? 60  TYR A CG  1 
ATOM   416  C  CD1 . TYR A 1 63  ? -10.084 -6.187  13.691  1.00 28.42 ? 60  TYR A CD1 1 
ATOM   417  C  CD2 . TYR A 1 63  ? -9.396  -4.970  15.632  1.00 26.65 ? 60  TYR A CD2 1 
ATOM   418  C  CE1 . TYR A 1 63  ? -11.247 -5.427  13.621  1.00 30.49 ? 60  TYR A CE1 1 
ATOM   419  C  CE2 . TYR A 1 63  ? -10.551 -4.205  15.571  1.00 28.41 ? 60  TYR A CE2 1 
ATOM   420  C  CZ  . TYR A 1 63  ? -11.474 -4.439  14.562  1.00 30.11 ? 60  TYR A CZ  1 
ATOM   421  O  OH  . TYR A 1 63  ? -12.626 -3.689  14.501  1.00 33.17 ? 60  TYR A OH  1 
ATOM   422  N  N   . GLU A 1 64  ? -7.342  -4.617  12.367  1.00 18.44 ? 61  GLU A N   1 
ATOM   423  C  CA  . GLU A 1 64  ? -7.777  -4.029  11.108  1.00 17.90 ? 61  GLU A CA  1 
ATOM   424  C  C   . GLU A 1 64  ? -6.622  -4.055  10.107  1.00 17.03 ? 61  GLU A C   1 
ATOM   425  O  O   . GLU A 1 64  ? -6.847  -4.243  8.911   1.00 18.95 ? 61  GLU A O   1 
ATOM   426  C  CB  . GLU A 1 64  ? -8.264  -2.587  11.323  1.00 20.71 ? 61  GLU A CB  1 
ATOM   427  C  CG  . GLU A 1 64  ? -9.525  -2.496  12.181  1.00 21.94 ? 61  GLU A CG  1 
ATOM   428  C  CD  . GLU A 1 64  ? -9.986  -1.069  12.406  1.00 24.61 ? 61  GLU A CD  1 
ATOM   429  O  OE1 . GLU A 1 64  ? -9.186  -0.259  12.916  1.00 25.64 ? 61  GLU A OE1 1 
ATOM   430  O  OE2 . GLU A 1 64  ? -11.150 -0.760  12.073  1.00 29.48 ? 61  GLU A OE2 1 
ATOM   431  N  N   . PHE A 1 65  ? -5.390  -3.874  10.586  1.00 17.00 ? 62  PHE A N   1 
ATOM   432  C  CA  . PHE A 1 65  ? -4.227  -3.915  9.698   1.00 16.88 ? 62  PHE A CA  1 
ATOM   433  C  C   . PHE A 1 65  ? -4.145  -5.316  9.106   1.00 17.33 ? 62  PHE A C   1 
ATOM   434  O  O   . PHE A 1 65  ? -3.775  -5.498  7.940   1.00 14.32 ? 62  PHE A O   1 
ATOM   435  C  CB  . PHE A 1 65  ? -2.906  -3.668  10.444  1.00 17.72 ? 62  PHE A CB  1 
ATOM   436  C  CG  . PHE A 1 65  ? -2.867  -2.401  11.258  1.00 18.44 ? 62  PHE A CG  1 
ATOM   437  C  CD1 . PHE A 1 65  ? -3.807  -1.391  11.077  1.00 17.71 ? 62  PHE A CD1 1 
ATOM   438  C  CD2 . PHE A 1 65  ? -1.856  -2.217  12.198  1.00 18.72 ? 62  PHE A CD2 1 
ATOM   439  C  CE1 . PHE A 1 65  ? -3.743  -0.214  11.825  1.00 18.39 ? 62  PHE A CE1 1 
ATOM   440  C  CE2 . PHE A 1 65  ? -1.781  -1.048  12.951  1.00 20.99 ? 62  PHE A CE2 1 
ATOM   441  C  CZ  . PHE A 1 65  ? -2.729  -0.043  12.765  1.00 20.44 ? 62  PHE A CZ  1 
ATOM   442  N  N   . GLN A 1 66  ? -4.475  -6.306  9.930   1.00 15.95 ? 63  GLN A N   1 
ATOM   443  C  CA  . GLN A 1 66  ? -4.429  -7.702  9.510   1.00 18.78 ? 63  GLN A CA  1 
ATOM   444  C  C   . GLN A 1 66  ? -5.297  -7.934  8.280   1.00 18.13 ? 63  GLN A C   1 
ATOM   445  O  O   . GLN A 1 66  ? -4.915  -8.684  7.377   1.00 18.25 ? 63  GLN A O   1 
ATOM   446  C  CB  . GLN A 1 66  ? -4.889  -8.621  10.643  1.00 19.72 ? 63  GLN A CB  1 
ATOM   447  C  CG  . GLN A 1 66  ? -4.356  -10.044 10.523  1.00 24.57 ? 63  GLN A CG  1 
ATOM   448  C  CD  . GLN A 1 66  ? -2.869  -10.142 10.838  1.00 25.31 ? 63  GLN A CD  1 
ATOM   449  O  OE1 . GLN A 1 66  ? -2.430  -9.785  11.933  1.00 28.09 ? 63  GLN A OE1 1 
ATOM   450  N  NE2 . GLN A 1 66  ? -2.089  -10.629 9.881   1.00 25.92 ? 63  GLN A NE2 1 
ATOM   451  N  N   . THR A 1 67  ? -6.464  -7.294  8.257   1.00 18.13 ? 64  THR A N   1 
ATOM   452  C  CA  . THR A 1 67  ? -7.394  -7.405  7.139   1.00 18.55 ? 64  THR A CA  1 
ATOM   453  C  C   . THR A 1 67  ? -6.774  -6.795  5.888   1.00 17.50 ? 64  THR A C   1 
ATOM   454  O  O   . THR A 1 67  ? -6.910  -7.335  4.788   1.00 15.40 ? 64  THR A O   1 
ATOM   455  C  CB  . THR A 1 67  ? -8.722  -6.679  7.443   1.00 21.08 ? 64  THR A CB  1 
ATOM   456  O  OG1 . THR A 1 67  ? -9.464  -7.433  8.407   1.00 24.70 ? 64  THR A OG1 1 
ATOM   457  C  CG2 . THR A 1 67  ? -9.559  -6.519  6.177   1.00 24.90 ? 64  THR A CG2 1 
ATOM   458  N  N   . ASN A 1 68  ? -6.089  -5.668  6.055   1.00 15.67 ? 65  ASN A N   1 
ATOM   459  C  CA  . ASN A 1 68  ? -5.455  -5.022  4.915   1.00 15.22 ? 65  ASN A CA  1 
ATOM   460  C  C   . ASN A 1 68  ? -4.398  -5.932  4.322   1.00 14.92 ? 65  ASN A C   1 
ATOM   461  O  O   . ASN A 1 68  ? -4.292  -6.068  3.105   1.00 13.83 ? 65  ASN A O   1 
ATOM   462  C  CB  . ASN A 1 68  ? -4.825  -3.692  5.327   1.00 12.82 ? 65  ASN A CB  1 
ATOM   463  C  CG  . ASN A 1 68  ? -5.854  -2.685  5.782   1.00 14.30 ? 65  ASN A CG  1 
ATOM   464  O  OD1 . ASN A 1 68  ? -7.034  -2.802  5.448   1.00 15.03 ? 65  ASN A OD1 1 
ATOM   465  N  ND2 . ASN A 1 68  ? -5.415  -1.679  6.530   1.00 13.93 ? 65  ASN A ND2 1 
ATOM   466  N  N   . TYR A 1 69  ? -3.618  -6.572  5.183   1.00 12.98 ? 66  TYR A N   1 
ATOM   467  C  CA  . TYR A 1 69  ? -2.581  -7.466  4.698   1.00 14.51 ? 66  TYR A CA  1 
ATOM   468  C  C   . TYR A 1 69  ? -3.134  -8.723  4.031   1.00 13.99 ? 66  TYR A C   1 
ATOM   469  O  O   . TYR A 1 69  ? -2.535  -9.246  3.094   1.00 15.48 ? 66  TYR A O   1 
ATOM   470  C  CB  . TYR A 1 69  ? -1.614  -7.817  5.831   1.00 12.32 ? 66  TYR A CB  1 
ATOM   471  C  CG  . TYR A 1 69  ? -0.636  -6.702  6.100   1.00 15.17 ? 66  TYR A CG  1 
ATOM   472  C  CD1 . TYR A 1 69  ? -0.744  -5.900  7.237   1.00 13.76 ? 66  TYR A CD1 1 
ATOM   473  C  CD2 . TYR A 1 69  ? 0.365   -6.407  5.178   1.00 12.73 ? 66  TYR A CD2 1 
ATOM   474  C  CE1 . TYR A 1 69  ? 0.121   -4.827  7.440   1.00 14.25 ? 66  TYR A CE1 1 
ATOM   475  C  CE2 . TYR A 1 69  ? 1.233   -5.339  5.371   1.00 15.57 ? 66  TYR A CE2 1 
ATOM   476  C  CZ  . TYR A 1 69  ? 1.105   -4.553  6.499   1.00 16.25 ? 66  TYR A CZ  1 
ATOM   477  O  OH  . TYR A 1 69  ? 1.956   -3.487  6.670   1.00 14.77 ? 66  TYR A OH  1 
ATOM   478  N  N   . LYS A 1 70  ? -4.279  -9.212  4.488   1.00 16.54 ? 67  LYS A N   1 
ATOM   479  C  CA  . LYS A 1 70  ? -4.852  -10.388 3.853   1.00 16.98 ? 67  LYS A CA  1 
ATOM   480  C  C   . LYS A 1 70  ? -5.355  -9.994  2.461   1.00 17.01 ? 67  LYS A C   1 
ATOM   481  O  O   . LYS A 1 70  ? -5.282  -10.781 1.514   1.00 15.13 ? 67  LYS A O   1 
ATOM   482  C  CB  . LYS A 1 70  ? -5.963  -10.972 4.728   1.00 21.67 ? 67  LYS A CB  1 
ATOM   483  C  CG  . LYS A 1 70  ? -5.379  -11.635 5.973   1.00 27.59 ? 67  LYS A CG  1 
ATOM   484  C  CD  . LYS A 1 70  ? -6.406  -12.339 6.843   1.00 32.28 ? 67  LYS A CD  1 
ATOM   485  C  CE  . LYS A 1 70  ? -5.701  -13.061 7.993   1.00 33.90 ? 67  LYS A CE  1 
ATOM   486  N  NZ  . LYS A 1 70  ? -6.646  -13.628 8.996   1.00 34.77 ? 67  LYS A NZ  1 
ATOM   487  N  N   . ILE A 1 71  ? -5.838  -8.763  2.339   1.00 14.49 ? 68  ILE A N   1 
ATOM   488  C  CA  . ILE A 1 71  ? -6.306  -8.250  1.053   1.00 13.97 ? 68  ILE A CA  1 
ATOM   489  C  C   . ILE A 1 71  ? -5.093  -8.086  0.140   1.00 13.42 ? 68  ILE A C   1 
ATOM   490  O  O   . ILE A 1 71  ? -5.154  -8.418  -1.044  1.00 12.43 ? 68  ILE A O   1 
ATOM   491  C  CB  . ILE A 1 71  ? -7.020  -6.883  1.218   1.00 12.72 ? 68  ILE A CB  1 
ATOM   492  C  CG1 . ILE A 1 71  ? -8.400  -7.093  1.850   1.00 12.60 ? 68  ILE A CG1 1 
ATOM   493  C  CG2 . ILE A 1 71  ? -7.157  -6.185  -0.144  1.00 12.96 ? 68  ILE A CG2 1 
ATOM   494  C  CD1 . ILE A 1 71  ? -9.095  -5.799  2.306   1.00 12.33 ? 68  ILE A CD1 1 
ATOM   495  N  N   . LEU A 1 72  ? -3.990  -7.578  0.693   1.00 13.05 ? 69  LEU A N   1 
ATOM   496  C  CA  . LEU A 1 72  ? -2.765  -7.388  -0.083  1.00 13.63 ? 69  LEU A CA  1 
ATOM   497  C  C   . LEU A 1 72  ? -2.218  -8.741  -0.531  1.00 14.91 ? 69  LEU A C   1 
ATOM   498  O  O   . LEU A 1 72  ? -1.829  -8.920  -1.688  1.00 15.41 ? 69  LEU A O   1 
ATOM   499  C  CB  . LEU A 1 72  ? -1.701  -6.663  0.755   1.00 13.71 ? 69  LEU A CB  1 
ATOM   500  C  CG  . LEU A 1 72  ? -0.411  -6.276  0.028   1.00 12.54 ? 69  LEU A CG  1 
ATOM   501  C  CD1 . LEU A 1 72  ? -0.712  -5.167  -0.964  1.00 12.08 ? 69  LEU A CD1 1 
ATOM   502  C  CD2 . LEU A 1 72  ? 0.645   -5.804  1.031   1.00 15.83 ? 69  LEU A CD2 1 
ATOM   503  N  N   . GLN A 1 73  ? -2.188  -9.700  0.388   1.00 14.17 ? 70  GLN A N   1 
ATOM   504  C  CA  . GLN A 1 73  ? -1.690  -11.023 0.050   1.00 16.76 ? 70  GLN A CA  1 
ATOM   505  C  C   . GLN A 1 73  ? -2.540  -11.677 -1.031  1.00 15.80 ? 70  GLN A C   1 
ATOM   506  O  O   . GLN A 1 73  ? -2.008  -12.334 -1.924  1.00 15.45 ? 70  GLN A O   1 
ATOM   507  C  CB  . GLN A 1 73  ? -1.636  -11.908 1.299   1.00 19.98 ? 70  GLN A CB  1 
ATOM   508  C  CG  . GLN A 1 73  ? -0.392  -11.661 2.145   1.00 24.84 ? 70  GLN A CG  1 
ATOM   509  C  CD  . GLN A 1 73  ? -0.391  -12.440 3.443   1.00 29.36 ? 70  GLN A CD  1 
ATOM   510  O  OE1 . GLN A 1 73  ? 0.622   -13.027 3.827   1.00 31.67 ? 70  GLN A OE1 1 
ATOM   511  N  NE2 . GLN A 1 73  ? -1.524  -12.438 4.136   1.00 31.12 ? 70  GLN A NE2 1 
ATOM   512  N  N   . SER A 1 74  ? -3.856  -11.491 -0.950  1.00 14.63 ? 71  SER A N   1 
ATOM   513  C  CA  . SER A 1 74  ? -4.768  -12.057 -1.937  1.00 15.32 ? 71  SER A CA  1 
ATOM   514  C  C   . SER A 1 74  ? -4.513  -11.459 -3.310  1.00 15.37 ? 71  SER A C   1 
ATOM   515  O  O   . SER A 1 74  ? -4.627  -12.148 -4.325  1.00 15.48 ? 71  SER A O   1 
ATOM   516  C  CB  . SER A 1 74  ? -6.218  -11.812 -1.522  1.00 16.74 ? 71  SER A CB  1 
ATOM   517  O  OG  . SER A 1 74  ? -6.544  -12.639 -0.422  1.00 19.29 ? 71  SER A OG  1 
ATOM   518  N  N   . CYS A 1 75  ? -4.175  -10.173 -3.340  1.00 14.39 ? 72  CYS A N   1 
ATOM   519  C  CA  . CYS A 1 75  ? -3.869  -9.500  -4.595  1.00 15.35 ? 72  CYS A CA  1 
ATOM   520  C  C   . CYS A 1 75  ? -2.617  -10.125 -5.208  1.00 15.42 ? 72  CYS A C   1 
ATOM   521  O  O   . CYS A 1 75  ? -2.591  -10.433 -6.403  1.00 15.17 ? 72  CYS A O   1 
ATOM   522  C  CB  . CYS A 1 75  ? -3.636  -8.005  -4.359  1.00 15.66 ? 72  CYS A CB  1 
ATOM   523  S  SG  . CYS A 1 75  ? -3.139  -7.089  -5.831  1.00 18.60 ? 72  CYS A SG  1 
ATOM   524  N  N   . PHE A 1 76  ? -1.576  -10.310 -4.397  1.00 14.97 ? 73  PHE A N   1 
ATOM   525  C  CA  . PHE A 1 76  ? -0.346  -10.917 -4.902  1.00 15.28 ? 73  PHE A CA  1 
ATOM   526  C  C   . PHE A 1 76  ? -0.615  -12.305 -5.477  1.00 15.66 ? 73  PHE A C   1 
ATOM   527  O  O   . PHE A 1 76  ? -0.107  -12.664 -6.545  1.00 16.81 ? 73  PHE A O   1 
ATOM   528  C  CB  . PHE A 1 76  ? 0.705   -11.038 -3.786  1.00 16.41 ? 73  PHE A CB  1 
ATOM   529  C  CG  . PHE A 1 76  ? 1.490   -9.778  -3.538  1.00 16.61 ? 73  PHE A CG  1 
ATOM   530  C  CD1 . PHE A 1 76  ? 2.880   -9.816  -3.490  1.00 18.54 ? 73  PHE A CD1 1 
ATOM   531  C  CD2 . PHE A 1 76  ? 0.849   -8.565  -3.317  1.00 16.25 ? 73  PHE A CD2 1 
ATOM   532  C  CE1 . PHE A 1 76  ? 3.623   -8.664  -3.225  1.00 19.89 ? 73  PHE A CE1 1 
ATOM   533  C  CE2 . PHE A 1 76  ? 1.580   -7.406  -3.050  1.00 17.01 ? 73  PHE A CE2 1 
ATOM   534  C  CZ  . PHE A 1 76  ? 2.970   -7.455  -3.004  1.00 18.37 ? 73  PHE A CZ  1 
ATOM   535  N  N   . SER A 1 77  ? -1.407  -13.089 -4.755  1.00 16.45 ? 74  SER A N   1 
ATOM   536  C  CA  . SER A 1 77  ? -1.740  -14.443 -5.180  1.00 17.92 ? 74  SER A CA  1 
ATOM   537  C  C   . SER A 1 77  ? -2.565  -14.443 -6.467  1.00 18.64 ? 74  SER A C   1 
ATOM   538  O  O   . SER A 1 77  ? -2.265  -15.178 -7.411  1.00 18.25 ? 74  SER A O   1 
ATOM   539  C  CB  . SER A 1 77  ? -2.511  -15.155 -4.065  1.00 21.55 ? 74  SER A CB  1 
ATOM   540  O  OG  . SER A 1 77  ? -2.949  -16.439 -4.477  1.00 28.05 ? 74  SER A OG  1 
ATOM   541  N  N   . ARG A 1 78  ? -3.597  -13.606 -6.502  1.00 15.57 ? 75  ARG A N   1 
ATOM   542  C  CA  . ARG A 1 78  ? -4.469  -13.513 -7.668  1.00 16.78 ? 75  ARG A CA  1 
ATOM   543  C  C   . ARG A 1 78  ? -3.692  -13.189 -8.944  1.00 15.61 ? 75  ARG A C   1 
ATOM   544  O  O   . ARG A 1 78  ? -3.940  -13.776 -10.001 1.00 15.22 ? 75  ARG A O   1 
ATOM   545  C  CB  . ARG A 1 78  ? -5.548  -12.448 -7.426  1.00 14.55 ? 75  ARG A CB  1 
ATOM   546  C  CG  . ARG A 1 78  ? -6.473  -12.205 -8.621  1.00 15.48 ? 75  ARG A CG  1 
ATOM   547  C  CD  . ARG A 1 78  ? -7.706  -11.345 -8.266  1.00 16.70 ? 75  ARG A CD  1 
ATOM   548  N  NE  . ARG A 1 78  ? -7.379  -9.992  -7.811  1.00 15.60 ? 75  ARG A NE  1 
ATOM   549  C  CZ  . ARG A 1 78  ? -7.237  -9.639  -6.534  1.00 15.23 ? 75  ARG A CZ  1 
ATOM   550  N  NH1 . ARG A 1 78  ? -7.396  -10.536 -5.571  1.00 13.35 ? 75  ARG A NH1 1 
ATOM   551  N  NH2 . ARG A 1 78  ? -6.946  -8.383  -6.217  1.00 15.36 ? 75  ARG A NH2 1 
ATOM   552  N  N   . HIS A 1 79  ? -2.744  -12.263 -8.838  1.00 16.51 ? 76  HIS A N   1 
ATOM   553  C  CA  . HIS A 1 79  ? -1.951  -11.846 -9.988  1.00 15.98 ? 76  HIS A CA  1 
ATOM   554  C  C   . HIS A 1 79  ? -0.639  -12.586 -10.200 1.00 16.60 ? 76  HIS A C   1 
ATOM   555  O  O   . HIS A 1 79  ? 0.130   -12.241 -11.102 1.00 17.21 ? 76  HIS A O   1 
ATOM   556  C  CB  . HIS A 1 79  ? -1.677  -10.347 -9.907  1.00 17.08 ? 76  HIS A CB  1 
ATOM   557  C  CG  . HIS A 1 79  ? -2.910  -9.511  -10.035 1.00 20.67 ? 76  HIS A CG  1 
ATOM   558  N  ND1 . HIS A 1 79  ? -3.688  -9.505  -11.173 1.00 23.26 ? 76  HIS A ND1 1 
ATOM   559  C  CD2 . HIS A 1 79  ? -3.518  -8.678  -9.159  1.00 20.36 ? 76  HIS A CD2 1 
ATOM   560  C  CE1 . HIS A 1 79  ? -4.724  -8.707  -10.991 1.00 22.46 ? 76  HIS A CE1 1 
ATOM   561  N  NE2 . HIS A 1 79  ? -4.644  -8.193  -9.777  1.00 23.26 ? 76  HIS A NE2 1 
ATOM   562  N  N   . GLY A 1 80  ? -0.382  -13.595 -9.379  1.00 16.62 ? 77  GLY A N   1 
ATOM   563  C  CA  . GLY A 1 80  ? 0.839   -14.370 -9.516  1.00 20.02 ? 77  GLY A CA  1 
ATOM   564  C  C   . GLY A 1 80  ? 2.116   -13.616 -9.191  1.00 21.42 ? 77  GLY A C   1 
ATOM   565  O  O   . GLY A 1 80  ? 3.173   -13.905 -9.759  1.00 24.39 ? 77  GLY A O   1 
ATOM   566  N  N   . ILE A 1 81  ? 2.030   -12.648 -8.287  1.00 21.10 ? 78  ILE A N   1 
ATOM   567  C  CA  . ILE A 1 81  ? 3.199   -11.868 -7.887  1.00 22.96 ? 78  ILE A CA  1 
ATOM   568  C  C   . ILE A 1 81  ? 3.991   -12.735 -6.908  1.00 23.89 ? 78  ILE A C   1 
ATOM   569  O  O   . ILE A 1 81  ? 3.476   -13.122 -5.858  1.00 24.48 ? 78  ILE A O   1 
ATOM   570  C  CB  . ILE A 1 81  ? 2.779   -10.543 -7.197  1.00 23.31 ? 78  ILE A CB  1 
ATOM   571  C  CG1 . ILE A 1 81  ? 1.778   -9.786  -8.082  1.00 23.69 ? 78  ILE A CG1 1 
ATOM   572  C  CG2 . ILE A 1 81  ? 4.000   -9.678  -6.927  1.00 23.33 ? 78  ILE A CG2 1 
ATOM   573  C  CD1 . ILE A 1 81  ? 2.252   -9.559  -9.509  1.00 27.01 ? 78  ILE A CD1 1 
ATOM   574  N  N   . GLU A 1 82  ? 5.237   -13.042 -7.255  1.00 24.49 ? 79  GLU A N   1 
ATOM   575  C  CA  . GLU A 1 82  ? 6.075   -13.900 -6.418  1.00 25.77 ? 79  GLU A CA  1 
ATOM   576  C  C   . GLU A 1 82  ? 6.752   -13.221 -5.225  1.00 24.05 ? 79  GLU A C   1 
ATOM   577  O  O   . GLU A 1 82  ? 7.155   -13.896 -4.274  1.00 24.36 ? 79  GLU A O   1 
ATOM   578  C  CB  . GLU A 1 82  ? 7.118   -14.598 -7.299  1.00 28.93 ? 79  GLU A CB  1 
ATOM   579  C  CG  . GLU A 1 82  ? 6.498   -15.579 -8.295  1.00 35.87 ? 79  GLU A CG  1 
ATOM   580  C  CD  . GLU A 1 82  ? 7.468   -16.037 -9.368  1.00 39.91 ? 79  GLU A CD  1 
ATOM   581  O  OE1 . GLU A 1 82  ? 8.559   -16.535 -9.020  1.00 43.03 ? 79  GLU A OE1 1 
ATOM   582  O  OE2 . GLU A 1 82  ? 7.135   -15.904 -10.567 1.00 42.92 ? 79  GLU A OE2 1 
ATOM   583  N  N   . LYS A 1 83  ? 6.864   -11.896 -5.269  1.00 22.42 ? 80  LYS A N   1 
ATOM   584  C  CA  . LYS A 1 83  ? 7.484   -11.123 -4.189  1.00 22.68 ? 80  LYS A CA  1 
ATOM   585  C  C   . LYS A 1 83  ? 6.946   -11.530 -2.822  1.00 23.79 ? 80  LYS A C   1 
ATOM   586  O  O   . LYS A 1 83  ? 5.744   -11.731 -2.665  1.00 24.09 ? 80  LYS A O   1 
ATOM   587  C  CB  . LYS A 1 83  ? 7.215   -9.630  -4.392  1.00 23.15 ? 80  LYS A CB  1 
ATOM   588  C  CG  . LYS A 1 83  ? 7.625   -8.750  -3.207  1.00 23.76 ? 80  LYS A CG  1 
ATOM   589  C  CD  . LYS A 1 83  ? 9.128   -8.508  -3.183  1.00 24.02 ? 80  LYS A CD  1 
ATOM   590  C  CE  . LYS A 1 83  ? 9.545   -7.676  -1.972  1.00 25.46 ? 80  LYS A CE  1 
ATOM   591  N  NZ  . LYS A 1 83  ? 9.507   -8.466  -0.705  1.00 24.71 ? 80  LYS A NZ  1 
ATOM   592  N  N   . THR A 1 84  ? 7.836   -11.637 -1.834  1.00 23.76 ? 81  THR A N   1 
ATOM   593  C  CA  . THR A 1 84  ? 7.441   -12.020 -0.481  1.00 24.24 ? 81  THR A CA  1 
ATOM   594  C  C   . THR A 1 84  ? 6.810   -10.862 0.291   1.00 25.22 ? 81  THR A C   1 
ATOM   595  O  O   . THR A 1 84  ? 7.132   -9.693  0.060   1.00 25.37 ? 81  THR A O   1 
ATOM   596  C  CB  . THR A 1 84  ? 8.647   -12.527 0.349   1.00 25.27 ? 81  THR A CB  1 
ATOM   597  O  OG1 . THR A 1 84  ? 9.645   -11.499 0.419   1.00 26.63 ? 81  THR A OG1 1 
ATOM   598  C  CG2 . THR A 1 84  ? 9.243   -13.782 -0.272  1.00 24.20 ? 81  THR A CG2 1 
ATOM   599  N  N   . VAL A 1 85  ? 5.913   -11.202 1.211   1.00 24.10 ? 82  VAL A N   1 
ATOM   600  C  CA  . VAL A 1 85  ? 5.237   -10.218 2.046   1.00 26.37 ? 82  VAL A CA  1 
ATOM   601  C  C   . VAL A 1 85  ? 5.207   -10.757 3.474   1.00 27.67 ? 82  VAL A C   1 
ATOM   602  O  O   . VAL A 1 85  ? 4.373   -11.595 3.810   1.00 29.18 ? 82  VAL A O   1 
ATOM   603  C  CB  . VAL A 1 85  ? 3.782   -9.982  1.583   1.00 26.06 ? 82  VAL A CB  1 
ATOM   604  C  CG1 . VAL A 1 85  ? 3.170   -8.837  2.367   1.00 26.34 ? 82  VAL A CG1 1 
ATOM   605  C  CG2 . VAL A 1 85  ? 3.746   -9.692  0.093   1.00 24.04 ? 82  VAL A CG2 1 
ATOM   606  N  N   . TYR A 1 86  ? 6.120   -10.278 4.310   1.00 28.65 ? 83  TYR A N   1 
ATOM   607  C  CA  . TYR A 1 86  ? 6.189   -10.734 5.695   1.00 30.50 ? 83  TYR A CA  1 
ATOM   608  C  C   . TYR A 1 86  ? 5.336   -9.839  6.584   1.00 28.19 ? 83  TYR A C   1 
ATOM   609  O  O   . TYR A 1 86  ? 5.834   -8.899  7.199   1.00 29.85 ? 83  TYR A O   1 
ATOM   610  C  CB  . TYR A 1 86  ? 7.639   -10.716 6.177   1.00 32.71 ? 83  TYR A CB  1 
ATOM   611  C  CG  . TYR A 1 86  ? 8.610   -11.354 5.208   1.00 36.60 ? 83  TYR A CG  1 
ATOM   612  C  CD1 . TYR A 1 86  ? 8.462   -12.682 4.803   1.00 37.92 ? 83  TYR A CD1 1 
ATOM   613  C  CD2 . TYR A 1 86  ? 9.688   -10.632 4.707   1.00 38.52 ? 83  TYR A CD2 1 
ATOM   614  C  CE1 . TYR A 1 86  ? 9.373   -13.274 3.924   1.00 38.72 ? 83  TYR A CE1 1 
ATOM   615  C  CE2 . TYR A 1 86  ? 10.604  -11.213 3.830   1.00 40.35 ? 83  TYR A CE2 1 
ATOM   616  C  CZ  . TYR A 1 86  ? 10.443  -12.532 3.444   1.00 40.08 ? 83  TYR A CZ  1 
ATOM   617  O  OH  . TYR A 1 86  ? 11.365  -13.102 2.592   1.00 40.28 ? 83  TYR A OH  1 
ATOM   618  N  N   . VAL A 1 87  ? 4.046   -10.143 6.640   1.00 27.78 ? 84  VAL A N   1 
ATOM   619  C  CA  . VAL A 1 87  ? 3.097   -9.367  7.431   1.00 27.58 ? 84  VAL A CA  1 
ATOM   620  C  C   . VAL A 1 87  ? 3.568   -9.158  8.863   1.00 28.09 ? 84  VAL A C   1 
ATOM   621  O  O   . VAL A 1 87  ? 3.540   -8.044  9.377   1.00 27.47 ? 84  VAL A O   1 
ATOM   622  C  CB  . VAL A 1 87  ? 1.719   -10.056 7.451   1.00 27.33 ? 84  VAL A CB  1 
ATOM   623  C  CG1 . VAL A 1 87  ? 0.738   -9.244  8.278   1.00 26.74 ? 84  VAL A CG1 1 
ATOM   624  C  CG2 . VAL A 1 87  ? 1.210   -10.223 6.025   1.00 28.10 ? 84  VAL A CG2 1 
ATOM   625  N  N   . ASP A 1 88  ? 4.001   -10.242 9.500   1.00 29.47 ? 85  ASP A N   1 
ATOM   626  C  CA  . ASP A 1 88  ? 4.478   -10.199 10.876  1.00 30.98 ? 85  ASP A CA  1 
ATOM   627  C  C   . ASP A 1 88  ? 5.508   -9.101  11.130  1.00 29.98 ? 85  ASP A C   1 
ATOM   628  O  O   . ASP A 1 88  ? 5.540   -8.515  12.214  1.00 30.51 ? 85  ASP A O   1 
ATOM   629  C  CB  . ASP A 1 88  ? 5.047   -11.570 11.256  1.00 35.46 ? 85  ASP A CB  1 
ATOM   630  C  CG  . ASP A 1 88  ? 5.644   -12.300 10.065  1.00 39.25 ? 85  ASP A CG  1 
ATOM   631  O  OD1 . ASP A 1 88  ? 6.695   -11.860 9.554   1.00 40.68 ? 85  ASP A OD1 1 
ATOM   632  O  OD2 . ASP A 1 88  ? 5.052   -13.312 9.628   1.00 42.54 ? 85  ASP A OD2 1 
ATOM   633  N  N   . LYS A 1 89  ? 6.341   -8.816  10.133  1.00 28.94 ? 86  LYS A N   1 
ATOM   634  C  CA  . LYS A 1 89  ? 7.362   -7.780  10.264  1.00 27.20 ? 86  LYS A CA  1 
ATOM   635  C  C   . LYS A 1 89  ? 6.824   -6.375  9.992   1.00 25.54 ? 86  LYS A C   1 
ATOM   636  O  O   . LYS A 1 89  ? 7.144   -5.422  10.706  1.00 26.14 ? 86  LYS A O   1 
ATOM   637  C  CB  . LYS A 1 89  ? 8.526   -8.056  9.306   1.00 29.41 ? 86  LYS A CB  1 
ATOM   638  C  CG  . LYS A 1 89  ? 9.597   -8.995  9.841   1.00 34.09 ? 86  LYS A CG  1 
ATOM   639  C  CD  . LYS A 1 89  ? 9.112   -10.424 9.952   1.00 38.31 ? 86  LYS A CD  1 
ATOM   640  C  CE  . LYS A 1 89  ? 10.231  -11.344 10.426  1.00 40.12 ? 86  LYS A CE  1 
ATOM   641  N  NZ  . LYS A 1 89  ? 9.803   -12.771 10.479  1.00 43.19 ? 86  LYS A NZ  1 
ATOM   642  N  N   . LEU A 1 90  ? 5.995   -6.259  8.961   1.00 22.52 ? 87  LEU A N   1 
ATOM   643  C  CA  . LEU A 1 90  ? 5.425   -4.978  8.548   1.00 20.23 ? 87  LEU A CA  1 
ATOM   644  C  C   . LEU A 1 90  ? 4.334   -4.414  9.457   1.00 20.92 ? 87  LEU A C   1 
ATOM   645  O  O   . LEU A 1 90  ? 4.290   -3.209  9.729   1.00 19.49 ? 87  LEU A O   1 
ATOM   646  C  CB  . LEU A 1 90  ? 4.857   -5.116  7.134   1.00 19.49 ? 87  LEU A CB  1 
ATOM   647  C  CG  . LEU A 1 90  ? 5.842   -5.495  6.025   1.00 20.13 ? 87  LEU A CG  1 
ATOM   648  C  CD1 . LEU A 1 90  ? 5.073   -5.902  4.778   1.00 22.24 ? 87  LEU A CD1 1 
ATOM   649  C  CD2 . LEU A 1 90  ? 6.764   -4.322  5.735   1.00 21.45 ? 87  LEU A CD2 1 
ATOM   650  N  N   . ILE A 1 91  ? 3.453   -5.296  9.913   1.00 19.85 ? 88  ILE A N   1 
ATOM   651  C  CA  . ILE A 1 91  ? 2.328   -4.906  10.748  1.00 22.54 ? 88  ILE A CA  1 
ATOM   652  C  C   . ILE A 1 91  ? 2.717   -4.257  12.076  1.00 23.32 ? 88  ILE A C   1 
ATOM   653  O  O   . ILE A 1 91  ? 1.894   -3.598  12.711  1.00 22.84 ? 88  ILE A O   1 
ATOM   654  C  CB  . ILE A 1 91  ? 1.416   -6.123  10.997  1.00 21.07 ? 88  ILE A CB  1 
ATOM   655  C  CG1 . ILE A 1 91  ? 0.018   -5.659  11.407  1.00 19.97 ? 88  ILE A CG1 1 
ATOM   656  C  CG2 . ILE A 1 91  ? 2.029   -7.026  12.056  1.00 20.97 ? 88  ILE A CG2 1 
ATOM   657  C  CD1 . ILE A 1 91  ? -1.011  -6.777  11.368  1.00 18.66 ? 88  ILE A CD1 1 
ATOM   658  N  N   . ARG A 1 92  ? 3.966   -4.430  12.493  1.00 25.35 ? 89  ARG A N   1 
ATOM   659  C  CA  . ARG A 1 92  ? 4.412   -3.825  13.744  1.00 28.52 ? 89  ARG A CA  1 
ATOM   660  C  C   . ARG A 1 92  ? 4.816   -2.373  13.532  1.00 28.12 ? 89  ARG A C   1 
ATOM   661  O  O   . ARG A 1 92  ? 5.238   -1.686  14.465  1.00 28.47 ? 89  ARG A O   1 
ATOM   662  C  CB  . ARG A 1 92  ? 5.579   -4.614  14.347  1.00 32.05 ? 89  ARG A CB  1 
ATOM   663  C  CG  . ARG A 1 92  ? 5.152   -5.898  15.047  1.00 37.44 ? 89  ARG A CG  1 
ATOM   664  C  CD  . ARG A 1 92  ? 6.277   -6.455  15.910  1.00 41.58 ? 89  ARG A CD  1 
ATOM   665  N  NE  . ARG A 1 92  ? 5.836   -7.568  16.747  1.00 47.25 ? 89  ARG A NE  1 
ATOM   666  C  CZ  . ARG A 1 92  ? 6.614   -8.196  17.625  1.00 48.83 ? 89  ARG A CZ  1 
ATOM   667  N  NH1 . ARG A 1 92  ? 7.877   -7.821  17.783  1.00 50.44 ? 89  ARG A NH1 1 
ATOM   668  N  NH2 . ARG A 1 92  ? 6.131   -9.199  18.349  1.00 49.61 ? 89  ARG A NH2 1 
ATOM   669  N  N   . CYS A 1 93  ? 4.676   -1.910  12.293  1.00 25.72 ? 90  CYS A N   1 
ATOM   670  C  CA  . CYS A 1 93  ? 5.002   -0.541  11.928  1.00 26.30 ? 90  CYS A CA  1 
ATOM   671  C  C   . CYS A 1 93  ? 6.460   -0.176  12.176  1.00 26.87 ? 90  CYS A C   1 
ATOM   672  O  O   . CYS A 1 93  ? 6.768   0.967   12.501  1.00 27.23 ? 90  CYS A O   1 
ATOM   673  C  CB  . CYS A 1 93  ? 4.093   0.435   12.679  1.00 26.70 ? 90  CYS A CB  1 
ATOM   674  S  SG  . CYS A 1 93  ? 2.334   0.212   12.335  1.00 26.50 ? 90  CYS A SG  1 
ATOM   675  N  N   . LYS A 1 94  ? 7.350   -1.152  12.030  1.00 27.09 ? 91  LYS A N   1 
ATOM   676  C  CA  . LYS A 1 94  ? 8.779   -0.915  12.216  1.00 27.73 ? 91  LYS A CA  1 
ATOM   677  C  C   . LYS A 1 94  ? 9.298   -0.195  10.967  1.00 26.03 ? 91  LYS A C   1 
ATOM   678  O  O   . LYS A 1 94  ? 8.889   -0.514  9.851   1.00 24.67 ? 91  LYS A O   1 
ATOM   679  C  CB  . LYS A 1 94  ? 9.509   -2.249  12.413  1.00 29.91 ? 91  LYS A CB  1 
ATOM   680  C  CG  . LYS A 1 94  ? 10.990  -2.113  12.739  1.00 36.38 ? 91  LYS A CG  1 
ATOM   681  C  CD  . LYS A 1 94  ? 11.643  -3.474  12.972  1.00 39.80 ? 91  LYS A CD  1 
ATOM   682  C  CE  . LYS A 1 94  ? 13.134  -3.333  13.249  1.00 42.63 ? 91  LYS A CE  1 
ATOM   683  N  NZ  . LYS A 1 94  ? 13.789  -4.649  13.515  1.00 45.05 ? 91  LYS A NZ  1 
ATOM   684  N  N   . PHE A 1 95  ? 10.194  0.770   11.156  1.00 23.96 ? 92  PHE A N   1 
ATOM   685  C  CA  . PHE A 1 95  ? 10.740  1.556   10.048  1.00 22.35 ? 92  PHE A CA  1 
ATOM   686  C  C   . PHE A 1 95  ? 11.423  0.796   8.909   1.00 20.78 ? 92  PHE A C   1 
ATOM   687  O  O   . PHE A 1 95  ? 11.013  0.893   7.751   1.00 19.30 ? 92  PHE A O   1 
ATOM   688  C  CB  . PHE A 1 95  ? 11.728  2.602   10.584  1.00 23.05 ? 92  PHE A CB  1 
ATOM   689  C  CG  . PHE A 1 95  ? 12.388  3.416   9.505   1.00 25.10 ? 92  PHE A CG  1 
ATOM   690  C  CD1 . PHE A 1 95  ? 11.711  4.462   8.892   1.00 24.93 ? 92  PHE A CD1 1 
ATOM   691  C  CD2 . PHE A 1 95  ? 13.676  3.108   9.074   1.00 25.87 ? 92  PHE A CD2 1 
ATOM   692  C  CE1 . PHE A 1 95  ? 12.301  5.189   7.864   1.00 25.39 ? 92  PHE A CE1 1 
ATOM   693  C  CE2 . PHE A 1 95  ? 14.277  3.828   8.046   1.00 27.03 ? 92  PHE A CE2 1 
ATOM   694  C  CZ  . PHE A 1 95  ? 13.589  4.871   7.438   1.00 26.34 ? 92  PHE A CZ  1 
ATOM   695  N  N   . GLN A 1 96  ? 12.471  0.053   9.236   1.00 19.50 ? 93  GLN A N   1 
ATOM   696  C  CA  . GLN A 1 96  ? 13.241  -0.668  8.226   1.00 18.55 ? 93  GLN A CA  1 
ATOM   697  C  C   . GLN A 1 96  ? 12.460  -1.619  7.322   1.00 19.33 ? 93  GLN A C   1 
ATOM   698  O  O   . GLN A 1 96  ? 12.628  -1.589  6.099   1.00 17.93 ? 93  GLN A O   1 
ATOM   699  C  CB  . GLN A 1 96  ? 14.389  -1.428  8.900   1.00 19.08 ? 93  GLN A CB  1 
ATOM   700  C  CG  . GLN A 1 96  ? 15.466  -1.909  7.946   1.00 19.69 ? 93  GLN A CG  1 
ATOM   701  C  CD  . GLN A 1 96  ? 16.030  -0.788  7.098   1.00 18.58 ? 93  GLN A CD  1 
ATOM   702  O  OE1 . GLN A 1 96  ? 16.204  0.336   7.569   1.00 19.47 ? 93  GLN A OE1 1 
ATOM   703  N  NE2 . GLN A 1 96  ? 16.334  -1.092  5.840   1.00 21.62 ? 93  GLN A NE2 1 
ATOM   704  N  N   . ASP A 1 97  ? 11.609  -2.454  7.911   1.00 17.85 ? 94  ASP A N   1 
ATOM   705  C  CA  . ASP A 1 97  ? 10.831  -3.419  7.139   1.00 19.24 ? 94  ASP A CA  1 
ATOM   706  C  C   . ASP A 1 97  ? 9.895   -2.732  6.145   1.00 19.16 ? 94  ASP A C   1 
ATOM   707  O  O   . ASP A 1 97  ? 9.793   -3.134  4.986   1.00 17.41 ? 94  ASP A O   1 
ATOM   708  C  CB  . ASP A 1 97  ? 10.018  -4.304  8.083   1.00 20.39 ? 94  ASP A CB  1 
ATOM   709  C  CG  . ASP A 1 97  ? 10.887  -5.006  9.116   1.00 24.71 ? 94  ASP A CG  1 
ATOM   710  O  OD1 . ASP A 1 97  ? 11.483  -6.053  8.794   1.00 26.55 ? 94  ASP A OD1 1 
ATOM   711  O  OD2 . ASP A 1 97  ? 10.981  -4.500  10.252  1.00 27.79 ? 94  ASP A OD2 1 
ATOM   712  N  N   . ASN A 1 98  ? 9.208   -1.696  6.608   1.00 19.07 ? 95  ASN A N   1 
ATOM   713  C  CA  . ASN A 1 98  ? 8.288   -0.960  5.753   1.00 18.29 ? 95  ASN A CA  1 
ATOM   714  C  C   . ASN A 1 98  ? 9.019   -0.129  4.715   1.00 17.62 ? 95  ASN A C   1 
ATOM   715  O  O   . ASN A 1 98  ? 8.532   0.048   3.598   1.00 17.51 ? 95  ASN A O   1 
ATOM   716  C  CB  . ASN A 1 98  ? 7.376   -0.098  6.615   1.00 18.37 ? 95  ASN A CB  1 
ATOM   717  C  CG  . ASN A 1 98  ? 6.307   -0.918  7.294   1.00 18.66 ? 95  ASN A CG  1 
ATOM   718  O  OD1 . ASN A 1 98  ? 5.367   -1.372  6.645   1.00 19.00 ? 95  ASN A OD1 1 
ATOM   719  N  ND2 . ASN A 1 98  ? 6.453   -1.136  8.598   1.00 19.91 ? 95  ASN A ND2 1 
ATOM   720  N  N   . LEU A 1 99  ? 10.191  0.378   5.078   1.00 16.63 ? 96  LEU A N   1 
ATOM   721  C  CA  . LEU A 1 99  ? 10.987  1.151   4.138   1.00 16.24 ? 96  LEU A CA  1 
ATOM   722  C  C   . LEU A 1 99  ? 11.307  0.258   2.942   1.00 16.13 ? 96  LEU A C   1 
ATOM   723  O  O   . LEU A 1 99  ? 11.116  0.645   1.785   1.00 15.25 ? 96  LEU A O   1 
ATOM   724  C  CB  . LEU A 1 99  ? 12.297  1.612   4.786   1.00 17.93 ? 96  LEU A CB  1 
ATOM   725  C  CG  . LEU A 1 99  ? 13.249  2.314   3.809   1.00 18.38 ? 96  LEU A CG  1 
ATOM   726  C  CD1 . LEU A 1 99  ? 12.685  3.679   3.433   1.00 18.03 ? 96  LEU A CD1 1 
ATOM   727  C  CD2 . LEU A 1 99  ? 14.622  2.468   4.437   1.00 20.10 ? 96  LEU A CD2 1 
ATOM   728  N  N   . GLU A 1 100 ? 11.792  -0.945  3.234   1.00 14.42 ? 97  GLU A N   1 
ATOM   729  C  CA  . GLU A 1 100 ? 12.161  -1.901  2.195   1.00 16.47 ? 97  GLU A CA  1 
ATOM   730  C  C   . GLU A 1 100 ? 10.988  -2.340  1.327   1.00 15.90 ? 97  GLU A C   1 
ATOM   731  O  O   . GLU A 1 100 ? 11.125  -2.469  0.113   1.00 14.35 ? 97  GLU A O   1 
ATOM   732  C  CB  . GLU A 1 100 ? 12.820  -3.135  2.823   1.00 18.96 ? 97  GLU A CB  1 
ATOM   733  C  CG  . GLU A 1 100 ? 14.207  -2.868  3.391   1.00 22.51 ? 97  GLU A CG  1 
ATOM   734  C  CD  . GLU A 1 100 ? 14.809  -4.088  4.072   1.00 25.91 ? 97  GLU A CD  1 
ATOM   735  O  OE1 . GLU A 1 100 ? 14.674  -5.205  3.529   1.00 28.05 ? 97  GLU A OE1 1 
ATOM   736  O  OE2 . GLU A 1 100 ? 15.431  -3.924  5.143   1.00 26.28 ? 97  GLU A OE2 1 
ATOM   737  N  N   . PHE A 1 101 ? 9.834   -2.571  1.943   1.00 15.48 ? 98  PHE A N   1 
ATOM   738  C  CA  . PHE A 1 101 ? 8.670   -3.001  1.178   1.00 15.66 ? 98  PHE A CA  1 
ATOM   739  C  C   . PHE A 1 101 ? 8.183   -1.870  0.274   1.00 14.31 ? 98  PHE A C   1 
ATOM   740  O  O   . PHE A 1 101 ? 7.823   -2.102  -0.882  1.00 17.15 ? 98  PHE A O   1 
ATOM   741  C  CB  . PHE A 1 101 ? 7.550   -3.455  2.124   1.00 16.01 ? 98  PHE A CB  1 
ATOM   742  C  CG  . PHE A 1 101 ? 6.467   -4.240  1.443   1.00 18.96 ? 98  PHE A CG  1 
ATOM   743  C  CD1 . PHE A 1 101 ? 6.745   -5.475  0.864   1.00 19.43 ? 98  PHE A CD1 1 
ATOM   744  C  CD2 . PHE A 1 101 ? 5.172   -3.739  1.361   1.00 18.65 ? 98  PHE A CD2 1 
ATOM   745  C  CE1 . PHE A 1 101 ? 5.749   -6.202  0.213   1.00 21.29 ? 98  PHE A CE1 1 
ATOM   746  C  CE2 . PHE A 1 101 ? 4.169   -4.456  0.712   1.00 20.41 ? 98  PHE A CE2 1 
ATOM   747  C  CZ  . PHE A 1 101 ? 4.461   -5.693  0.136   1.00 19.27 ? 98  PHE A CZ  1 
ATOM   748  N  N   . LEU A 1 102 ? 8.173   -0.647  0.794   1.00 15.15 ? 99  LEU A N   1 
ATOM   749  C  CA  . LEU A 1 102 ? 7.734   0.497   0.000   1.00 15.32 ? 99  LEU A CA  1 
ATOM   750  C  C   . LEU A 1 102 ? 8.690   0.725   -1.168  1.00 16.15 ? 99  LEU A C   1 
ATOM   751  O  O   . LEU A 1 102 ? 8.264   1.097   -2.266  1.00 15.08 ? 99  LEU A O   1 
ATOM   752  C  CB  . LEU A 1 102 ? 7.657   1.758   0.863   1.00 15.94 ? 99  LEU A CB  1 
ATOM   753  C  CG  . LEU A 1 102 ? 7.123   3.011   0.165   1.00 17.00 ? 99  LEU A CG  1 
ATOM   754  C  CD1 . LEU A 1 102 ? 5.709   2.755   -0.360  1.00 17.17 ? 99  LEU A CD1 1 
ATOM   755  C  CD2 . LEU A 1 102 ? 7.129   4.182   1.137   1.00 18.46 ? 99  LEU A CD2 1 
ATOM   756  N  N   . GLN A 1 103 ? 9.985   0.504   -0.941  1.00 15.97 ? 100 GLN A N   1 
ATOM   757  C  CA  . GLN A 1 103 ? 10.959  0.676   -2.013  1.00 17.97 ? 100 GLN A CA  1 
ATOM   758  C  C   . GLN A 1 103 ? 10.630  -0.294  -3.139  1.00 19.00 ? 100 GLN A C   1 
ATOM   759  O  O   . GLN A 1 103 ? 10.622  0.090   -4.305  1.00 17.89 ? 100 GLN A O   1 
ATOM   760  C  CB  . GLN A 1 103 ? 12.385  0.422   -1.517  1.00 19.15 ? 100 GLN A CB  1 
ATOM   761  C  CG  . GLN A 1 103 ? 12.858  1.407   -0.458  1.00 21.24 ? 100 GLN A CG  1 
ATOM   762  C  CD  . GLN A 1 103 ? 14.262  1.104   0.036   1.00 21.85 ? 100 GLN A CD  1 
ATOM   763  O  OE1 . GLN A 1 103 ? 14.601  -0.048  0.304   1.00 22.61 ? 100 GLN A OE1 1 
ATOM   764  N  NE2 . GLN A 1 103 ? 15.078  2.141   0.174   1.00 23.98 ? 100 GLN A NE2 1 
ATOM   765  N  N   . TRP A 1 104 ? 10.350  -1.548  -2.795  1.00 17.98 ? 101 TRP A N   1 
ATOM   766  C  CA  . TRP A 1 104 ? 10.016  -2.529  -3.822  1.00 18.81 ? 101 TRP A CA  1 
ATOM   767  C  C   . TRP A 1 104 ? 8.701   -2.177  -4.518  1.00 17.45 ? 101 TRP A C   1 
ATOM   768  O  O   . TRP A 1 104 ? 8.580   -2.306  -5.739  1.00 17.71 ? 101 TRP A O   1 
ATOM   769  C  CB  . TRP A 1 104 ? 9.893   -3.935  -3.234  1.00 18.95 ? 101 TRP A CB  1 
ATOM   770  C  CG  . TRP A 1 104 ? 9.470   -4.946  -4.271  1.00 19.50 ? 101 TRP A CG  1 
ATOM   771  C  CD1 . TRP A 1 104 ? 10.281  -5.627  -5.137  1.00 19.57 ? 101 TRP A CD1 1 
ATOM   772  C  CD2 . TRP A 1 104 ? 8.126   -5.333  -4.595  1.00 19.01 ? 101 TRP A CD2 1 
ATOM   773  N  NE1 . TRP A 1 104 ? 9.527   -6.412  -5.978  1.00 19.90 ? 101 TRP A NE1 1 
ATOM   774  C  CE2 . TRP A 1 104 ? 8.201   -6.249  -5.669  1.00 21.12 ? 101 TRP A CE2 1 
ATOM   775  C  CE3 . TRP A 1 104 ? 6.866   -4.991  -4.083  1.00 21.19 ? 101 TRP A CE3 1 
ATOM   776  C  CZ2 . TRP A 1 104 ? 7.061   -6.830  -6.243  1.00 21.38 ? 101 TRP A CZ2 1 
ATOM   777  C  CZ3 . TRP A 1 104 ? 5.730   -5.570  -4.656  1.00 20.96 ? 101 TRP A CZ3 1 
ATOM   778  C  CH2 . TRP A 1 104 ? 5.840   -6.480  -5.724  1.00 21.62 ? 101 TRP A CH2 1 
ATOM   779  N  N   . LEU A 1 105 ? 7.710   -1.744  -3.745  1.00 16.02 ? 102 LEU A N   1 
ATOM   780  C  CA  . LEU A 1 105 ? 6.426   -1.389  -4.331  1.00 16.67 ? 102 LEU A CA  1 
ATOM   781  C  C   . LEU A 1 105 ? 6.574   -0.280  -5.360  1.00 16.92 ? 102 LEU A C   1 
ATOM   782  O  O   . LEU A 1 105 ? 5.970   -0.334  -6.438  1.00 15.40 ? 102 LEU A O   1 
ATOM   783  C  CB  . LEU A 1 105 ? 5.439   -0.962  -3.241  1.00 18.16 ? 102 LEU A CB  1 
ATOM   784  C  CG  . LEU A 1 105 ? 4.802   -2.120  -2.472  1.00 18.58 ? 102 LEU A CG  1 
ATOM   785  C  CD1 . LEU A 1 105 ? 4.027   -1.589  -1.279  1.00 19.77 ? 102 LEU A CD1 1 
ATOM   786  C  CD2 . LEU A 1 105 ? 3.876   -2.892  -3.397  1.00 19.53 ? 102 LEU A CD2 1 
ATOM   787  N  N   . LYS A 1 106 ? 7.375   0.728   -5.040  1.00 15.93 ? 103 LYS A N   1 
ATOM   788  C  CA  . LYS A 1 106 ? 7.565   1.820   -5.982  1.00 18.71 ? 103 LYS A CA  1 
ATOM   789  C  C   . LYS A 1 106 ? 8.132   1.289   -7.295  1.00 18.99 ? 103 LYS A C   1 
ATOM   790  O  O   . LYS A 1 106 ? 7.741   1.734   -8.373  1.00 19.81 ? 103 LYS A O   1 
ATOM   791  C  CB  . LYS A 1 106 ? 8.505   2.886   -5.413  1.00 18.84 ? 103 LYS A CB  1 
ATOM   792  C  CG  . LYS A 1 106 ? 8.681   4.055   -6.378  1.00 21.26 ? 103 LYS A CG  1 
ATOM   793  C  CD  . LYS A 1 106 ? 9.572   5.145   -5.839  1.00 23.71 ? 103 LYS A CD  1 
ATOM   794  C  CE  . LYS A 1 106 ? 9.612   6.310   -6.819  1.00 22.97 ? 103 LYS A CE  1 
ATOM   795  N  NZ  . LYS A 1 106 ? 10.501  7.402   -6.359  1.00 23.67 ? 103 LYS A NZ  1 
ATOM   796  N  N   . LYS A 1 107 ? 9.048   0.331   -7.201  1.00 20.57 ? 104 LYS A N   1 
ATOM   797  C  CA  . LYS A 1 107 ? 9.660   -0.251  -8.395  1.00 20.45 ? 104 LYS A CA  1 
ATOM   798  C  C   . LYS A 1 107 ? 8.625   -1.026  -9.190  1.00 20.41 ? 104 LYS A C   1 
ATOM   799  O  O   . LYS A 1 107 ? 8.610   -0.974  -10.424 1.00 19.88 ? 104 LYS A O   1 
ATOM   800  C  CB  . LYS A 1 107 ? 10.821  -1.171  -8.004  1.00 22.04 ? 104 LYS A CB  1 
ATOM   801  C  CG  . LYS A 1 107 ? 12.089  -0.429  -7.573  1.00 27.09 ? 104 LYS A CG  1 
ATOM   802  C  CD  . LYS A 1 107 ? 11.745  0.733   -6.654  1.00 30.69 ? 104 LYS A CD  1 
ATOM   803  C  CE  . LYS A 1 107 ? 12.935  1.249   -5.857  1.00 30.38 ? 104 LYS A CE  1 
ATOM   804  N  NZ  . LYS A 1 107 ? 12.470  2.262   -4.868  1.00 26.82 ? 104 LYS A NZ  1 
ATOM   805  N  N   . HIS A 1 108 ? 7.764   -1.746  -8.477  1.00 18.04 ? 105 HIS A N   1 
ATOM   806  C  CA  . HIS A 1 108 ? 6.712   -2.523  -9.115  1.00 18.70 ? 105 HIS A CA  1 
ATOM   807  C  C   . HIS A 1 108 ? 5.763   -1.570  -9.849  1.00 18.51 ? 105 HIS A C   1 
ATOM   808  O  O   . HIS A 1 108 ? 5.348   -1.837  -10.984 1.00 19.43 ? 105 HIS A O   1 
ATOM   809  C  CB  . HIS A 1 108 ? 5.932   -3.317  -8.066  1.00 19.11 ? 105 HIS A CB  1 
ATOM   810  C  CG  . HIS A 1 108 ? 5.058   -4.383  -8.649  1.00 19.16 ? 105 HIS A CG  1 
ATOM   811  N  ND1 . HIS A 1 108 ? 5.565   -5.497  -9.281  1.00 19.91 ? 105 HIS A ND1 1 
ATOM   812  C  CD2 . HIS A 1 108 ? 3.710   -4.501  -8.701  1.00 21.68 ? 105 HIS A CD2 1 
ATOM   813  C  CE1 . HIS A 1 108 ? 4.567   -6.257  -9.696  1.00 22.27 ? 105 HIS A CE1 1 
ATOM   814  N  NE2 . HIS A 1 108 ? 3.431   -5.675  -9.356  1.00 18.82 ? 105 HIS A NE2 1 
ATOM   815  N  N   . TRP A 1 109 ? 5.426   -0.461  -9.193  1.00 16.36 ? 106 TRP A N   1 
ATOM   816  C  CA  . TRP A 1 109 ? 4.543   0.554   -9.768  1.00 16.79 ? 106 TRP A CA  1 
ATOM   817  C  C   . TRP A 1 109 ? 5.173   1.144   -11.036 1.00 17.69 ? 106 TRP A C   1 
ATOM   818  O  O   . TRP A 1 109 ? 4.523   1.260   -12.077 1.00 16.98 ? 106 TRP A O   1 
ATOM   819  C  CB  . TRP A 1 109 ? 4.306   1.673   -8.743  1.00 16.85 ? 106 TRP A CB  1 
ATOM   820  C  CG  . TRP A 1 109 ? 3.388   2.754   -9.214  1.00 17.40 ? 106 TRP A CG  1 
ATOM   821  C  CD1 . TRP A 1 109 ? 2.026   2.736   -9.199  1.00 17.28 ? 106 TRP A CD1 1 
ATOM   822  C  CD2 . TRP A 1 109 ? 3.768   4.015   -9.780  1.00 16.53 ? 106 TRP A CD2 1 
ATOM   823  N  NE1 . TRP A 1 109 ? 1.529   3.909   -9.718  1.00 17.14 ? 106 TRP A NE1 1 
ATOM   824  C  CE2 . TRP A 1 109 ? 2.578   4.712   -10.083 1.00 17.71 ? 106 TRP A CE2 1 
ATOM   825  C  CE3 . TRP A 1 109 ? 4.998   4.624   -10.059 1.00 18.80 ? 106 TRP A CE3 1 
ATOM   826  C  CZ2 . TRP A 1 109 ? 2.580   5.991   -10.654 1.00 19.29 ? 106 TRP A CZ2 1 
ATOM   827  C  CZ3 . TRP A 1 109 ? 5.003   5.897   -10.625 1.00 19.42 ? 106 TRP A CZ3 1 
ATOM   828  C  CH2 . TRP A 1 109 ? 3.800   6.567   -10.914 1.00 18.51 ? 106 TRP A CH2 1 
ATOM   829  N  N   . ILE A 1 110 ? 6.444   1.517   -10.946 1.00 18.94 ? 107 ILE A N   1 
ATOM   830  C  CA  . ILE A 1 110 ? 7.143   2.082   -12.094 1.00 21.92 ? 107 ILE A CA  1 
ATOM   831  C  C   . ILE A 1 110 ? 7.087   1.141   -13.289 1.00 23.13 ? 107 ILE A C   1 
ATOM   832  O  O   . ILE A 1 110 ? 6.809   1.560   -14.412 1.00 23.23 ? 107 ILE A O   1 
ATOM   833  C  CB  . ILE A 1 110 ? 8.623   2.362   -11.758 1.00 22.72 ? 107 ILE A CB  1 
ATOM   834  C  CG1 . ILE A 1 110 ? 8.712   3.556   -10.808 1.00 23.40 ? 107 ILE A CG1 1 
ATOM   835  C  CG2 . ILE A 1 110 ? 9.418   2.615   -13.037 1.00 25.04 ? 107 ILE A CG2 1 
ATOM   836  C  CD1 . ILE A 1 110 ? 10.106  3.855   -10.323 1.00 24.75 ? 107 ILE A CD1 1 
ATOM   837  N  N   . ARG A 1 111 ? 7.337   -0.138  -13.036 1.00 24.28 ? 108 ARG A N   1 
ATOM   838  C  CA  . ARG A 1 111 ? 7.343   -1.136  -14.096 1.00 25.29 ? 108 ARG A CA  1 
ATOM   839  C  C   . ARG A 1 111 ? 5.978   -1.562  -14.629 1.00 25.48 ? 108 ARG A C   1 
ATOM   840  O  O   . ARG A 1 111 ? 5.858   -1.899  -15.810 1.00 24.72 ? 108 ARG A O   1 
ATOM   841  C  CB  . ARG A 1 111 ? 8.110   -2.377  -13.628 1.00 30.27 ? 108 ARG A CB  1 
ATOM   842  C  CG  . ARG A 1 111 ? 8.174   -3.496  -14.657 1.00 35.26 ? 108 ARG A CG  1 
ATOM   843  C  CD  . ARG A 1 111 ? 9.056   -4.636  -14.175 1.00 40.38 ? 108 ARG A CD  1 
ATOM   844  N  NE  . ARG A 1 111 ? 9.142   -5.715  -15.155 1.00 43.85 ? 108 ARG A NE  1 
ATOM   845  C  CZ  . ARG A 1 111 ? 9.859   -6.822  -14.988 1.00 46.52 ? 108 ARG A CZ  1 
ATOM   846  N  NH1 . ARG A 1 111 ? 10.560  -7.000  -13.874 1.00 47.20 ? 108 ARG A NH1 1 
ATOM   847  N  NH2 . ARG A 1 111 ? 9.876   -7.753  -15.933 1.00 47.44 ? 108 ARG A NH2 1 
ATOM   848  N  N   . HIS A 1 112 ? 4.943   -1.533  -13.794 1.00 21.46 ? 109 HIS A N   1 
ATOM   849  C  CA  . HIS A 1 112 ? 3.640   -1.990  -14.257 1.00 22.20 ? 109 HIS A CA  1 
ATOM   850  C  C   . HIS A 1 112 ? 2.477   -1.006  -14.379 1.00 21.38 ? 109 HIS A C   1 
ATOM   851  O  O   . HIS A 1 112 ? 1.468   -1.336  -14.998 1.00 21.49 ? 109 HIS A O   1 
ATOM   852  C  CB  . HIS A 1 112 ? 3.193   -3.186  -13.413 1.00 23.65 ? 109 HIS A CB  1 
ATOM   853  C  CG  . HIS A 1 112 ? 4.109   -4.366  -13.506 1.00 26.50 ? 109 HIS A CG  1 
ATOM   854  N  ND1 . HIS A 1 112 ? 5.245   -4.492  -12.735 1.00 29.31 ? 109 HIS A ND1 1 
ATOM   855  C  CD2 . HIS A 1 112 ? 4.070   -5.463  -14.299 1.00 28.22 ? 109 HIS A CD2 1 
ATOM   856  C  CE1 . HIS A 1 112 ? 5.864   -5.615  -13.046 1.00 28.26 ? 109 HIS A CE1 1 
ATOM   857  N  NE2 . HIS A 1 112 ? 5.172   -6.224  -13.993 1.00 31.41 ? 109 HIS A NE2 1 
ATOM   858  N  N   . LYS A 1 113 ? 2.587   0.182   -13.797 1.00 19.87 ? 110 LYS A N   1 
ATOM   859  C  CA  . LYS A 1 113 ? 1.487   1.143   -13.895 1.00 20.49 ? 110 LYS A CA  1 
ATOM   860  C  C   . LYS A 1 113 ? 1.308   1.557   -15.354 1.00 21.05 ? 110 LYS A C   1 
ATOM   861  O  O   . LYS A 1 113 ? 2.254   2.032   -15.979 1.00 20.60 ? 110 LYS A O   1 
ATOM   862  C  CB  . LYS A 1 113 ? 1.770   2.385   -13.049 1.00 18.96 ? 110 LYS A CB  1 
ATOM   863  C  CG  . LYS A 1 113 ? 0.675   3.442   -13.141 1.00 19.89 ? 110 LYS A CG  1 
ATOM   864  C  CD  . LYS A 1 113 ? -0.637  2.940   -12.555 1.00 19.01 ? 110 LYS A CD  1 
ATOM   865  C  CE  . LYS A 1 113 ? -1.787  3.898   -12.837 1.00 20.89 ? 110 LYS A CE  1 
ATOM   866  N  NZ  . LYS A 1 113 ? -2.252  3.787   -14.251 1.00 21.38 ? 110 LYS A NZ  1 
ATOM   867  N  N   . ASP A 1 114 ? 0.105   1.380   -15.896 1.00 21.23 ? 111 ASP A N   1 
ATOM   868  C  CA  . ASP A 1 114 ? -0.138  1.744   -17.290 1.00 23.87 ? 111 ASP A CA  1 
ATOM   869  C  C   . ASP A 1 114 ? -0.497  3.212   -17.492 1.00 26.20 ? 111 ASP A C   1 
ATOM   870  O  O   . ASP A 1 114 ? -0.346  4.035   -16.586 1.00 26.65 ? 111 ASP A O   1 
ATOM   871  C  CB  . ASP A 1 114 ? -1.228  0.857   -17.912 1.00 25.30 ? 111 ASP A CB  1 
ATOM   872  C  CG  . ASP A 1 114 ? -2.595  1.091   -17.310 1.00 24.14 ? 111 ASP A CG  1 
ATOM   873  O  OD1 . ASP A 1 114 ? -2.828  2.170   -16.733 1.00 23.88 ? 111 ASP A OD1 1 
ATOM   874  O  OD2 . ASP A 1 114 ? -3.452  0.192   -17.435 1.00 28.17 ? 111 ASP A OD2 1 
ATOM   875  N  N   . GLU A 1 115 ? -0.992  3.520   -18.689 1.00 26.84 ? 112 GLU A N   1 
ATOM   876  C  CA  . GLU A 1 115 ? -1.351  4.880   -19.082 1.00 29.52 ? 112 GLU A CA  1 
ATOM   877  C  C   . GLU A 1 115 ? -2.612  5.471   -18.459 1.00 28.93 ? 112 GLU A C   1 
ATOM   878  O  O   . GLU A 1 115 ? -2.744  6.691   -18.379 1.00 30.66 ? 112 GLU A O   1 
ATOM   879  C  CB  . GLU A 1 115 ? -1.504  4.961   -20.606 1.00 30.50 ? 112 GLU A CB  1 
ATOM   880  C  CG  . GLU A 1 115 ? -0.289  4.534   -21.420 1.00 33.52 ? 112 GLU A CG  1 
ATOM   881  C  CD  . GLU A 1 115 ? -0.030  3.041   -21.358 1.00 34.89 ? 112 GLU A CD  1 
ATOM   882  O  OE1 . GLU A 1 115 ? -1.006  2.271   -21.234 1.00 37.04 ? 112 GLU A OE1 1 
ATOM   883  O  OE2 . GLU A 1 115 ? 1.147   2.638   -21.452 1.00 36.36 ? 112 GLU A OE2 1 
ATOM   884  N  N   . SER A 1 116 ? -3.546  4.620   -18.050 1.00 29.23 ? 113 SER A N   1 
ATOM   885  C  CA  . SER A 1 116 ? -4.798  5.092   -17.466 1.00 29.16 ? 113 SER A CA  1 
ATOM   886  C  C   . SER A 1 116 ? -4.577  6.020   -16.281 1.00 28.99 ? 113 SER A C   1 
ATOM   887  O  O   . SER A 1 116 ? -3.585  5.899   -15.562 1.00 30.19 ? 113 SER A O   1 
ATOM   888  C  CB  . SER A 1 116 ? -5.661  3.906   -17.030 1.00 28.95 ? 113 SER A CB  1 
ATOM   889  O  OG  . SER A 1 116 ? -5.029  3.161   -16.003 1.00 30.91 ? 113 SER A OG  1 
ATOM   890  N  N   . VAL A 1 117 ? -5.506  6.952   -16.079 1.00 28.48 ? 114 VAL A N   1 
ATOM   891  C  CA  . VAL A 1 117 ? -5.402  7.885   -14.964 1.00 27.41 ? 114 VAL A CA  1 
ATOM   892  C  C   . VAL A 1 117 ? -6.008  7.209   -13.737 1.00 25.16 ? 114 VAL A C   1 
ATOM   893  O  O   . VAL A 1 117 ? -6.954  6.428   -13.852 1.00 24.89 ? 114 VAL A O   1 
ATOM   894  C  CB  . VAL A 1 117 ? -6.162  9.204   -15.248 1.00 29.05 ? 114 VAL A CB  1 
ATOM   895  C  CG1 . VAL A 1 117 ? -7.665  8.961   -15.227 1.00 31.77 ? 114 VAL A CG1 1 
ATOM   896  C  CG2 . VAL A 1 117 ? -5.774  10.260  -14.219 1.00 30.23 ? 114 VAL A CG2 1 
ATOM   897  N  N   . TYR A 1 118 ? -5.452  7.493   -12.568 1.00 22.52 ? 115 TYR A N   1 
ATOM   898  C  CA  . TYR A 1 118 ? -5.958  6.898   -11.337 1.00 21.06 ? 115 TYR A CA  1 
ATOM   899  C  C   . TYR A 1 118 ? -6.431  7.997   -10.398 1.00 19.92 ? 115 TYR A C   1 
ATOM   900  O  O   . TYR A 1 118 ? -5.733  8.986   -10.193 1.00 21.75 ? 115 TYR A O   1 
ATOM   901  C  CB  . TYR A 1 118 ? -4.860  6.071   -10.660 1.00 19.53 ? 115 TYR A CB  1 
ATOM   902  C  CG  . TYR A 1 118 ? -5.334  5.300   -9.444  1.00 15.29 ? 115 TYR A CG  1 
ATOM   903  C  CD1 . TYR A 1 118 ? -6.172  4.193   -9.579  1.00 13.87 ? 115 TYR A CD1 1 
ATOM   904  C  CD2 . TYR A 1 118 ? -4.947  5.683   -8.159  1.00 16.05 ? 115 TYR A CD2 1 
ATOM   905  C  CE1 . TYR A 1 118 ? -6.615  3.479   -8.461  1.00 13.43 ? 115 TYR A CE1 1 
ATOM   906  C  CE2 . TYR A 1 118 ? -5.385  4.979   -7.030  1.00 13.40 ? 115 TYR A CE2 1 
ATOM   907  C  CZ  . TYR A 1 118 ? -6.216  3.882   -7.190  1.00 12.08 ? 115 TYR A CZ  1 
ATOM   908  O  OH  . TYR A 1 118 ? -6.653  3.191   -6.084  1.00 13.02 ? 115 TYR A OH  1 
ATOM   909  N  N   . ASP A 1 119 ? -7.625  7.828   -9.842  1.00 18.36 ? 116 ASP A N   1 
ATOM   910  C  CA  . ASP A 1 119 ? -8.183  8.810   -8.922  1.00 18.74 ? 116 ASP A CA  1 
ATOM   911  C  C   . ASP A 1 119 ? -8.188  8.134   -7.562  1.00 16.88 ? 116 ASP A C   1 
ATOM   912  O  O   . ASP A 1 119 ? -9.138  7.436   -7.217  1.00 16.86 ? 116 ASP A O   1 
ATOM   913  C  CB  . ASP A 1 119 ? -9.617  9.170   -9.317  1.00 18.51 ? 116 ASP A CB  1 
ATOM   914  C  CG  . ASP A 1 119 ? -10.171 10.319  -8.502  1.00 20.28 ? 116 ASP A CG  1 
ATOM   915  O  OD1 . ASP A 1 119 ? -9.695  10.530  -7.366  1.00 20.36 ? 116 ASP A OD1 1 
ATOM   916  O  OD2 . ASP A 1 119 ? -11.094 11.004  -8.990  1.00 23.26 ? 116 ASP A OD2 1 
ATOM   917  N  N   . PRO A 1 120 ? -7.123  8.336   -6.773  1.00 16.20 ? 117 PRO A N   1 
ATOM   918  C  CA  . PRO A 1 120 ? -7.022  7.722   -5.447  1.00 16.12 ? 117 PRO A CA  1 
ATOM   919  C  C   . PRO A 1 120 ? -8.155  8.058   -4.492  1.00 14.92 ? 117 PRO A C   1 
ATOM   920  O  O   . PRO A 1 120 ? -8.640  7.193   -3.764  1.00 14.87 ? 117 PRO A O   1 
ATOM   921  C  CB  . PRO A 1 120 ? -5.657  8.207   -4.945  1.00 15.31 ? 117 PRO A CB  1 
ATOM   922  C  CG  . PRO A 1 120 ? -5.504  9.539   -5.616  1.00 16.73 ? 117 PRO A CG  1 
ATOM   923  C  CD  . PRO A 1 120 ? -5.989  9.243   -7.021  1.00 16.80 ? 117 PRO A CD  1 
ATOM   924  N  N   . ASP A 1 121 ? -8.584  9.312   -4.494  1.00 14.07 ? 118 ASP A N   1 
ATOM   925  C  CA  . ASP A 1 121 ? -9.654  9.727   -3.602  1.00 15.15 ? 118 ASP A CA  1 
ATOM   926  C  C   . ASP A 1 121 ? -10.972 9.025   -3.925  1.00 14.23 ? 118 ASP A C   1 
ATOM   927  O  O   . ASP A 1 121 ? -11.630 8.484   -3.034  1.00 14.66 ? 118 ASP A O   1 
ATOM   928  C  CB  . ASP A 1 121 ? -9.808  11.248  -3.672  1.00 16.19 ? 118 ASP A CB  1 
ATOM   929  C  CG  . ASP A 1 121 ? -8.536  11.969  -3.261  1.00 19.99 ? 118 ASP A CG  1 
ATOM   930  O  OD1 . ASP A 1 121 ? -8.229  11.988  -2.051  1.00 20.64 ? 118 ASP A OD1 1 
ATOM   931  O  OD2 . ASP A 1 121 ? -7.830  12.498  -4.148  1.00 21.26 ? 118 ASP A OD2 1 
ATOM   932  N  N   . ALA A 1 122 ? -11.355 9.029   -5.196  1.00 13.82 ? 119 ALA A N   1 
ATOM   933  C  CA  . ALA A 1 122 ? -12.598 8.380   -5.602  1.00 14.53 ? 119 ALA A CA  1 
ATOM   934  C  C   . ALA A 1 122 ? -12.555 6.879   -5.326  1.00 14.86 ? 119 ALA A C   1 
ATOM   935  O  O   . ALA A 1 122 ? -13.555 6.290   -4.910  1.00 15.50 ? 119 ALA A O   1 
ATOM   936  C  CB  . ALA A 1 122 ? -12.866 8.634   -7.085  1.00 15.54 ? 119 ALA A CB  1 
ATOM   937  N  N   . ARG A 1 123 ? -11.404 6.253   -5.557  1.00 14.29 ? 120 ARG A N   1 
ATOM   938  C  CA  . ARG A 1 123 ? -11.286 4.819   -5.315  1.00 15.25 ? 120 ARG A CA  1 
ATOM   939  C  C   . ARG A 1 123 ? -11.471 4.469   -3.839  1.00 16.09 ? 120 ARG A C   1 
ATOM   940  O  O   . ARG A 1 123 ? -11.885 3.353   -3.524  1.00 16.24 ? 120 ARG A O   1 
ATOM   941  C  CB  . ARG A 1 123 ? -9.934  4.287   -5.818  1.00 15.16 ? 120 ARG A CB  1 
ATOM   942  C  CG  . ARG A 1 123 ? -9.776  4.310   -7.339  1.00 16.57 ? 120 ARG A CG  1 
ATOM   943  C  CD  . ARG A 1 123 ? -10.760 3.366   -8.035  1.00 20.53 ? 120 ARG A CD  1 
ATOM   944  N  NE  . ARG A 1 123 ? -10.464 1.963   -7.750  1.00 17.20 ? 120 ARG A NE  1 
ATOM   945  C  CZ  . ARG A 1 123 ? -11.210 0.938   -8.152  1.00 23.06 ? 120 ARG A CZ  1 
ATOM   946  N  NH1 . ARG A 1 123 ? -12.314 1.151   -8.857  1.00 23.19 ? 120 ARG A NH1 1 
ATOM   947  N  NH2 . ARG A 1 123 ? -10.845 -0.304  -7.857  1.00 22.01 ? 120 ARG A NH2 1 
ATOM   948  N  N   . ARG A 1 124 ? -11.173 5.420   -2.947  1.00 15.38 ? 121 ARG A N   1 
ATOM   949  C  CA  . ARG A 1 124 ? -11.320 5.225   -1.497  1.00 16.19 ? 121 ARG A CA  1 
ATOM   950  C  C   . ARG A 1 124 ? -12.649 5.779   -0.995  1.00 14.00 ? 121 ARG A C   1 
ATOM   951  O  O   . ARG A 1 124 ? -12.868 5.831   0.217   1.00 14.34 ? 121 ARG A O   1 
ATOM   952  C  CB  . ARG A 1 124 ? -10.261 5.996   -0.692  1.00 18.90 ? 121 ARG A CB  1 
ATOM   953  C  CG  . ARG A 1 124 ? -8.820  5.773   -0.995  1.00 22.64 ? 121 ARG A CG  1 
ATOM   954  C  CD  . ARG A 1 124 ? -8.009  6.300   0.189   1.00 20.30 ? 121 ARG A CD  1 
ATOM   955  N  NE  . ARG A 1 124 ? -7.829  7.755   0.230   1.00 18.13 ? 121 ARG A NE  1 
ATOM   956  C  CZ  . ARG A 1 124 ? -6.831  8.397   -0.376  1.00 17.78 ? 121 ARG A CZ  1 
ATOM   957  N  NH1 . ARG A 1 124 ? -5.932  7.717   -1.074  1.00 14.49 ? 121 ARG A NH1 1 
ATOM   958  N  NH2 . ARG A 1 124 ? -6.703  9.713   -0.254  1.00 17.22 ? 121 ARG A NH2 1 
ATOM   959  N  N   . LYS A 1 125 ? -13.514 6.214   -1.905  1.00 12.79 ? 122 LYS A N   1 
ATOM   960  C  CA  . LYS A 1 125 ? -14.786 6.829   -1.525  1.00 15.87 ? 122 LYS A CA  1 
ATOM   961  C  C   . LYS A 1 125 ? -14.520 8.031   -0.616  1.00 15.94 ? 122 LYS A C   1 
ATOM   962  O  O   . LYS A 1 125 ? -15.242 8.306   0.347   1.00 14.25 ? 122 LYS A O   1 
ATOM   963  C  CB  . LYS A 1 125 ? -15.713 5.811   -0.859  1.00 18.13 ? 122 LYS A CB  1 
ATOM   964  C  CG  . LYS A 1 125 ? -16.128 4.714   -1.833  1.00 20.89 ? 122 LYS A CG  1 
ATOM   965  C  CD  . LYS A 1 125 ? -17.507 4.136   -1.548  1.00 22.12 ? 122 LYS A CD  1 
ATOM   966  C  CE  . LYS A 1 125 ? -17.548 3.337   -0.266  1.00 25.24 ? 122 LYS A CE  1 
ATOM   967  N  NZ  . LYS A 1 125 ? -18.827 2.568   -0.184  1.00 26.31 ? 122 LYS A NZ  1 
ATOM   968  N  N   . TYR A 1 126 ? -13.452 8.741   -0.960  1.00 16.58 ? 123 TYR A N   1 
ATOM   969  C  CA  . TYR A 1 126 ? -13.013 9.949   -0.272  1.00 18.21 ? 123 TYR A CA  1 
ATOM   970  C  C   . TYR A 1 126 ? -12.640 9.824   1.191   1.00 18.21 ? 123 TYR A C   1 
ATOM   971  O  O   . TYR A 1 126 ? -12.846 10.751  1.980   1.00 19.24 ? 123 TYR A O   1 
ATOM   972  C  CB  . TYR A 1 126 ? -14.045 11.058  -0.486  1.00 19.40 ? 123 TYR A CB  1 
ATOM   973  C  CG  . TYR A 1 126 ? -14.271 11.291  -1.957  1.00 20.90 ? 123 TYR A CG  1 
ATOM   974  C  CD1 . TYR A 1 126 ? -15.210 10.540  -2.661  1.00 22.73 ? 123 TYR A CD1 1 
ATOM   975  C  CD2 . TYR A 1 126 ? -13.462 12.173  -2.675  1.00 21.51 ? 123 TYR A CD2 1 
ATOM   976  C  CE1 . TYR A 1 126 ? -15.335 10.651  -4.042  1.00 23.03 ? 123 TYR A CE1 1 
ATOM   977  C  CE2 . TYR A 1 126 ? -13.576 12.290  -4.056  1.00 23.60 ? 123 TYR A CE2 1 
ATOM   978  C  CZ  . TYR A 1 126 ? -14.513 11.523  -4.733  1.00 23.09 ? 123 TYR A CZ  1 
ATOM   979  O  OH  . TYR A 1 126 ? -14.616 11.609  -6.100  1.00 23.76 ? 123 TYR A OH  1 
ATOM   980  N  N   . ARG A 1 127 ? -12.084 8.668   1.542   1.00 17.33 ? 124 ARG A N   1 
ATOM   981  C  CA  . ARG A 1 127 ? -11.603 8.416   2.891   1.00 18.38 ? 124 ARG A CA  1 
ATOM   982  C  C   . ARG A 1 127 ? -10.119 8.796   2.827   1.00 18.78 ? 124 ARG A C   1 
ATOM   983  O  O   . ARG A 1 127 ? -9.330  8.317   3.669   1.00 21.73 ? 124 ARG A O   1 
ATOM   984  C  CB  . ARG A 1 127 ? -11.742 6.930   3.252   1.00 14.44 ? 124 ARG A CB  1 
ATOM   985  C  CG  . ARG A 1 127 ? -13.170 6.439   3.513   1.00 15.60 ? 124 ARG A CG  1 
ATOM   986  C  CD  . ARG A 1 127 ? -13.178 4.926   3.749   1.00 15.77 ? 124 ARG A CD  1 
ATOM   987  N  NE  . ARG A 1 127 ? -12.914 4.185   2.512   1.00 16.98 ? 124 ARG A NE  1 
ATOM   988  C  CZ  . ARG A 1 127 ? -12.447 2.939   2.456   1.00 18.94 ? 124 ARG A CZ  1 
ATOM   989  N  NH1 . ARG A 1 127 ? -12.175 2.271   3.569   1.00 15.55 ? 124 ARG A NH1 1 
ATOM   990  N  NH2 . ARG A 1 127 ? -12.266 2.354   1.274   1.00 17.08 ? 124 ARG A NH2 1 
ATOM   991  O  OXT . ARG A 1 127 ? -9.763  9.580   1.918   1.00 22.32 ? 124 ARG A OXT 1 
HETATM 992  O  O   . HOH B 2 .   ? -3.201  10.497  5.281   1.00 3.92  ? 125 HOH A O   1 
HETATM 993  O  O   . HOH B 2 .   ? -11.191 3.575   6.551   1.00 11.08 ? 126 HOH A O   1 
HETATM 994  O  O   . HOH B 2 .   ? 0.476   0.503   3.861   1.00 11.06 ? 127 HOH A O   1 
HETATM 995  O  O   . HOH B 2 .   ? -7.328  -8.619  -3.054  1.00 11.44 ? 128 HOH A O   1 
HETATM 996  O  O   . HOH B 2 .   ? -13.583 2.593   -1.323  1.00 16.06 ? 129 HOH A O   1 
HETATM 997  O  O   . HOH B 2 .   ? -0.866  2.440   5.140   1.00 14.96 ? 130 HOH A O   1 
HETATM 998  O  O   . HOH B 2 .   ? -5.790  -15.437 -10.400 1.00 18.43 ? 131 HOH A O   1 
HETATM 999  O  O   . HOH B 2 .   ? 13.424  -0.387  11.986  1.00 24.32 ? 132 HOH A O   1 
HETATM 1000 O  O   . HOH B 2 .   ? -3.950  5.526   5.522   1.00 22.67 ? 133 HOH A O   1 
HETATM 1001 O  O   . HOH B 2 .   ? -1.139  7.435   9.402   1.00 18.51 ? 134 HOH A O   1 
HETATM 1002 O  O   . HOH B 2 .   ? -9.983  11.433  -0.367  1.00 23.73 ? 135 HOH A O   1 
HETATM 1003 O  O   . HOH B 2 .   ? -1.962  15.763  -2.346  1.00 21.55 ? 136 HOH A O   1 
HETATM 1004 O  O   . HOH B 2 .   ? -3.525  -8.679  14.279  1.00 23.09 ? 137 HOH A O   1 
HETATM 1005 O  O   . HOH B 2 .   ? -3.839  1.490   -13.900 1.00 29.48 ? 138 HOH A O   1 
HETATM 1006 O  O   . HOH B 2 .   ? 10.034  -5.974  4.252   1.00 30.06 ? 139 HOH A O   1 
HETATM 1007 O  O   . HOH B 2 .   ? 3.690   -13.324 -2.677  1.00 29.04 ? 140 HOH A O   1 
HETATM 1008 O  O   . HOH B 2 .   ? -15.828 1.738   3.171   1.00 22.88 ? 141 HOH A O   1 
HETATM 1009 O  O   . HOH B 2 .   ? -2.135  -9.494  -13.719 1.00 27.55 ? 142 HOH A O   1 
HETATM 1010 O  O   . HOH B 2 .   ? -9.525  5.688   -10.640 1.00 24.78 ? 143 HOH A O   1 
HETATM 1011 O  O   . HOH B 2 .   ? 10.498  -6.034  0.939   1.00 20.53 ? 144 HOH A O   1 
HETATM 1012 O  O   . HOH B 2 .   ? -16.627 -4.774  -3.711  1.00 22.96 ? 145 HOH A O   1 
HETATM 1013 O  O   . HOH B 2 .   ? -9.062  2.150   13.816  1.00 30.57 ? 146 HOH A O   1 
HETATM 1014 O  O   . HOH B 2 .   ? -4.433  2.948   7.917   1.00 25.28 ? 147 HOH A O   1 
HETATM 1015 O  O   . HOH B 2 .   ? -9.496  -9.528  -0.469  1.00 25.08 ? 148 HOH A O   1 
HETATM 1016 O  O   . HOH B 2 .   ? -9.052  -8.645  -12.050 1.00 21.64 ? 149 HOH A O   1 
HETATM 1017 O  O   . HOH B 2 .   ? -6.343  1.181   -11.635 1.00 22.77 ? 150 HOH A O   1 
HETATM 1018 O  O   . HOH B 2 .   ? 7.963   -8.277  3.483   1.00 28.46 ? 151 HOH A O   1 
HETATM 1019 O  O   . HOH B 2 .   ? 4.642   11.613  -6.580  1.00 20.16 ? 152 HOH A O   1 
HETATM 1020 O  O   . HOH B 2 .   ? -16.246 1.947   -4.414  1.00 32.61 ? 153 HOH A O   1 
HETATM 1021 O  O   . HOH B 2 .   ? 17.249  6.196   2.687   1.00 52.85 ? 154 HOH A O   1 
HETATM 1022 O  O   . HOH B 2 .   ? 8.755   -5.388  -9.745  1.00 26.98 ? 155 HOH A O   1 
HETATM 1023 O  O   . HOH B 2 .   ? 16.841  -1.338  1.300   1.00 40.37 ? 156 HOH A O   1 
HETATM 1024 O  O   . HOH B 2 .   ? -13.894 -5.183  16.783  1.00 31.54 ? 157 HOH A O   1 
HETATM 1025 O  O   . HOH B 2 .   ? 10.800  -14.465 -8.500  1.00 33.44 ? 158 HOH A O   1 
HETATM 1026 O  O   . HOH B 2 .   ? 1.006   18.201  8.232   1.00 27.71 ? 159 HOH A O   1 
HETATM 1027 O  O   . HOH B 2 .   ? -1.740  -0.347  -14.719 1.00 28.90 ? 160 HOH A O   1 
HETATM 1028 O  O   . HOH B 2 .   ? -16.275 6.766   -5.418  1.00 37.51 ? 161 HOH A O   1 
HETATM 1029 O  O   . HOH B 2 .   ? -12.280 -8.544  1.815   1.00 31.22 ? 162 HOH A O   1 
HETATM 1030 O  O   . HOH B 2 .   ? -3.270  9.788   -10.306 1.00 39.28 ? 163 HOH A O   1 
HETATM 1031 O  O   . HOH B 2 .   ? -12.903 -5.276  5.521   1.00 30.58 ? 164 HOH A O   1 
HETATM 1032 O  O   . HOH B 2 .   ? -5.870  9.669   8.258   1.00 31.20 ? 165 HOH A O   1 
HETATM 1033 O  O   . HOH B 2 .   ? -12.867 10.327  -10.846 1.00 40.72 ? 166 HOH A O   1 
HETATM 1034 O  O   . HOH B 2 .   ? 3.932   -17.020 -10.528 1.00 45.08 ? 167 HOH A O   1 
HETATM 1035 O  O   . HOH B 2 .   ? 6.650   -11.828 -9.567  1.00 30.56 ? 168 HOH A O   1 
HETATM 1036 O  O   . HOH B 2 .   ? -5.798  3.679   -13.314 1.00 35.27 ? 169 HOH A O   1 
HETATM 1037 O  O   . HOH B 2 .   ? -4.927  16.150  1.231   1.00 47.74 ? 170 HOH A O   1 
HETATM 1038 O  O   . HOH B 2 .   ? -1.373  8.940   -19.732 1.00 47.11 ? 171 HOH A O   1 
HETATM 1039 O  O   . HOH B 2 .   ? -12.513 12.736  -7.226  1.00 30.22 ? 172 HOH A O   1 
HETATM 1040 O  O   . HOH B 2 .   ? -2.275  7.870   -8.531  1.00 28.53 ? 173 HOH A O   1 
HETATM 1041 O  O   . HOH B 2 .   ? -1.103  5.025   9.042   1.00 33.19 ? 174 HOH A O   1 
HETATM 1042 O  O   . HOH B 2 .   ? 15.019  5.028   -0.121  1.00 42.33 ? 175 HOH A O   1 
HETATM 1043 O  O   . HOH B 2 .   ? -0.109  13.173  9.007   1.00 28.50 ? 176 HOH A O   1 
HETATM 1044 O  O   . HOH B 2 .   ? 13.378  -3.371  -1.109  1.00 27.10 ? 177 HOH A O   1 
HETATM 1045 O  O   . HOH B 2 .   ? -13.820 -0.724  5.266   1.00 32.44 ? 178 HOH A O   1 
HETATM 1046 O  O   . HOH B 2 .   ? 2.222   -15.703 -5.962  1.00 45.03 ? 179 HOH A O   1 
HETATM 1047 O  O   . HOH B 2 .   ? 9.999   -9.143  1.903   1.00 52.28 ? 180 HOH A O   1 
HETATM 1048 O  O   . HOH B 2 .   ? -7.463  -10.730 9.433   1.00 39.76 ? 181 HOH A O   1 
HETATM 1049 O  O   . HOH B 2 .   ? -5.243  -0.550  -15.200 1.00 43.55 ? 182 HOH A O   1 
HETATM 1050 O  O   . HOH B 2 .   ? -10.465 -0.165  -11.418 1.00 25.59 ? 183 HOH A O   1 
HETATM 1051 O  O   . HOH B 2 .   ? -1.853  14.308  -5.451  1.00 39.58 ? 184 HOH A O   1 
HETATM 1052 O  O   . HOH B 2 .   ? 13.274  6.129   -6.682  1.00 48.42 ? 185 HOH A O   1 
HETATM 1053 O  O   . HOH B 2 .   ? -3.177  -14.370 3.828   1.00 39.31 ? 186 HOH A O   1 
HETATM 1054 O  O   . HOH B 2 .   ? -0.533  -3.805  -15.662 1.00 42.45 ? 187 HOH A O   1 
HETATM 1055 O  O   . HOH B 2 .   ? -6.221  -14.665 -4.241  1.00 28.65 ? 188 HOH A O   1 
HETATM 1056 O  O   . HOH B 2 .   ? 6.496   -16.324 -3.300  1.00 36.63 ? 189 HOH A O   1 
HETATM 1057 O  O   . HOH B 2 .   ? 8.267   0.844   -17.350 1.00 45.94 ? 190 HOH A O   1 
HETATM 1058 O  O   . HOH B 2 .   ? 4.003   -9.283  14.530  1.00 38.99 ? 191 HOH A O   1 
HETATM 1059 O  O   . HOH B 2 .   ? -6.034  -5.902  -13.606 1.00 42.82 ? 192 HOH A O   1 
HETATM 1060 O  O   . HOH B 2 .   ? -15.400 -0.267  -5.804  1.00 33.59 ? 193 HOH A O   1 
HETATM 1061 O  O   . HOH B 2 .   ? -1.052  5.710   -10.350 1.00 19.74 ? 194 HOH A O   1 
HETATM 1062 O  O   . HOH B 2 .   ? -5.981  -17.212 -8.321  1.00 25.21 ? 195 HOH A O   1 
HETATM 1063 O  O   . HOH B 2 .   ? 2.104   -10.906 13.655  1.00 26.30 ? 196 HOH A O   1 
HETATM 1064 O  O   . HOH B 2 .   ? -5.973  -15.395 -1.512  1.00 30.51 ? 197 HOH A O   1 
HETATM 1065 O  O   . HOH B 2 .   ? 10.752  -0.495  -12.106 1.00 29.96 ? 198 HOH A O   1 
HETATM 1066 O  O   . HOH B 2 .   ? -5.182  13.486  -5.079  1.00 45.66 ? 199 HOH A O   1 
HETATM 1067 O  O   . HOH B 2 .   ? -8.854  1.936   16.277  1.00 33.50 ? 200 HOH A O   1 
HETATM 1068 O  O   . HOH B 2 .   ? 4.938   15.225  0.836   1.00 28.84 ? 201 HOH A O   1 
HETATM 1069 O  O   . HOH B 2 .   ? -11.294 -6.998  -12.287 1.00 34.14 ? 202 HOH A O   1 
HETATM 1070 O  O   . HOH B 2 .   ? -3.981  -6.694  -14.954 1.00 52.11 ? 203 HOH A O   1 
HETATM 1071 O  O   . HOH B 2 .   ? -6.561  -16.131 -6.157  1.00 38.15 ? 204 HOH A O   1 
HETATM 1072 O  O   . HOH B 2 .   ? 8.146   -10.247 -7.929  1.00 29.45 ? 205 HOH A O   1 
HETATM 1073 O  O   . HOH B 2 .   ? -4.872  -13.568 1.984   1.00 31.34 ? 206 HOH A O   1 
HETATM 1074 O  O   . HOH B 2 .   ? 16.167  -3.484  -0.359  1.00 36.74 ? 207 HOH A O   1 
HETATM 1075 O  O   . HOH B 2 .   ? 13.797  -2.192  -4.007  1.00 33.87 ? 208 HOH A O   1 
HETATM 1076 O  O   . HOH B 2 .   ? 18.192  4.483   6.992   1.00 56.05 ? 209 HOH A O   1 
HETATM 1077 O  O   . HOH B 2 .   ? 1.079   -13.324 -0.893  1.00 36.09 ? 210 HOH A O   1 
HETATM 1078 O  O   . HOH B 2 .   ? -8.867  2.118   -10.832 1.00 30.45 ? 211 HOH A O   1 
HETATM 1079 O  O   . HOH B 2 .   ? 1.879   -8.348  -12.872 1.00 30.89 ? 212 HOH A O   1 
HETATM 1080 O  O   . HOH B 2 .   ? -0.380  -9.564  13.899  1.00 39.77 ? 213 HOH A O   1 
HETATM 1081 O  O   . HOH B 2 .   ? 0.796   -3.143  15.109  1.00 42.88 ? 214 HOH A O   1 
HETATM 1082 O  O   . HOH B 2 .   ? -2.478  15.583  1.910   1.00 41.87 ? 215 HOH A O   1 
HETATM 1083 O  O   . HOH B 2 .   ? 16.629  0.938   10.188  1.00 30.76 ? 216 HOH A O   1 
HETATM 1084 O  O   . HOH B 2 .   ? -13.590 7.906   -10.678 1.00 39.87 ? 217 HOH A O   1 
HETATM 1085 O  O   . HOH B 2 .   ? -2.870  -2.070  -19.057 1.00 43.19 ? 218 HOH A O   1 
HETATM 1086 O  O   . HOH B 2 .   ? -5.010  -2.987  18.277  1.00 38.87 ? 219 HOH A O   1 
HETATM 1087 O  O   . HOH B 2 .   ? -0.320  -11.351 -13.618 1.00 48.11 ? 220 HOH A O   1 
HETATM 1088 O  O   . HOH B 2 .   ? 11.292  8.516   -4.090  1.00 46.12 ? 221 HOH A O   1 
HETATM 1089 O  O   . HOH B 2 .   ? -7.971  12.320  -6.722  1.00 38.02 ? 222 HOH A O   1 
HETATM 1090 O  O   . HOH B 2 .   ? -9.689  -10.619 7.841   1.00 41.25 ? 223 HOH A O   1 
HETATM 1091 O  O   . HOH B 2 .   ? -13.748 1.866   -5.305  1.00 35.82 ? 224 HOH A O   1 
HETATM 1092 O  O   . HOH B 2 .   ? 0.922   16.022  2.185   1.00 42.71 ? 225 HOH A O   1 
# 
